data_7CRW
#
_entry.id   7CRW
#
_cell.length_a   1.00
_cell.length_b   1.00
_cell.length_c   1.00
_cell.angle_alpha   90.00
_cell.angle_beta   90.00
_cell.angle_gamma   90.00
#
_symmetry.space_group_name_H-M   'P 1'
#
loop_
_entity.id
_entity.type
_entity.pdbx_description
1 polymer 'Dipeptidyl peptidase 9'
2 polymer 'NLR family protein 1'
#
loop_
_entity_poly.entity_id
_entity_poly.type
_entity_poly.pdbx_seq_one_letter_code
_entity_poly.pdbx_strand_id
1 'polypeptide(L)'
;MSGGVSPVEQVAAGDMDDTAARFCVQKHSWDGLRNIIHGSRKSSGLIVSKAPHDFQFVQKPDESGPHSHRLYYLGMPYGS
RENSLLYSEIPKKVRKEALLLLSWKQMLDHFQATPHHGVYSREEELLRERKRLGVFGITSYDFHSESGLFLFQASNSLFH
CRDGGKNGFMVSPMKPLEIKTQCSGPRMDPKICPADPAFFSFINNNDLWVANIETGEERRLTFCHQGSASVLDNPKSAGV
ATFVIQEEFDRFTGCWWCPTASWEGSGGLKTLRILYEEVDESEVEVIHVPSPALEERKTDSYRYPRTGSKNPKIALKLAE
LQTDHQGKIVSSCEKELVQPFSSLFPKVEYIARAGWTRDGRYAWAMFLDRPQQRLQLVLLPPALFIPTLESEAQWQEAAR
AIPKNVQPFIIYEEVTNVWINVHDIFHPFPQAEGQQDFCFLRANECKTGFCHLYRVTVDLKTNDYDWTEPLSPAEDEFKC
PIKEEVALTSGEWEVLSRHGSKIWVNEQTKLVYFQGTKDTPLEHHLYVVSYESAGEIVRLTTPGFSHSCSMSQNFDMFVS
HYSSVSTPPCVHVYKLSGPDDDPLHKQPRFWASMMEAASCPPDYVPPEIFHFHTRADVQLYGMIYKPHTLQPGRKHPTVL
FVYGGPQVQLVNNSFKGIKYLRLNTLASLGYAVVVIDGRGSCQRGLHFEGALKNQMGQVEIEDQVEGLQYVAEKYGFIDL
SRVAIHGWSYGGFLSLMGLIHKPQVFKVAIAGAPVTVWMAYDTGYTERYMDVPENNQQGYEAGSVALHVEKLPNEPNRLL
ILHGFLDENVHFFHTNFLVSQLIRAGKPYQLQIYPNERHSIRCRESGEHYEVTLLHFLQEHL
;
D,C
2 'polypeptide(L)'
;MEESQSKQESNTRVAQHGSQQDVDPTFQTKRALEKERSKPRPRPLPRVQLQSLPGWSSTSKDVPLSQLIREMDHESRRCI
HRSKKKLDRSEHISQGTIPEIYEKRKETISHTQSMEQKYLFQNFTKLLLLQKCCPGGSEKLVRESWHPCVPEEGGHMIEI
QDLFDPNLDTEKKPQLVIIEGAAGIGKSTLARQVKRAWDEGQLYRDRFQHVFFFSCRELAQCKQLSLAELIAQGQEVPTA
PTRQILSRPEKLLFILDGIDEPAWVLEDQNPELCVHWSQAQPVHTLLGSLLGKSILPEASLMLTARTTALQKLVPSLGQP
HRVEVLGFSEFERKDYFYKYFAKERNTIIDFNLIGSIPVLLTLCEVPWVCWLLCTCLEKQMQQGEVLSLTSQTTTALCLK
YLSLTIPGQHLSTQLRTLCSLAAEGICQRRTLFSKSDLCKQGLAEDAIATFLKIGVLQRQPSSLSYSFAHLCLQEFFAAM
SYILEDSEEAHGDMGNDRTVETLVERYGRQNLFEAPTVRFLLGLLNTREMREMENIFACKFPWETKLKLLQSIIGEPFCQ
PCHLGLFHCLYENQEEELLTETMLCFPLTASGPNHMEATVFQTNVKRLVIQTDMELMVVTFCITFSHVRSLRLKGKGQQE
YKLTAPAMVLYRWTPISEASWKVLFSNLKCTRNLEELDLSGNPLSYSAVRSLCTALRQPGCRLKTLWLVDCGLTSRCCSF
LASMLSAHSRLAELDLRLNDLGDNGVRQLCEGLRNPACNLSILRLDQASLSEQVITELRALETKNPKLFISSTWMSHMTM
PTENTDGEESLTSSKQQQQQSGDKHMEPLGTDDDFWGPSGPVSTEVVDRERNLYRVRLPMAGSYHCPSTGLHFVVTRAVT
IEIGFCAWSQFLHETPLQHSHMVAGPLFDIKAEHGAVTAVCLPHFVSLQEGKVDSSLFHVAHFQDHGMVLETPARVEPHF
AVLENPSFSPMGVLLRMIPAVGHFIPITSITLIYYRLYLEDITFHLYLVPNDCTIRKAIDEEELKFQFVRINKPPPVDAL
YVGSRYIVSSSKEVEILPKELELCYRSPRESQLFSEIYVGNIGSGINLQLTDKKYMNLIWEALLKPGDLRPALPRMASAP
KDAPALLHFVDQHREQLVARVTSVDPLLDKLHGLVLSEEDYETVRAEATNQDKMRKLFRGSRSWSWDCKDHFYQALKETH
PHLIMDLLEKSGGVSVRL
;
A,B
#
# COMPACT_ATOMS: atom_id res chain seq x y z
N ALA A 21 42.66 15.28 3.19
CA ALA A 21 42.97 13.96 2.66
C ALA A 21 41.70 13.22 2.25
N ARG A 22 40.62 13.49 2.98
CA ARG A 22 39.36 12.80 2.74
C ARG A 22 38.70 13.30 1.46
N PHE A 23 37.64 12.61 1.07
CA PHE A 23 36.88 12.92 -0.13
C PHE A 23 35.42 13.10 0.24
N CYS A 24 34.82 14.19 -0.22
CA CYS A 24 33.46 14.56 0.13
C CYS A 24 32.57 14.37 -1.10
N VAL A 25 31.48 13.62 -0.91
CA VAL A 25 30.59 13.32 -2.02
C VAL A 25 29.91 14.60 -2.50
N GLN A 26 29.68 14.69 -3.80
CA GLN A 26 28.99 15.84 -4.35
C GLN A 26 27.58 15.93 -3.78
N LYS A 27 27.12 17.16 -3.57
CA LYS A 27 25.77 17.43 -3.08
C LYS A 27 24.86 17.65 -4.28
N HIS A 28 23.79 16.88 -4.37
CA HIS A 28 22.81 17.00 -5.44
C HIS A 28 21.48 17.44 -4.87
N SER A 29 20.67 18.07 -5.72
CA SER A 29 19.31 18.40 -5.37
C SER A 29 18.48 17.12 -5.38
N TRP A 30 17.27 17.19 -4.84
CA TRP A 30 16.39 16.02 -4.84
C TRP A 30 16.02 15.63 -6.26
N ASP A 31 15.65 16.61 -7.08
CA ASP A 31 15.37 16.34 -8.49
C ASP A 31 16.62 15.85 -9.19
N GLY A 32 17.79 16.33 -8.79
CA GLY A 32 19.03 15.84 -9.37
C GLY A 32 19.23 14.36 -9.10
N LEU A 33 18.98 13.94 -7.86
CA LEU A 33 19.10 12.52 -7.53
C LEU A 33 18.09 11.70 -8.30
N ARG A 34 16.84 12.19 -8.39
CA ARG A 34 15.85 11.51 -9.22
C ARG A 34 16.34 11.35 -10.65
N ASN A 35 16.98 12.38 -11.19
CA ASN A 35 17.45 12.31 -12.57
C ASN A 35 18.57 11.31 -12.73
N ILE A 36 19.50 11.25 -11.76
CA ILE A 36 20.60 10.31 -11.95
C ILE A 36 20.12 8.87 -11.76
N ILE A 37 19.12 8.64 -10.92
CA ILE A 37 18.62 7.27 -10.81
C ILE A 37 17.83 6.88 -12.05
N HIS A 38 16.99 7.79 -12.55
CA HIS A 38 16.31 7.52 -13.82
C HIS A 38 17.31 7.22 -14.93
N GLY A 39 18.43 7.96 -14.95
CA GLY A 39 19.44 7.70 -15.98
C GLY A 39 20.14 6.38 -15.79
N SER A 40 20.45 6.01 -14.55
CA SER A 40 21.13 4.75 -14.30
C SER A 40 20.23 3.57 -14.64
N ARG A 41 18.92 3.74 -14.53
CA ARG A 41 18.04 2.65 -14.93
C ARG A 41 17.81 2.64 -16.44
N LYS A 42 17.79 3.82 -17.07
CA LYS A 42 17.69 3.87 -18.52
C LYS A 42 18.91 3.25 -19.19
N SER A 43 20.08 3.41 -18.58
CA SER A 43 21.31 2.82 -19.10
C SER A 43 21.52 1.39 -18.63
N SER A 44 20.45 0.69 -18.25
CA SER A 44 20.60 -0.69 -17.79
C SER A 44 21.17 -1.60 -18.86
N GLY A 45 20.98 -1.24 -20.13
CA GLY A 45 21.49 -2.04 -21.22
C GLY A 45 20.49 -3.06 -21.75
N LEU A 46 19.21 -2.69 -21.73
CA LEU A 46 18.14 -3.45 -22.38
C LEU A 46 18.20 -4.94 -21.97
N ILE A 47 17.95 -5.18 -20.69
CA ILE A 47 17.94 -6.53 -20.16
C ILE A 47 16.75 -7.29 -20.75
N VAL A 48 16.82 -8.63 -20.69
CA VAL A 48 15.76 -9.46 -21.28
C VAL A 48 14.56 -9.53 -20.36
N SER A 49 14.77 -9.26 -19.07
CA SER A 49 13.76 -9.24 -18.02
C SER A 49 13.30 -10.64 -17.65
N LYS A 50 13.73 -11.65 -18.41
CA LYS A 50 13.48 -13.04 -18.07
C LYS A 50 14.28 -13.97 -18.97
N ALA A 51 14.90 -14.97 -18.38
CA ALA A 51 15.59 -15.99 -19.14
C ALA A 51 14.66 -17.17 -19.39
N PRO A 52 14.92 -17.98 -20.42
CA PRO A 52 14.09 -19.16 -20.65
C PRO A 52 13.93 -20.05 -19.43
N HIS A 53 12.68 -20.32 -19.06
CA HIS A 53 12.35 -21.08 -17.86
C HIS A 53 12.47 -22.58 -18.07
N ASP A 54 11.92 -23.34 -17.14
CA ASP A 54 11.91 -24.80 -17.17
C ASP A 54 11.56 -25.33 -18.55
N PHE A 55 12.38 -26.24 -19.05
CA PHE A 55 12.28 -26.76 -20.39
C PHE A 55 11.72 -28.17 -20.38
N GLN A 56 11.23 -28.59 -21.54
CA GLN A 56 10.87 -29.98 -21.77
C GLN A 56 11.39 -30.35 -23.16
N PHE A 57 12.04 -31.52 -23.24
CA PHE A 57 12.60 -32.01 -24.48
C PHE A 57 11.71 -33.12 -25.02
N VAL A 58 11.33 -33.02 -26.30
CA VAL A 58 10.47 -34.00 -26.93
C VAL A 58 11.13 -34.46 -28.22
N GLN A 59 11.42 -35.76 -28.30
CA GLN A 59 12.00 -36.30 -29.51
C GLN A 59 11.01 -36.24 -30.66
N LYS A 60 11.54 -36.23 -31.88
CA LYS A 60 10.75 -36.34 -33.09
C LYS A 60 11.23 -37.50 -33.93
N PRO A 61 10.33 -38.19 -34.63
CA PRO A 61 10.77 -39.18 -35.62
C PRO A 61 11.57 -38.50 -36.73
N ASP A 62 12.69 -39.12 -37.10
CA ASP A 62 13.66 -38.45 -37.96
C ASP A 62 13.09 -38.17 -39.35
N GLU A 63 12.21 -39.02 -39.85
CA GLU A 63 11.63 -38.81 -41.17
C GLU A 63 10.68 -37.63 -41.21
N SER A 64 10.33 -37.06 -40.06
CA SER A 64 9.37 -35.96 -40.03
C SER A 64 9.97 -34.64 -40.50
N GLY A 65 11.28 -34.46 -40.41
CA GLY A 65 11.91 -33.24 -40.86
C GLY A 65 13.40 -33.22 -40.62
N PRO A 66 14.00 -32.03 -40.74
CA PRO A 66 15.44 -31.92 -40.50
C PRO A 66 15.81 -31.88 -39.03
N HIS A 67 14.89 -31.43 -38.17
CA HIS A 67 15.21 -31.30 -36.75
C HIS A 67 15.19 -32.67 -36.08
N SER A 68 15.59 -32.68 -34.80
CA SER A 68 15.59 -33.91 -34.02
C SER A 68 14.92 -33.77 -32.67
N HIS A 69 14.76 -32.55 -32.15
CA HIS A 69 14.10 -32.35 -30.86
C HIS A 69 13.24 -31.10 -30.94
N ARG A 70 12.21 -31.06 -30.11
CA ARG A 70 11.44 -29.85 -29.87
C ARG A 70 11.54 -29.51 -28.39
N LEU A 71 11.80 -28.24 -28.11
CA LEU A 71 12.11 -27.78 -26.77
C LEU A 71 11.09 -26.75 -26.34
N TYR A 72 10.32 -27.06 -25.30
CA TYR A 72 9.29 -26.16 -24.79
C TYR A 72 9.76 -25.48 -23.52
N TYR A 73 9.37 -24.23 -23.32
CA TYR A 73 9.81 -23.48 -22.16
C TYR A 73 8.92 -22.26 -22.00
N LEU A 74 9.24 -21.43 -21.02
CA LEU A 74 8.54 -20.18 -20.76
C LEU A 74 9.52 -19.02 -20.91
N GLY A 75 8.99 -17.87 -21.27
CA GLY A 75 9.84 -16.69 -21.37
C GLY A 75 9.10 -15.54 -22.00
N MET A 76 9.73 -14.37 -21.95
CA MET A 76 9.25 -13.18 -22.62
C MET A 76 10.35 -12.66 -23.52
N PRO A 77 10.16 -12.64 -24.84
CA PRO A 77 11.23 -12.24 -25.76
C PRO A 77 11.30 -10.73 -25.96
N TYR A 78 11.17 -9.99 -24.85
CA TYR A 78 11.28 -8.54 -24.82
C TYR A 78 10.15 -7.87 -25.59
N GLY A 79 9.30 -8.66 -26.23
CA GLY A 79 8.19 -8.11 -26.99
C GLY A 79 7.15 -7.53 -26.07
N SER A 80 6.53 -8.40 -25.27
CA SER A 80 5.53 -7.97 -24.30
C SER A 80 6.12 -8.15 -22.90
N ARG A 81 5.47 -7.51 -21.93
CA ARG A 81 5.82 -7.75 -20.52
C ARG A 81 4.99 -8.91 -19.97
N GLU A 82 4.98 -10.01 -20.70
CA GLU A 82 4.10 -11.14 -20.41
C GLU A 82 4.86 -12.44 -20.67
N ASN A 83 5.15 -13.18 -19.61
CA ASN A 83 5.74 -14.50 -19.74
C ASN A 83 4.78 -15.41 -20.51
N SER A 84 5.32 -16.20 -21.43
CA SER A 84 4.49 -17.02 -22.31
C SER A 84 5.21 -18.32 -22.68
N LEU A 85 4.42 -19.28 -23.16
CA LEU A 85 4.94 -20.56 -23.62
C LEU A 85 5.55 -20.43 -25.00
N LEU A 86 6.80 -20.90 -25.14
CA LEU A 86 7.52 -20.87 -26.41
C LEU A 86 8.15 -22.23 -26.66
N TYR A 87 8.57 -22.44 -27.90
CA TYR A 87 9.24 -23.68 -28.28
C TYR A 87 10.29 -23.36 -29.34
N SER A 88 11.21 -24.30 -29.51
CA SER A 88 12.27 -24.17 -30.51
C SER A 88 12.65 -25.54 -31.03
N GLU A 89 12.91 -25.63 -32.33
CA GLU A 89 13.41 -26.87 -32.91
C GLU A 89 14.92 -26.93 -32.78
N ILE A 90 15.40 -28.06 -32.26
CA ILE A 90 16.84 -28.32 -32.15
C ILE A 90 17.31 -28.90 -33.48
N PRO A 91 18.19 -28.22 -34.23
CA PRO A 91 18.58 -28.73 -35.53
C PRO A 91 19.39 -30.02 -35.42
N LYS A 92 19.65 -30.61 -36.57
CA LYS A 92 20.47 -31.80 -36.69
C LYS A 92 21.71 -31.44 -37.51
N LYS A 93 22.88 -31.82 -36.99
CA LYS A 93 24.16 -31.61 -37.67
C LYS A 93 24.39 -30.13 -37.99
N VAL A 94 24.47 -29.36 -36.92
CA VAL A 94 24.79 -27.93 -37.02
C VAL A 94 26.29 -27.80 -37.26
N ARG A 95 26.66 -26.85 -38.11
CA ARG A 95 28.06 -26.69 -38.48
C ARG A 95 28.81 -25.85 -37.45
N LYS A 96 30.08 -26.17 -37.27
CA LYS A 96 30.81 -25.75 -36.07
C LYS A 96 31.28 -24.30 -36.16
N GLU A 97 31.78 -23.87 -37.30
CA GLU A 97 32.46 -22.58 -37.41
C GLU A 97 31.53 -21.40 -37.15
N ALA A 98 30.21 -21.58 -37.23
CA ALA A 98 29.26 -20.48 -37.16
C ALA A 98 28.27 -20.71 -36.03
N LEU A 99 28.10 -19.70 -35.19
CA LEU A 99 27.20 -19.79 -34.04
C LEU A 99 25.75 -19.76 -34.49
N LEU A 100 24.96 -20.69 -33.94
CA LEU A 100 23.54 -20.80 -34.25
C LEU A 100 22.74 -20.30 -33.06
N LEU A 101 21.82 -19.37 -33.32
CA LEU A 101 21.07 -18.67 -32.30
C LEU A 101 19.59 -19.04 -32.49
N LEU A 102 19.12 -20.00 -31.71
CA LEU A 102 17.80 -20.58 -31.94
C LEU A 102 16.70 -19.53 -31.81
N SER A 103 15.57 -19.79 -32.47
CA SER A 103 14.45 -18.88 -32.39
C SER A 103 13.62 -19.15 -31.15
N TRP A 104 12.69 -18.23 -30.89
CA TRP A 104 11.69 -18.37 -29.83
C TRP A 104 10.33 -18.31 -30.53
N LYS A 105 9.78 -19.48 -30.85
CA LYS A 105 8.50 -19.57 -31.55
C LYS A 105 7.35 -19.47 -30.56
N GLN A 106 6.35 -18.66 -30.88
CA GLN A 106 5.15 -18.62 -30.08
C GLN A 106 4.36 -19.90 -30.27
N MET A 107 3.55 -20.24 -29.26
CA MET A 107 2.72 -21.42 -29.31
C MET A 107 1.25 -21.13 -29.09
N LEU A 108 0.90 -19.96 -28.56
CA LEU A 108 -0.49 -19.55 -28.36
C LEU A 108 -0.70 -18.25 -29.12
N ASP A 109 -1.44 -18.32 -30.22
CA ASP A 109 -1.58 -17.17 -31.10
C ASP A 109 -2.33 -16.02 -30.45
N HIS A 110 -1.60 -14.96 -30.09
CA HIS A 110 -2.17 -13.72 -29.57
C HIS A 110 -3.14 -14.00 -28.42
N PHE A 111 -2.59 -14.58 -27.37
CA PHE A 111 -3.35 -14.91 -26.16
C PHE A 111 -2.63 -14.29 -24.97
N GLN A 112 -3.18 -13.19 -24.45
CA GLN A 112 -2.63 -12.58 -23.25
C GLN A 112 -3.10 -13.34 -22.02
N ALA A 113 -2.15 -13.64 -21.13
CA ALA A 113 -2.42 -14.46 -19.97
C ALA A 113 -2.42 -13.68 -18.65
N THR A 114 -2.17 -12.39 -18.69
CA THR A 114 -2.31 -11.61 -17.48
C THR A 114 -3.75 -11.15 -17.32
N PRO A 115 -4.26 -11.07 -16.09
CA PRO A 115 -5.62 -10.55 -15.88
C PRO A 115 -5.74 -9.11 -16.34
N HIS A 116 -6.96 -8.60 -16.43
CA HIS A 116 -7.17 -7.23 -16.90
C HIS A 116 -6.45 -6.25 -15.99
N HIS A 117 -5.66 -5.36 -16.61
CA HIS A 117 -4.86 -4.34 -15.93
C HIS A 117 -3.82 -4.93 -14.99
N GLY A 118 -3.63 -6.25 -15.01
CA GLY A 118 -2.62 -6.85 -14.17
C GLY A 118 -2.98 -6.93 -12.70
N VAL A 119 -4.24 -7.19 -12.39
CA VAL A 119 -4.71 -7.34 -11.01
C VAL A 119 -5.17 -8.78 -10.80
N TYR A 120 -4.55 -9.46 -9.84
CA TYR A 120 -4.81 -10.86 -9.57
C TYR A 120 -5.76 -11.02 -8.40
N SER A 121 -6.44 -12.16 -8.36
CA SER A 121 -7.24 -12.50 -7.19
C SER A 121 -6.32 -12.71 -6.00
N ARG A 122 -6.90 -12.60 -4.80
CA ARG A 122 -6.07 -12.60 -3.59
C ARG A 122 -5.34 -13.93 -3.40
N GLU A 123 -5.96 -15.04 -3.80
CA GLU A 123 -5.31 -16.34 -3.66
C GLU A 123 -4.03 -16.40 -4.49
N GLU A 124 -4.15 -16.13 -5.78
CA GLU A 124 -3.01 -16.26 -6.67
C GLU A 124 -1.99 -15.14 -6.47
N GLU A 125 -2.42 -13.96 -6.02
CA GLU A 125 -1.43 -12.93 -5.71
C GLU A 125 -0.65 -13.29 -4.45
N LEU A 126 -1.32 -13.89 -3.46
CA LEU A 126 -0.58 -14.37 -2.30
C LEU A 126 0.37 -15.49 -2.68
N LEU A 127 -0.04 -16.36 -3.59
CA LEU A 127 0.86 -17.42 -4.04
C LEU A 127 2.05 -16.85 -4.80
N ARG A 128 1.82 -15.84 -5.63
CA ARG A 128 2.93 -15.19 -6.33
C ARG A 128 3.88 -14.53 -5.33
N GLU A 129 3.35 -13.98 -4.25
CA GLU A 129 4.19 -13.41 -3.21
C GLU A 129 4.98 -14.50 -2.49
N ARG A 130 4.39 -15.69 -2.32
CA ARG A 130 5.09 -16.78 -1.67
C ARG A 130 6.18 -17.36 -2.56
N LYS A 131 5.98 -17.35 -3.88
CA LYS A 131 6.97 -17.84 -4.82
C LYS A 131 7.90 -16.75 -5.33
N ARG A 132 7.58 -15.48 -5.05
CA ARG A 132 8.42 -14.35 -5.46
C ARG A 132 8.51 -14.24 -6.98
N LEU A 133 7.38 -14.42 -7.65
CA LEU A 133 7.30 -14.28 -9.10
C LEU A 133 7.01 -12.82 -9.43
N GLY A 134 8.00 -12.14 -10.01
CA GLY A 134 7.82 -10.75 -10.38
C GLY A 134 7.55 -10.56 -11.85
N VAL A 135 6.90 -11.52 -12.50
CA VAL A 135 6.60 -11.45 -13.92
C VAL A 135 5.11 -11.74 -14.11
N PHE A 136 4.56 -11.20 -15.19
CA PHE A 136 3.15 -11.35 -15.51
C PHE A 136 2.98 -12.38 -16.63
N GLY A 137 1.85 -13.08 -16.60
CA GLY A 137 1.53 -14.08 -17.58
C GLY A 137 1.57 -15.48 -17.00
N ILE A 138 1.65 -16.46 -17.90
CA ILE A 138 1.76 -17.84 -17.48
C ILE A 138 3.07 -18.01 -16.72
N THR A 139 2.98 -18.33 -15.43
CA THR A 139 4.16 -18.52 -14.61
C THR A 139 4.62 -19.96 -14.56
N SER A 140 3.69 -20.91 -14.56
CA SER A 140 4.04 -22.33 -14.58
C SER A 140 3.01 -23.06 -15.44
N TYR A 141 3.27 -24.33 -15.69
CA TYR A 141 2.36 -25.14 -16.48
C TYR A 141 2.60 -26.60 -16.14
N ASP A 142 1.66 -27.45 -16.55
CA ASP A 142 1.79 -28.89 -16.41
C ASP A 142 1.70 -29.53 -17.79
N PHE A 143 2.52 -30.56 -18.00
CA PHE A 143 2.72 -31.10 -19.33
C PHE A 143 2.75 -32.62 -19.26
N HIS A 144 1.86 -33.27 -20.00
CA HIS A 144 1.85 -34.72 -20.13
C HIS A 144 2.54 -35.11 -21.43
N SER A 145 3.53 -35.99 -21.33
CA SER A 145 4.44 -36.23 -22.44
C SER A 145 3.78 -37.07 -23.55
N GLU A 146 3.22 -38.22 -23.18
CA GLU A 146 2.67 -39.13 -24.18
C GLU A 146 1.59 -38.46 -25.01
N SER A 147 0.55 -37.94 -24.35
CA SER A 147 -0.49 -37.22 -25.08
C SER A 147 -0.04 -35.83 -25.50
N GLY A 148 1.09 -35.36 -25.02
CA GLY A 148 1.56 -34.02 -25.34
C GLY A 148 0.57 -32.95 -24.98
N LEU A 149 0.02 -33.04 -23.77
CA LEU A 149 -1.06 -32.18 -23.33
C LEU A 149 -0.53 -31.11 -22.39
N PHE A 150 -0.81 -29.84 -22.70
CA PHE A 150 -0.39 -28.72 -21.89
C PHE A 150 -1.61 -28.18 -21.15
N LEU A 151 -1.51 -28.06 -19.83
CA LEU A 151 -2.60 -27.55 -19.00
C LEU A 151 -2.04 -26.51 -18.05
N PHE A 152 -2.68 -25.35 -17.99
CA PHE A 152 -2.17 -24.24 -17.19
C PHE A 152 -3.32 -23.35 -16.79
N GLN A 153 -2.99 -22.31 -16.02
CA GLN A 153 -3.96 -21.29 -15.63
C GLN A 153 -3.53 -19.94 -16.19
N ALA A 154 -4.44 -19.29 -16.90
CA ALA A 154 -4.09 -18.00 -17.57
C ALA A 154 -5.29 -17.07 -17.46
N SER A 155 -5.06 -15.75 -17.52
CA SER A 155 -6.17 -14.80 -17.29
C SER A 155 -6.75 -15.12 -15.90
N ASN A 156 -8.05 -15.43 -15.82
CA ASN A 156 -8.63 -15.81 -14.51
C ASN A 156 -8.98 -17.30 -14.41
N SER A 157 -8.58 -18.15 -15.39
CA SER A 157 -9.03 -19.57 -15.34
C SER A 157 -8.09 -20.56 -16.01
N LEU A 158 -8.50 -21.83 -16.14
CA LEU A 158 -7.68 -22.87 -16.74
C LEU A 158 -7.81 -22.88 -18.26
N PHE A 159 -6.70 -23.24 -18.91
CA PHE A 159 -6.64 -23.43 -20.35
C PHE A 159 -5.80 -24.68 -20.63
N HIS A 160 -5.96 -25.21 -21.84
CA HIS A 160 -5.23 -26.40 -22.23
C HIS A 160 -5.07 -26.42 -23.75
N CYS A 161 -4.05 -27.14 -24.19
CA CYS A 161 -3.76 -27.28 -25.61
C CYS A 161 -3.01 -28.59 -25.84
N ARG A 162 -2.77 -28.92 -27.10
CA ARG A 162 -2.15 -30.18 -27.47
C ARG A 162 -1.21 -29.98 -28.66
N ASP A 163 0.06 -30.34 -28.48
CA ASP A 163 1.02 -30.23 -29.57
C ASP A 163 1.93 -31.44 -29.74
N GLY A 164 2.14 -32.24 -28.70
CA GLY A 164 3.22 -33.23 -28.72
C GLY A 164 3.05 -34.42 -29.63
N GLY A 165 2.10 -35.29 -29.33
CA GLY A 165 2.08 -36.61 -29.92
C GLY A 165 1.18 -36.80 -31.13
N LYS A 166 0.07 -37.50 -30.91
CA LYS A 166 -0.79 -37.91 -32.03
C LYS A 166 -1.31 -36.72 -32.83
N ASN A 167 -1.36 -35.54 -32.21
CA ASN A 167 -1.84 -34.36 -32.92
C ASN A 167 -0.87 -33.92 -34.00
N GLY A 168 0.38 -34.35 -33.91
CA GLY A 168 1.40 -33.89 -34.84
C GLY A 168 1.95 -32.53 -34.44
N PHE A 169 3.25 -32.35 -34.59
CA PHE A 169 3.87 -31.10 -34.17
C PHE A 169 3.39 -29.94 -35.03
N MET A 170 3.27 -28.78 -34.40
CA MET A 170 2.69 -27.61 -35.05
C MET A 170 3.76 -26.78 -35.75
N VAL A 171 3.30 -25.90 -36.64
CA VAL A 171 4.16 -24.93 -37.32
C VAL A 171 3.76 -23.50 -37.01
N SER A 172 2.49 -23.23 -36.95
CA SER A 172 1.90 -21.94 -36.63
C SER A 172 1.28 -21.97 -35.23
N PRO A 173 1.25 -20.85 -34.53
CA PRO A 173 0.61 -20.82 -33.21
C PRO A 173 -0.87 -21.19 -33.32
N MET A 174 -1.38 -21.82 -32.27
CA MET A 174 -2.76 -22.28 -32.24
C MET A 174 -3.46 -21.71 -31.02
N LYS A 175 -4.79 -21.82 -31.00
CA LYS A 175 -5.58 -21.15 -29.98
C LYS A 175 -5.79 -22.05 -28.78
N PRO A 176 -5.62 -21.51 -27.57
CA PRO A 176 -5.84 -22.31 -26.36
C PRO A 176 -7.32 -22.41 -26.03
N LEU A 177 -7.73 -23.58 -25.56
CA LEU A 177 -9.13 -23.88 -25.30
C LEU A 177 -9.44 -23.67 -23.83
N GLU A 178 -10.36 -22.76 -23.54
CA GLU A 178 -10.78 -22.53 -22.17
C GLU A 178 -11.57 -23.72 -21.66
N ILE A 179 -11.31 -24.12 -20.42
CA ILE A 179 -11.98 -25.25 -19.80
C ILE A 179 -13.21 -24.71 -19.08
N LYS A 180 -14.39 -24.95 -19.67
CA LYS A 180 -15.63 -24.48 -19.09
C LYS A 180 -15.87 -25.14 -17.74
N THR A 181 -16.54 -24.41 -16.84
CA THR A 181 -16.74 -24.88 -15.48
C THR A 181 -18.06 -24.34 -14.95
N GLN A 182 -18.33 -24.67 -13.69
CA GLN A 182 -19.47 -24.13 -12.97
C GLN A 182 -19.11 -23.69 -11.55
N CYS A 183 -17.86 -23.84 -11.16
CA CYS A 183 -17.42 -23.41 -9.83
C CYS A 183 -17.45 -21.88 -9.74
N SER A 184 -17.33 -21.38 -8.52
CA SER A 184 -17.42 -19.95 -8.26
C SER A 184 -16.06 -19.27 -8.26
N GLY A 185 -15.16 -19.69 -7.38
CA GLY A 185 -13.89 -19.03 -7.20
C GLY A 185 -12.89 -19.38 -8.28
N PRO A 186 -11.60 -19.22 -7.98
CA PRO A 186 -10.56 -19.54 -8.95
C PRO A 186 -10.11 -20.99 -8.86
N ARG A 187 -9.80 -21.60 -10.00
CA ARG A 187 -9.29 -22.96 -10.03
C ARG A 187 -7.78 -22.93 -9.84
N MET A 188 -7.32 -23.42 -8.69
CA MET A 188 -5.90 -23.40 -8.35
C MET A 188 -5.26 -24.75 -8.57
N ASP A 189 -3.97 -24.73 -8.87
CA ASP A 189 -3.08 -25.90 -8.83
C ASP A 189 -3.57 -27.05 -9.70
N PRO A 190 -3.66 -26.87 -11.02
CA PRO A 190 -4.06 -28.00 -11.88
C PRO A 190 -2.94 -29.03 -11.99
N LYS A 191 -3.34 -30.30 -12.05
CA LYS A 191 -2.40 -31.41 -12.12
C LYS A 191 -2.97 -32.50 -13.01
N ILE A 192 -2.20 -32.93 -14.02
CA ILE A 192 -2.65 -33.93 -14.97
C ILE A 192 -2.35 -35.31 -14.43
N CYS A 193 -3.37 -36.17 -14.37
CA CYS A 193 -3.19 -37.54 -13.94
C CYS A 193 -2.25 -38.28 -14.89
N PRO A 194 -1.13 -38.80 -14.40
CA PRO A 194 -0.23 -39.55 -15.29
C PRO A 194 -0.87 -40.81 -15.85
N ALA A 195 -1.57 -41.58 -15.00
CA ALA A 195 -2.15 -42.83 -15.45
C ALA A 195 -3.17 -42.62 -16.56
N ASP A 196 -3.85 -41.48 -16.56
CA ASP A 196 -4.82 -41.19 -17.61
C ASP A 196 -4.85 -39.69 -17.88
N PRO A 197 -4.52 -39.25 -19.08
CA PRO A 197 -4.47 -37.81 -19.36
C PRO A 197 -5.84 -37.23 -19.66
N ALA A 198 -6.88 -38.06 -19.63
CA ALA A 198 -8.22 -37.55 -19.89
C ALA A 198 -8.78 -36.78 -18.71
N PHE A 199 -8.23 -36.98 -17.52
CA PHE A 199 -8.67 -36.28 -16.33
C PHE A 199 -7.61 -35.30 -15.86
N PHE A 200 -8.00 -34.50 -14.86
CA PHE A 200 -7.06 -33.67 -14.13
C PHE A 200 -7.70 -33.30 -12.79
N SER A 201 -6.94 -32.62 -11.94
CA SER A 201 -7.42 -32.21 -10.64
C SER A 201 -7.12 -30.74 -10.43
N PHE A 202 -7.74 -30.18 -9.40
CA PHE A 202 -7.48 -28.79 -9.03
C PHE A 202 -8.05 -28.52 -7.65
N ILE A 203 -7.78 -27.32 -7.15
CA ILE A 203 -8.25 -26.87 -5.84
C ILE A 203 -9.15 -25.67 -6.08
N ASN A 204 -10.36 -25.74 -5.53
CA ASN A 204 -11.37 -24.70 -5.68
C ASN A 204 -12.03 -24.43 -4.33
N ASN A 205 -12.09 -23.15 -3.96
CA ASN A 205 -12.70 -22.72 -2.70
C ASN A 205 -12.19 -23.53 -1.53
N ASN A 206 -10.88 -23.82 -1.54
CA ASN A 206 -10.15 -24.48 -0.47
C ASN A 206 -10.46 -25.96 -0.37
N ASP A 207 -11.05 -26.56 -1.40
CA ASP A 207 -11.34 -27.99 -1.43
C ASP A 207 -10.78 -28.59 -2.72
N LEU A 208 -10.86 -29.91 -2.82
CA LEU A 208 -10.27 -30.65 -3.93
C LEU A 208 -11.35 -31.01 -4.95
N TRP A 209 -10.99 -30.99 -6.23
CA TRP A 209 -11.91 -31.33 -7.30
C TRP A 209 -11.16 -32.09 -8.38
N VAL A 210 -11.86 -33.03 -9.01
CA VAL A 210 -11.34 -33.77 -10.15
C VAL A 210 -12.30 -33.60 -11.32
N ALA A 211 -11.75 -33.38 -12.51
CA ALA A 211 -12.58 -33.11 -13.68
C ALA A 211 -12.04 -33.86 -14.88
N ASN A 212 -12.90 -33.99 -15.89
CA ASN A 212 -12.53 -34.53 -17.19
C ASN A 212 -12.32 -33.38 -18.17
N ILE A 213 -11.48 -33.61 -19.17
CA ILE A 213 -11.19 -32.62 -20.18
C ILE A 213 -12.10 -32.77 -21.40
N GLU A 214 -12.34 -34.02 -21.83
CA GLU A 214 -13.15 -34.24 -23.01
C GLU A 214 -14.64 -34.05 -22.70
N THR A 215 -15.17 -34.86 -21.78
CA THR A 215 -16.60 -34.79 -21.48
C THR A 215 -16.99 -33.53 -20.73
N GLY A 216 -16.04 -32.77 -20.22
CA GLY A 216 -16.34 -31.55 -19.51
C GLY A 216 -16.96 -31.72 -18.14
N GLU A 217 -17.16 -32.95 -17.69
CA GLU A 217 -17.78 -33.17 -16.39
C GLU A 217 -16.79 -32.91 -15.26
N GLU A 218 -17.31 -32.55 -14.10
CA GLU A 218 -16.51 -32.27 -12.92
C GLU A 218 -17.01 -33.14 -11.76
N ARG A 219 -16.31 -33.03 -10.64
CA ARG A 219 -16.68 -33.74 -9.43
C ARG A 219 -15.87 -33.17 -8.28
N ARG A 220 -16.50 -33.07 -7.11
CA ARG A 220 -15.83 -32.63 -5.90
C ARG A 220 -15.64 -33.82 -4.98
N LEU A 221 -14.44 -33.94 -4.42
CA LEU A 221 -14.11 -35.08 -3.58
C LEU A 221 -13.90 -34.74 -2.12
N THR A 222 -13.84 -33.47 -1.77
CA THR A 222 -13.58 -33.08 -0.39
C THR A 222 -14.65 -32.11 0.06
N PHE A 223 -15.07 -32.25 1.32
CA PHE A 223 -16.20 -31.51 1.87
C PHE A 223 -15.81 -30.89 3.20
N CYS A 224 -14.66 -30.21 3.21
CA CYS A 224 -14.12 -29.58 4.40
C CYS A 224 -14.45 -28.10 4.52
N HIS A 225 -14.42 -27.39 3.39
CA HIS A 225 -14.67 -25.93 3.43
C HIS A 225 -16.17 -25.67 3.34
N GLN A 226 -16.72 -24.97 4.34
CA GLN A 226 -18.17 -24.66 4.35
C GLN A 226 -18.52 -23.79 3.15
N GLY A 227 -17.62 -22.86 2.78
CA GLY A 227 -17.93 -21.84 1.77
C GLY A 227 -18.62 -20.64 2.38
N SER A 228 -18.68 -20.59 3.71
CA SER A 228 -19.29 -19.43 4.43
C SER A 228 -18.48 -18.16 4.15
N ALA A 229 -17.38 -18.27 3.38
CA ALA A 229 -16.62 -17.10 2.94
C ALA A 229 -16.12 -16.27 4.12
N SER A 230 -15.74 -16.92 5.22
CA SER A 230 -15.19 -16.25 6.39
C SER A 230 -14.15 -17.17 7.01
N VAL A 231 -12.88 -16.81 6.84
CA VAL A 231 -11.74 -17.59 7.31
C VAL A 231 -11.90 -18.00 8.77
N LEU A 232 -12.66 -17.22 9.54
CA LEU A 232 -12.79 -17.50 10.96
C LEU A 232 -13.69 -18.70 11.23
N ASP A 233 -14.76 -18.87 10.45
CA ASP A 233 -15.75 -19.90 10.75
C ASP A 233 -15.44 -21.25 10.13
N ASN A 234 -14.80 -21.28 8.96
CA ASN A 234 -14.47 -22.56 8.33
C ASN A 234 -12.98 -22.82 8.39
N PRO A 235 -12.48 -23.46 9.45
CA PRO A 235 -11.03 -23.64 9.59
C PRO A 235 -10.44 -24.76 8.75
N LYS A 236 -11.20 -25.82 8.47
CA LYS A 236 -10.65 -26.98 7.79
C LYS A 236 -10.29 -26.64 6.35
N SER A 237 -9.40 -27.45 5.78
CA SER A 237 -9.00 -27.35 4.38
C SER A 237 -8.49 -28.70 3.94
N ALA A 238 -8.56 -28.95 2.63
CA ALA A 238 -8.21 -30.26 2.08
C ALA A 238 -7.38 -30.08 0.82
N GLY A 239 -6.18 -30.65 0.81
CA GLY A 239 -5.34 -30.61 -0.36
C GLY A 239 -4.81 -29.24 -0.69
N VAL A 240 -4.19 -28.59 0.30
CA VAL A 240 -3.65 -27.25 0.11
C VAL A 240 -2.63 -27.01 1.21
N ALA A 241 -1.60 -26.24 0.90
CA ALA A 241 -0.51 -25.96 1.83
C ALA A 241 -0.81 -24.70 2.63
N THR A 242 -0.57 -24.76 3.93
CA THR A 242 -0.85 -23.63 4.82
C THR A 242 0.21 -22.55 4.62
N PHE A 243 0.18 -21.52 5.47
CA PHE A 243 1.11 -20.41 5.31
C PHE A 243 2.53 -20.82 5.69
N VAL A 244 2.71 -21.28 6.93
CA VAL A 244 4.03 -21.63 7.43
C VAL A 244 4.71 -22.66 6.55
N ILE A 245 3.95 -23.52 5.90
CA ILE A 245 4.53 -24.51 5.00
C ILE A 245 4.98 -23.84 3.70
N GLN A 246 4.15 -22.95 3.16
CA GLN A 246 4.50 -22.28 1.91
C GLN A 246 5.71 -21.37 2.10
N GLU A 247 5.76 -20.66 3.22
CA GLU A 247 6.82 -19.66 3.41
C GLU A 247 8.13 -20.32 3.81
N GLU A 248 8.11 -21.15 4.84
CA GLU A 248 9.34 -21.61 5.46
C GLU A 248 9.77 -23.01 5.04
N PHE A 249 9.02 -23.69 4.19
CA PHE A 249 9.41 -25.00 3.68
C PHE A 249 9.26 -25.15 2.18
N ASP A 250 8.61 -24.19 1.51
CA ASP A 250 8.59 -24.09 0.06
C ASP A 250 7.92 -25.31 -0.58
N ARG A 251 6.77 -25.69 -0.05
CA ARG A 251 5.89 -26.67 -0.68
C ARG A 251 4.58 -25.99 -1.01
N PHE A 252 4.24 -25.94 -2.30
CA PHE A 252 3.09 -25.18 -2.77
C PHE A 252 1.96 -26.09 -3.26
N THR A 253 1.86 -27.30 -2.74
CA THR A 253 0.79 -28.20 -3.14
C THR A 253 0.46 -29.11 -1.98
N GLY A 254 -0.70 -29.75 -2.06
CA GLY A 254 -1.13 -30.66 -1.02
C GLY A 254 -1.69 -31.96 -1.56
N CYS A 255 -1.80 -32.06 -2.88
CA CYS A 255 -2.37 -33.23 -3.53
C CYS A 255 -1.35 -33.85 -4.49
N TRP A 256 -1.49 -35.15 -4.73
CA TRP A 256 -0.55 -35.89 -5.56
C TRP A 256 -1.28 -37.02 -6.26
N TRP A 257 -1.08 -37.16 -7.56
CA TRP A 257 -1.71 -38.22 -8.33
C TRP A 257 -0.94 -39.52 -8.20
N CYS A 258 -1.66 -40.62 -8.12
CA CYS A 258 -1.02 -41.92 -8.27
C CYS A 258 -0.72 -42.17 -9.74
N PRO A 259 0.52 -42.47 -10.10
CA PRO A 259 0.90 -42.51 -11.52
C PRO A 259 0.45 -43.77 -12.26
N THR A 260 -0.23 -44.70 -11.59
CA THR A 260 -0.68 -45.93 -12.22
C THR A 260 -2.15 -46.14 -11.93
N ALA A 261 -2.90 -46.58 -12.93
CA ALA A 261 -4.30 -46.91 -12.75
C ALA A 261 -4.46 -48.37 -12.37
N SER A 262 -5.20 -48.61 -11.29
CA SER A 262 -5.41 -49.95 -10.76
C SER A 262 -6.74 -50.50 -11.24
N TRP A 263 -6.77 -51.82 -11.45
CA TRP A 263 -7.95 -52.51 -11.92
C TRP A 263 -8.46 -53.45 -10.83
N LEU A 269 -13.65 -51.60 -14.73
CA LEU A 269 -13.56 -50.31 -14.04
C LEU A 269 -12.11 -49.92 -13.81
N LYS A 270 -11.81 -48.62 -13.97
CA LYS A 270 -10.47 -48.10 -13.80
C LYS A 270 -10.45 -47.21 -12.56
N THR A 271 -9.65 -47.59 -11.58
CA THR A 271 -9.57 -46.89 -10.30
C THR A 271 -8.34 -46.00 -10.28
N LEU A 272 -8.50 -44.76 -9.82
CA LEU A 272 -7.41 -43.81 -9.68
C LEU A 272 -7.33 -43.33 -8.24
N ARG A 273 -6.12 -43.12 -7.76
CA ARG A 273 -5.87 -42.69 -6.39
C ARG A 273 -5.30 -41.28 -6.38
N ILE A 274 -5.53 -40.58 -5.27
CA ILE A 274 -4.95 -39.26 -5.05
C ILE A 274 -4.60 -39.12 -3.58
N LEU A 275 -3.32 -39.01 -3.26
CA LEU A 275 -2.89 -38.73 -1.90
C LEU A 275 -2.96 -37.23 -1.66
N TYR A 276 -3.62 -36.83 -0.58
CA TYR A 276 -3.74 -35.42 -0.24
C TYR A 276 -3.76 -35.29 1.27
N GLU A 277 -3.57 -34.06 1.74
CA GLU A 277 -3.55 -33.76 3.16
C GLU A 277 -4.73 -32.86 3.51
N GLU A 278 -5.24 -33.04 4.73
CA GLU A 278 -6.32 -32.22 5.26
C GLU A 278 -5.82 -31.51 6.51
N VAL A 279 -5.83 -30.18 6.48
CA VAL A 279 -5.33 -29.38 7.58
C VAL A 279 -6.51 -28.86 8.38
N ASP A 280 -6.30 -28.68 9.68
CA ASP A 280 -7.33 -28.21 10.61
C ASP A 280 -6.74 -27.06 11.41
N GLU A 281 -7.07 -25.82 11.02
CA GLU A 281 -6.47 -24.63 11.60
C GLU A 281 -7.35 -24.00 12.66
N SER A 282 -8.08 -24.80 13.43
CA SER A 282 -9.00 -24.25 14.42
C SER A 282 -8.26 -23.45 15.48
N GLU A 283 -7.24 -24.05 16.10
CA GLU A 283 -6.58 -23.44 17.25
C GLU A 283 -5.39 -22.57 16.88
N VAL A 284 -5.23 -22.19 15.62
CA VAL A 284 -4.13 -21.33 15.20
C VAL A 284 -4.52 -19.88 15.42
N GLU A 285 -3.59 -19.11 15.99
CA GLU A 285 -3.85 -17.70 16.27
C GLU A 285 -4.10 -16.93 14.98
N VAL A 286 -5.05 -16.02 15.02
CA VAL A 286 -5.45 -15.21 13.87
C VAL A 286 -4.91 -13.80 14.06
N ILE A 287 -4.57 -13.16 12.95
CA ILE A 287 -4.15 -11.76 12.94
C ILE A 287 -4.82 -11.07 11.77
N HIS A 288 -4.79 -9.74 11.79
CA HIS A 288 -5.40 -8.92 10.76
C HIS A 288 -4.32 -8.15 10.01
N VAL A 289 -4.45 -8.09 8.69
CA VAL A 289 -3.50 -7.40 7.83
C VAL A 289 -4.26 -6.49 6.88
N PRO A 290 -3.86 -5.24 6.71
CA PRO A 290 -4.54 -4.36 5.76
C PRO A 290 -4.61 -4.97 4.38
N SER A 291 -5.58 -4.50 3.60
CA SER A 291 -5.82 -5.03 2.28
C SER A 291 -5.31 -4.08 1.21
N PRO A 292 -5.06 -4.57 -0.01
CA PRO A 292 -4.58 -3.68 -1.08
C PRO A 292 -5.56 -2.57 -1.42
N ALA A 293 -6.82 -2.69 -1.02
CA ALA A 293 -7.80 -1.63 -1.23
C ALA A 293 -7.79 -0.74 -0.01
N LEU A 294 -7.09 0.40 -0.11
CA LEU A 294 -6.91 1.26 1.05
C LEU A 294 -8.19 1.98 1.44
N GLU A 295 -8.99 2.40 0.46
CA GLU A 295 -10.18 3.18 0.75
C GLU A 295 -11.15 2.44 1.66
N GLU A 296 -11.26 1.13 1.51
CA GLU A 296 -12.17 0.35 2.34
C GLU A 296 -11.80 0.40 3.82
N ARG A 297 -10.52 0.60 4.13
CA ARG A 297 -10.03 0.58 5.52
C ARG A 297 -10.40 -0.74 6.19
N LYS A 298 -10.36 -1.83 5.43
CA LYS A 298 -10.68 -3.15 5.93
C LYS A 298 -9.44 -4.02 5.90
N THR A 299 -9.47 -5.09 6.70
CA THR A 299 -8.33 -5.99 6.84
C THR A 299 -8.72 -7.41 6.46
N ASP A 300 -7.71 -8.19 6.10
CA ASP A 300 -7.87 -9.62 5.85
C ASP A 300 -7.25 -10.41 6.99
N SER A 301 -7.91 -11.49 7.37
CA SER A 301 -7.46 -12.31 8.49
C SER A 301 -6.64 -13.48 7.97
N TYR A 302 -5.56 -13.81 8.68
CA TYR A 302 -4.70 -14.92 8.34
C TYR A 302 -4.48 -15.77 9.58
N ARG A 303 -4.38 -17.08 9.39
CA ARG A 303 -3.99 -17.97 10.47
C ARG A 303 -2.46 -17.97 10.54
N TYR A 304 -1.92 -17.18 11.45
CA TYR A 304 -0.47 -16.95 11.54
C TYR A 304 0.04 -17.52 12.85
N PRO A 305 0.66 -18.69 12.85
CA PRO A 305 1.15 -19.27 14.10
C PRO A 305 2.48 -18.68 14.53
N ARG A 306 2.49 -17.91 15.60
CA ARG A 306 3.74 -17.31 16.06
C ARG A 306 4.53 -18.30 16.90
N THR A 307 5.79 -17.97 17.14
CA THR A 307 6.69 -18.87 17.85
C THR A 307 6.15 -19.19 19.23
N GLY A 308 6.09 -20.48 19.55
CA GLY A 308 5.54 -20.95 20.80
C GLY A 308 4.07 -21.33 20.75
N SER A 309 3.35 -20.88 19.73
CA SER A 309 1.93 -21.16 19.61
C SER A 309 1.73 -22.57 19.05
N LYS A 310 0.51 -22.89 18.64
CA LYS A 310 0.17 -24.20 18.13
C LYS A 310 0.11 -24.16 16.60
N ASN A 311 0.74 -25.15 15.97
CA ASN A 311 0.60 -25.32 14.53
C ASN A 311 -0.68 -26.06 14.21
N PRO A 312 -1.18 -25.96 12.98
CA PRO A 312 -2.41 -26.65 12.60
C PRO A 312 -2.26 -28.16 12.72
N LYS A 313 -3.41 -28.84 12.74
CA LYS A 313 -3.44 -30.30 12.75
C LYS A 313 -3.54 -30.82 11.33
N ILE A 314 -2.71 -31.82 11.02
CA ILE A 314 -2.59 -32.34 9.66
C ILE A 314 -2.91 -33.82 9.68
N ALA A 315 -3.13 -34.37 8.49
CA ALA A 315 -3.37 -35.79 8.29
C ALA A 315 -3.26 -36.07 6.81
N LEU A 316 -3.10 -37.36 6.48
CA LEU A 316 -3.01 -37.80 5.10
C LEU A 316 -4.18 -38.73 4.79
N LYS A 317 -4.79 -38.54 3.62
CA LYS A 317 -5.98 -39.27 3.23
C LYS A 317 -5.91 -39.62 1.75
N LEU A 318 -6.47 -40.76 1.37
CA LEU A 318 -6.62 -41.10 -0.03
C LEU A 318 -8.00 -40.71 -0.53
N ALA A 319 -8.14 -40.66 -1.85
CA ALA A 319 -9.42 -40.33 -2.48
C ALA A 319 -9.50 -41.12 -3.79
N GLU A 320 -10.12 -42.29 -3.72
CA GLU A 320 -10.29 -43.12 -4.89
C GLU A 320 -11.42 -42.58 -5.78
N LEU A 321 -11.44 -43.05 -7.02
CA LEU A 321 -12.52 -42.77 -7.93
C LEU A 321 -12.41 -43.73 -9.11
N GLN A 322 -13.54 -44.25 -9.56
CA GLN A 322 -13.55 -45.33 -10.54
C GLN A 322 -14.30 -44.88 -11.78
N THR A 323 -13.78 -45.28 -12.95
CA THR A 323 -14.36 -44.89 -14.22
C THR A 323 -14.44 -46.10 -15.14
N ASP A 324 -15.22 -45.95 -16.20
CA ASP A 324 -15.42 -46.97 -17.21
C ASP A 324 -14.82 -46.52 -18.54
N HIS A 325 -15.07 -47.31 -19.59
CA HIS A 325 -14.39 -47.09 -20.86
C HIS A 325 -14.68 -45.73 -21.47
N GLN A 326 -15.83 -45.14 -21.15
CA GLN A 326 -16.21 -43.86 -21.74
C GLN A 326 -15.77 -42.67 -20.90
N GLY A 327 -15.15 -42.89 -19.76
CA GLY A 327 -14.62 -41.80 -18.96
C GLY A 327 -15.61 -41.14 -18.04
N LYS A 328 -16.54 -41.89 -17.46
CA LYS A 328 -17.49 -41.34 -16.52
C LYS A 328 -17.14 -41.79 -15.11
N ILE A 329 -17.11 -40.85 -14.17
CA ILE A 329 -16.78 -41.17 -12.79
C ILE A 329 -17.95 -41.95 -12.19
N VAL A 330 -17.77 -43.26 -12.04
CA VAL A 330 -18.84 -44.10 -11.51
C VAL A 330 -18.98 -43.90 -10.00
N SER A 331 -17.93 -44.23 -9.26
CA SER A 331 -17.89 -44.05 -7.82
C SER A 331 -16.78 -43.08 -7.45
N SER A 332 -16.87 -42.54 -6.24
CA SER A 332 -15.84 -41.64 -5.74
C SER A 332 -15.84 -41.72 -4.21
N CYS A 333 -14.95 -42.53 -3.66
CA CYS A 333 -14.83 -42.69 -2.22
C CYS A 333 -13.76 -41.74 -1.69
N GLU A 334 -13.45 -41.86 -0.41
CA GLU A 334 -12.30 -41.20 0.20
C GLU A 334 -12.01 -41.90 1.52
N LYS A 335 -10.75 -42.27 1.72
CA LYS A 335 -10.38 -43.17 2.79
C LYS A 335 -9.45 -42.45 3.77
N GLU A 336 -9.06 -43.17 4.81
CA GLU A 336 -8.21 -42.61 5.86
C GLU A 336 -7.42 -43.76 6.48
N LEU A 337 -6.42 -43.41 7.26
CA LEU A 337 -5.62 -44.42 7.92
C LEU A 337 -6.44 -45.14 8.98
N VAL A 338 -6.19 -46.44 9.14
CA VAL A 338 -6.99 -47.27 10.03
C VAL A 338 -6.76 -46.86 11.48
N GLN A 339 -5.80 -45.98 11.70
CA GLN A 339 -5.56 -45.36 12.99
C GLN A 339 -5.48 -43.86 12.79
N PRO A 340 -5.76 -43.08 13.82
CA PRO A 340 -5.60 -41.63 13.69
C PRO A 340 -4.15 -41.26 13.36
N PHE A 341 -4.00 -40.40 12.36
CA PHE A 341 -2.68 -39.98 11.90
C PHE A 341 -1.79 -39.58 13.06
N SER A 342 -2.35 -38.92 14.07
CA SER A 342 -1.56 -38.48 15.21
C SER A 342 -1.18 -39.62 16.13
N SER A 343 -1.85 -40.76 16.03
CA SER A 343 -1.54 -41.89 16.89
C SER A 343 -0.39 -42.74 16.36
N LEU A 344 -0.41 -43.08 15.08
CA LEU A 344 0.70 -43.84 14.50
C LEU A 344 1.98 -43.03 14.51
N PHE A 345 1.89 -41.71 14.35
CA PHE A 345 3.06 -40.85 14.22
C PHE A 345 3.01 -39.72 15.23
N PRO A 346 3.39 -39.99 16.47
CA PRO A 346 3.55 -38.90 17.44
C PRO A 346 4.82 -38.13 17.18
N LYS A 347 4.89 -36.92 17.74
CA LYS A 347 6.02 -36.01 17.53
C LYS A 347 6.22 -35.72 16.06
N VAL A 348 5.13 -35.45 15.35
CA VAL A 348 5.18 -35.04 13.96
C VAL A 348 4.44 -33.72 13.84
N GLU A 349 5.15 -32.67 13.43
CA GLU A 349 4.58 -31.33 13.36
C GLU A 349 4.38 -30.83 11.94
N TYR A 350 5.15 -31.31 10.97
CA TYR A 350 5.07 -30.81 9.62
C TYR A 350 5.10 -31.98 8.65
N ILE A 351 4.57 -31.75 7.46
CA ILE A 351 4.71 -32.67 6.34
C ILE A 351 5.50 -31.91 5.28
N ALA A 352 6.79 -32.19 5.20
CA ALA A 352 7.66 -31.45 4.30
C ALA A 352 7.35 -31.78 2.85
N ARG A 353 7.50 -33.04 2.47
CA ARG A 353 7.24 -33.49 1.11
C ARG A 353 6.44 -34.79 1.16
N ALA A 354 5.85 -35.15 0.03
CA ALA A 354 5.07 -36.36 -0.08
C ALA A 354 4.94 -36.73 -1.55
N GLY A 355 4.69 -38.01 -1.80
CA GLY A 355 4.56 -38.48 -3.17
C GLY A 355 4.47 -39.98 -3.22
N TRP A 356 4.50 -40.49 -4.45
CA TRP A 356 4.36 -41.91 -4.75
C TRP A 356 5.69 -42.48 -5.23
N THR A 357 5.70 -43.79 -5.47
CA THR A 357 6.75 -44.41 -6.26
C THR A 357 6.23 -44.60 -7.68
N ARG A 358 7.14 -44.93 -8.60
CA ARG A 358 6.78 -44.94 -10.01
C ARG A 358 5.91 -46.13 -10.39
N ASP A 359 5.90 -47.19 -9.60
CA ASP A 359 5.02 -48.31 -9.88
C ASP A 359 3.65 -48.17 -9.25
N GLY A 360 3.50 -47.26 -8.28
CA GLY A 360 2.26 -47.13 -7.55
C GLY A 360 2.11 -48.06 -6.38
N ARG A 361 3.16 -48.79 -6.01
CA ARG A 361 3.06 -49.72 -4.89
C ARG A 361 3.12 -49.04 -3.54
N TYR A 362 3.54 -47.78 -3.48
CA TYR A 362 3.71 -47.11 -2.20
C TYR A 362 3.49 -45.61 -2.39
N ALA A 363 3.09 -44.97 -1.30
CA ALA A 363 3.06 -43.52 -1.20
C ALA A 363 3.96 -43.11 -0.04
N TRP A 364 4.77 -42.08 -0.25
CA TRP A 364 5.78 -41.70 0.72
C TRP A 364 5.58 -40.26 1.17
N ALA A 365 6.17 -39.94 2.31
CA ALA A 365 6.10 -38.60 2.88
C ALA A 365 7.27 -38.38 3.81
N MET A 366 7.54 -37.10 4.10
CA MET A 366 8.67 -36.69 4.94
C MET A 366 8.14 -35.92 6.13
N PHE A 367 8.37 -36.46 7.33
CA PHE A 367 7.84 -35.89 8.57
C PHE A 367 8.96 -35.16 9.30
N LEU A 368 8.67 -33.95 9.78
CA LEU A 368 9.56 -33.18 10.65
C LEU A 368 8.92 -33.05 12.02
N ASP A 369 9.72 -33.30 13.06
CA ASP A 369 9.24 -33.07 14.42
C ASP A 369 9.28 -31.57 14.70
N ARG A 370 8.87 -31.17 15.90
CA ARG A 370 8.72 -29.74 16.18
C ARG A 370 10.07 -29.04 16.32
N PRO A 371 11.04 -29.57 17.09
CA PRO A 371 12.34 -28.87 17.18
C PRO A 371 13.11 -28.87 15.87
N GLN A 372 12.58 -29.54 14.85
CA GLN A 372 13.19 -29.64 13.53
C GLN A 372 14.58 -30.24 13.62
N GLN A 373 14.66 -31.40 14.27
CA GLN A 373 15.92 -32.11 14.40
C GLN A 373 15.79 -33.60 14.14
N ARG A 374 14.65 -34.06 13.61
CA ARG A 374 14.50 -35.47 13.25
C ARG A 374 13.54 -35.55 12.07
N LEU A 375 14.10 -35.56 10.87
CA LEU A 375 13.34 -35.83 9.65
C LEU A 375 13.37 -37.32 9.36
N GLN A 376 12.31 -37.82 8.74
CA GLN A 376 12.25 -39.25 8.44
C GLN A 376 11.34 -39.51 7.26
N LEU A 377 11.83 -40.33 6.32
CA LEU A 377 11.01 -40.82 5.22
C LEU A 377 10.14 -41.96 5.70
N VAL A 378 8.87 -41.93 5.31
CA VAL A 378 7.93 -42.99 5.65
C VAL A 378 7.26 -43.46 4.37
N LEU A 379 7.09 -44.77 4.25
CA LEU A 379 6.50 -45.41 3.09
C LEU A 379 5.17 -46.04 3.50
N LEU A 380 4.10 -45.72 2.78
CA LEU A 380 2.76 -46.14 3.16
C LEU A 380 2.10 -46.89 2.02
N PRO A 381 1.58 -48.09 2.24
CA PRO A 381 0.86 -48.80 1.19
C PRO A 381 -0.57 -48.30 1.09
N PRO A 382 -1.13 -48.20 -0.11
CA PRO A 382 -2.52 -47.77 -0.25
C PRO A 382 -3.52 -48.66 0.46
N ALA A 383 -3.16 -49.90 0.77
CA ALA A 383 -4.06 -50.81 1.46
C ALA A 383 -4.34 -50.41 2.89
N LEU A 384 -3.55 -49.51 3.47
CA LEU A 384 -3.77 -49.04 4.83
C LEU A 384 -4.83 -47.96 4.92
N PHE A 385 -5.42 -47.57 3.79
CA PHE A 385 -6.46 -46.55 3.74
C PHE A 385 -7.80 -47.25 3.60
N ILE A 386 -8.69 -47.01 4.56
CA ILE A 386 -10.02 -47.63 4.57
C ILE A 386 -11.08 -46.53 4.51
N PRO A 387 -12.24 -46.80 3.92
CA PRO A 387 -13.29 -45.77 3.87
C PRO A 387 -13.70 -45.31 5.26
N THR A 388 -14.21 -44.09 5.31
CA THR A 388 -14.59 -43.46 6.59
C THR A 388 -15.88 -44.08 7.07
N LEU A 389 -15.77 -45.08 7.94
CA LEU A 389 -16.92 -45.81 8.46
C LEU A 389 -17.20 -45.36 9.88
N GLU A 390 -18.32 -44.65 10.06
CA GLU A 390 -18.73 -44.23 11.40
C GLU A 390 -19.37 -45.35 12.19
N SER A 391 -20.04 -46.28 11.51
CA SER A 391 -20.59 -47.45 12.19
C SER A 391 -19.46 -48.35 12.66
N GLU A 392 -19.21 -48.38 13.96
CA GLU A 392 -18.08 -49.11 14.52
C GLU A 392 -18.08 -50.58 14.12
N ALA A 393 -19.24 -51.14 13.81
CA ALA A 393 -19.27 -52.53 13.36
C ALA A 393 -18.60 -52.69 12.00
N GLN A 394 -18.93 -51.83 11.05
CA GLN A 394 -18.32 -51.92 9.72
C GLN A 394 -16.84 -51.57 9.76
N TRP A 395 -16.46 -50.60 10.60
CA TRP A 395 -15.04 -50.22 10.68
C TRP A 395 -14.18 -51.38 11.12
N GLN A 396 -14.62 -52.14 12.13
CA GLN A 396 -13.85 -53.30 12.58
C GLN A 396 -13.78 -54.39 11.53
N GLU A 397 -14.58 -54.31 10.46
CA GLU A 397 -14.45 -55.22 9.34
C GLU A 397 -13.35 -54.78 8.38
N ALA A 398 -13.24 -53.48 8.14
CA ALA A 398 -12.16 -52.96 7.31
C ALA A 398 -10.81 -53.22 7.97
N ALA A 399 -10.69 -52.92 9.27
CA ALA A 399 -9.47 -53.21 10.01
C ALA A 399 -9.16 -54.70 10.07
N ARG A 400 -10.06 -55.55 9.59
CA ARG A 400 -9.83 -56.99 9.56
C ARG A 400 -9.42 -57.48 8.19
N ALA A 401 -9.84 -56.78 7.13
CA ALA A 401 -9.61 -57.20 5.76
C ALA A 401 -8.27 -56.76 5.20
N ILE A 402 -7.46 -56.03 5.97
CA ILE A 402 -6.17 -55.57 5.45
C ILE A 402 -5.22 -56.75 5.35
N PRO A 403 -4.46 -56.88 4.26
CA PRO A 403 -3.48 -57.96 4.17
C PRO A 403 -2.46 -57.88 5.30
N LYS A 404 -1.66 -58.94 5.41
CA LYS A 404 -0.73 -59.05 6.53
C LYS A 404 0.50 -58.17 6.34
N ASN A 405 1.03 -58.12 5.12
CA ASN A 405 2.27 -57.39 4.85
C ASN A 405 2.06 -55.90 4.63
N VAL A 406 0.93 -55.35 5.06
CA VAL A 406 0.64 -53.93 4.89
C VAL A 406 0.93 -53.22 6.21
N GLN A 407 1.81 -52.23 6.16
CA GLN A 407 2.18 -51.45 7.33
C GLN A 407 3.02 -50.26 6.88
N PRO A 408 3.17 -49.21 7.68
CA PRO A 408 4.05 -48.11 7.31
C PRO A 408 5.51 -48.51 7.43
N PHE A 409 6.33 -47.91 6.57
CA PHE A 409 7.76 -48.21 6.52
C PHE A 409 8.54 -46.91 6.62
N ILE A 410 9.26 -46.76 7.74
CA ILE A 410 10.14 -45.57 7.91
C ILE A 410 11.50 -45.96 7.31
N ILE A 411 11.66 -45.75 5.99
CA ILE A 411 12.90 -46.20 5.30
C ILE A 411 14.14 -45.46 5.82
N TYR A 412 14.03 -44.16 6.11
CA TYR A 412 15.25 -43.40 6.50
C TYR A 412 14.93 -42.44 7.66
N GLU A 413 15.92 -42.11 8.50
CA GLU A 413 15.74 -41.13 9.56
C GLU A 413 17.04 -40.37 9.75
N GLU A 414 16.95 -39.04 9.76
CA GLU A 414 18.12 -38.16 9.86
C GLU A 414 18.01 -37.33 11.13
N VAL A 415 18.85 -37.62 12.11
CA VAL A 415 18.87 -36.89 13.38
C VAL A 415 20.17 -36.08 13.41
N THR A 416 20.05 -34.81 13.80
CA THR A 416 21.18 -33.89 13.82
C THR A 416 21.31 -33.26 15.20
N ASN A 417 22.20 -32.27 15.27
CA ASN A 417 22.37 -31.48 16.48
C ASN A 417 22.26 -29.98 16.22
N VAL A 418 22.13 -29.56 14.96
CA VAL A 418 21.99 -28.15 14.64
C VAL A 418 20.57 -27.89 14.17
N TRP A 419 20.21 -28.46 13.02
CA TRP A 419 18.85 -28.45 12.49
C TRP A 419 18.87 -29.24 11.19
N ILE A 420 17.68 -29.57 10.71
CA ILE A 420 17.50 -30.37 9.51
C ILE A 420 17.05 -29.45 8.39
N ASN A 421 17.92 -29.22 7.42
CA ASN A 421 17.48 -28.62 6.17
C ASN A 421 16.74 -29.67 5.34
N VAL A 422 15.65 -29.26 4.72
CA VAL A 422 14.74 -30.17 4.03
C VAL A 422 15.10 -30.19 2.55
N HIS A 423 15.33 -31.39 2.02
CA HIS A 423 15.69 -31.59 0.63
C HIS A 423 14.55 -32.24 -0.14
N ASP A 424 14.47 -31.92 -1.42
CA ASP A 424 13.57 -32.65 -2.31
C ASP A 424 14.25 -33.87 -2.93
N ILE A 425 15.58 -33.95 -2.86
CA ILE A 425 16.32 -34.98 -3.57
C ILE A 425 15.98 -36.34 -2.98
N PHE A 426 15.31 -37.17 -3.78
CA PHE A 426 14.95 -38.52 -3.39
C PHE A 426 14.51 -39.30 -4.62
N HIS A 427 15.08 -40.46 -4.86
CA HIS A 427 14.77 -41.19 -6.08
C HIS A 427 14.74 -42.69 -5.80
N PRO A 428 13.56 -43.27 -5.62
CA PRO A 428 13.48 -44.71 -5.34
C PRO A 428 13.60 -45.55 -6.59
N PHE A 429 14.21 -46.72 -6.43
CA PHE A 429 14.28 -47.46 -7.68
C PHE A 429 13.12 -48.43 -7.78
N PRO A 430 12.43 -48.46 -8.92
CA PRO A 430 11.37 -49.46 -9.13
C PRO A 430 11.93 -50.85 -8.90
N GLN A 431 11.44 -51.50 -7.84
CA GLN A 431 11.95 -52.79 -7.44
C GLN A 431 11.34 -53.90 -8.27
N ALA A 432 12.17 -54.89 -8.59
CA ALA A 432 11.71 -56.12 -9.23
C ALA A 432 11.10 -56.99 -8.14
N GLU A 433 10.92 -58.28 -8.42
CA GLU A 433 10.27 -59.14 -7.44
C GLU A 433 11.26 -59.54 -6.35
N GLY A 434 11.94 -58.54 -5.79
CA GLY A 434 12.64 -58.71 -4.53
C GLY A 434 11.79 -58.11 -3.43
N GLN A 435 11.06 -58.95 -2.71
CA GLN A 435 10.08 -58.46 -1.75
C GLN A 435 10.73 -57.81 -0.54
N GLN A 436 11.98 -58.17 -0.23
CA GLN A 436 12.62 -57.64 0.96
C GLN A 436 13.18 -56.25 0.71
N ASP A 437 13.84 -56.05 -0.42
CA ASP A 437 14.73 -54.91 -0.61
C ASP A 437 13.99 -53.70 -1.16
N PHE A 438 14.59 -52.54 -0.93
CA PHE A 438 14.12 -51.27 -1.46
C PHE A 438 15.32 -50.34 -1.53
N CYS A 439 15.74 -49.99 -2.74
CA CYS A 439 16.94 -49.18 -2.94
C CYS A 439 16.56 -47.81 -3.48
N PHE A 440 17.32 -46.80 -3.04
CA PHE A 440 17.03 -45.43 -3.42
C PHE A 440 18.23 -44.55 -3.11
N LEU A 441 18.32 -43.43 -3.83
CA LEU A 441 19.32 -42.41 -3.59
C LEU A 441 18.74 -41.39 -2.62
N ARG A 442 19.62 -40.74 -1.85
CA ARG A 442 19.16 -39.82 -0.80
C ARG A 442 20.28 -38.86 -0.46
N ALA A 443 20.05 -37.57 -0.69
CA ALA A 443 21.05 -36.54 -0.41
C ALA A 443 21.02 -36.24 1.09
N ASN A 444 21.84 -36.97 1.84
CA ASN A 444 21.93 -36.78 3.28
C ASN A 444 22.95 -35.70 3.60
N GLU A 445 22.69 -34.95 4.66
CA GLU A 445 23.50 -33.76 4.95
C GLU A 445 24.00 -33.74 6.38
N CYS A 446 23.29 -34.42 7.29
CA CYS A 446 23.66 -34.43 8.69
C CYS A 446 24.61 -35.55 9.04
N LYS A 447 25.12 -36.28 8.05
CA LYS A 447 26.04 -37.38 8.31
C LYS A 447 27.48 -36.91 8.41
N THR A 448 27.93 -36.13 7.44
CA THR A 448 29.30 -35.63 7.41
C THR A 448 29.39 -34.13 7.64
N GLY A 449 28.27 -33.42 7.75
CA GLY A 449 28.28 -31.98 7.81
C GLY A 449 28.13 -31.31 6.47
N PHE A 450 28.10 -32.07 5.37
CA PHE A 450 27.93 -31.52 4.04
C PHE A 450 26.91 -32.37 3.29
N CYS A 451 26.26 -31.75 2.31
CA CYS A 451 25.20 -32.40 1.54
C CYS A 451 25.83 -33.30 0.49
N HIS A 452 25.67 -34.61 0.65
CA HIS A 452 26.28 -35.59 -0.24
C HIS A 452 25.29 -36.67 -0.59
N LEU A 453 25.38 -37.19 -1.79
CA LEU A 453 24.49 -38.25 -2.25
C LEU A 453 24.91 -39.59 -1.67
N TYR A 454 23.91 -40.40 -1.35
CA TYR A 454 24.14 -41.73 -0.80
C TYR A 454 23.21 -42.72 -1.49
N ARG A 455 23.73 -43.89 -1.83
CA ARG A 455 22.93 -44.98 -2.33
C ARG A 455 22.71 -45.97 -1.20
N VAL A 456 21.48 -46.08 -0.74
CA VAL A 456 21.14 -46.89 0.43
C VAL A 456 20.08 -47.90 0.04
N THR A 457 20.31 -49.15 0.43
CA THR A 457 19.36 -50.23 0.24
C THR A 457 18.92 -50.73 1.61
N VAL A 458 17.61 -50.89 1.78
CA VAL A 458 17.02 -51.24 3.06
C VAL A 458 16.00 -52.35 2.83
N ASP A 459 15.91 -53.27 3.78
CA ASP A 459 14.97 -54.38 3.70
C ASP A 459 13.70 -54.00 4.44
N LEU A 460 12.57 -53.98 3.72
CA LEU A 460 11.30 -53.67 4.35
C LEU A 460 10.84 -54.83 5.21
N LYS A 461 11.20 -54.82 6.48
CA LYS A 461 10.76 -55.86 7.40
C LYS A 461 9.31 -55.59 7.82
N THR A 462 8.58 -56.68 8.04
CA THR A 462 7.17 -56.60 8.37
C THR A 462 6.93 -57.19 9.76
N ASN A 463 5.76 -56.87 10.31
CA ASN A 463 5.38 -57.37 11.62
C ASN A 463 3.96 -57.92 11.67
N ASP A 464 3.15 -57.73 10.64
CA ASP A 464 1.80 -58.30 10.55
C ASP A 464 0.95 -57.83 11.73
N TYR A 465 0.74 -56.52 11.76
CA TYR A 465 0.05 -55.86 12.86
C TYR A 465 -1.41 -56.29 12.95
N ASP A 466 -2.00 -56.05 14.12
CA ASP A 466 -3.42 -56.28 14.36
C ASP A 466 -4.08 -54.91 14.46
N TRP A 467 -4.55 -54.39 13.33
CA TRP A 467 -5.09 -53.04 13.28
C TRP A 467 -6.40 -52.89 14.04
N THR A 468 -7.07 -53.98 14.38
CA THR A 468 -8.28 -53.90 15.19
C THR A 468 -7.96 -53.31 16.56
N GLU A 469 -7.00 -53.90 17.25
CA GLU A 469 -6.55 -53.34 18.52
C GLU A 469 -5.65 -52.13 18.27
N PRO A 470 -5.95 -50.98 18.86
CA PRO A 470 -5.08 -49.82 18.65
C PRO A 470 -3.70 -50.05 19.24
N LEU A 471 -2.71 -49.38 18.66
CA LEU A 471 -1.33 -49.56 19.05
C LEU A 471 -0.71 -48.21 19.37
N SER A 472 0.06 -48.16 20.45
CA SER A 472 0.85 -46.98 20.79
C SER A 472 2.27 -47.21 20.32
N PRO A 473 2.65 -46.67 19.17
CA PRO A 473 3.96 -47.00 18.59
C PRO A 473 5.10 -46.51 19.47
N ALA A 474 6.15 -47.30 19.53
CA ALA A 474 7.36 -46.91 20.25
C ALA A 474 8.20 -46.01 19.33
N GLU A 475 9.45 -45.76 19.74
CA GLU A 475 10.32 -44.90 18.94
C GLU A 475 10.82 -45.61 17.69
N ASP A 476 10.79 -46.93 17.67
CA ASP A 476 11.37 -47.72 16.60
C ASP A 476 10.40 -48.80 16.14
N GLU A 477 9.15 -48.40 15.91
CA GLU A 477 8.12 -49.36 15.53
C GLU A 477 8.30 -49.81 14.08
N PHE A 478 8.29 -48.86 13.15
CA PHE A 478 8.32 -49.17 11.73
C PHE A 478 9.68 -48.87 11.09
N LYS A 479 10.71 -48.70 11.90
CA LYS A 479 12.05 -48.44 11.37
C LYS A 479 12.66 -49.73 10.86
N CYS A 480 13.02 -49.76 9.57
CA CYS A 480 13.60 -50.92 8.93
C CYS A 480 15.11 -50.79 8.88
N PRO A 481 15.86 -51.88 9.06
CA PRO A 481 17.31 -51.77 9.24
C PRO A 481 18.05 -51.61 7.93
N ILE A 482 19.14 -50.87 7.98
CA ILE A 482 19.94 -50.55 6.80
C ILE A 482 20.73 -51.78 6.37
N LYS A 483 20.66 -52.10 5.09
CA LYS A 483 21.45 -53.18 4.52
C LYS A 483 22.77 -52.68 3.93
N GLU A 484 22.79 -51.48 3.37
CA GLU A 484 24.04 -50.85 2.93
C GLU A 484 23.81 -49.35 2.82
N GLU A 485 24.91 -48.61 2.87
CA GLU A 485 24.83 -47.15 2.80
C GLU A 485 26.15 -46.68 2.17
N VAL A 486 26.11 -46.44 0.86
CA VAL A 486 27.31 -46.18 0.08
C VAL A 486 27.33 -44.69 -0.28
N ALA A 487 28.34 -43.98 0.20
CA ALA A 487 28.54 -42.60 -0.20
C ALA A 487 28.97 -42.55 -1.67
N LEU A 488 28.38 -41.62 -2.41
CA LEU A 488 28.74 -41.44 -3.82
C LEU A 488 29.61 -40.22 -4.05
N THR A 489 29.46 -39.19 -3.21
CA THR A 489 30.31 -38.02 -3.24
C THR A 489 30.80 -37.72 -1.83
N SER A 490 31.93 -37.02 -1.74
CA SER A 490 32.52 -36.71 -0.45
C SER A 490 33.52 -35.58 -0.63
N GLY A 491 33.82 -34.89 0.47
CA GLY A 491 34.78 -33.81 0.49
C GLY A 491 34.23 -32.61 1.22
N GLU A 492 35.01 -31.54 1.25
CA GLU A 492 34.62 -30.29 1.92
C GLU A 492 33.79 -29.41 0.99
N TRP A 493 32.74 -30.00 0.43
CA TRP A 493 31.83 -29.33 -0.49
C TRP A 493 30.48 -30.00 -0.32
N GLU A 494 29.47 -29.52 -1.04
CA GLU A 494 28.14 -30.08 -0.86
C GLU A 494 27.38 -30.07 -2.18
N VAL A 495 26.32 -30.88 -2.22
CA VAL A 495 25.49 -31.05 -3.40
C VAL A 495 24.30 -30.11 -3.27
N LEU A 496 24.02 -29.36 -4.34
CA LEU A 496 22.87 -28.47 -4.34
C LEU A 496 21.59 -29.28 -4.19
N SER A 497 20.77 -28.90 -3.20
CA SER A 497 19.58 -29.67 -2.89
C SER A 497 18.33 -28.83 -2.68
N ARG A 498 18.43 -27.52 -2.52
CA ARG A 498 17.28 -26.67 -2.22
C ARG A 498 17.10 -25.62 -3.30
N HIS A 499 16.07 -24.79 -3.11
CA HIS A 499 15.75 -23.69 -4.02
C HIS A 499 15.47 -24.16 -5.44
N GLY A 500 14.84 -25.33 -5.58
CA GLY A 500 14.50 -25.84 -6.88
C GLY A 500 15.61 -26.57 -7.59
N SER A 501 16.58 -27.12 -6.86
CA SER A 501 17.63 -27.93 -7.44
C SER A 501 17.25 -29.40 -7.33
N LYS A 502 17.54 -30.16 -8.40
CA LYS A 502 17.14 -31.55 -8.48
C LYS A 502 18.29 -32.36 -9.06
N ILE A 503 18.09 -33.68 -9.10
CA ILE A 503 19.04 -34.59 -9.73
C ILE A 503 18.29 -35.35 -10.82
N TRP A 504 19.05 -35.79 -11.83
CA TRP A 504 18.51 -36.59 -12.91
C TRP A 504 19.24 -37.93 -12.92
N VAL A 505 18.48 -39.01 -12.85
CA VAL A 505 19.03 -40.36 -12.72
C VAL A 505 18.73 -41.11 -14.01
N ASN A 506 19.79 -41.57 -14.68
CA ASN A 506 19.66 -42.36 -15.88
C ASN A 506 19.89 -43.83 -15.54
N GLU A 507 18.82 -44.62 -15.60
CA GLU A 507 18.87 -46.01 -15.19
C GLU A 507 19.28 -46.96 -16.30
N GLN A 508 19.46 -46.47 -17.52
CA GLN A 508 19.99 -47.31 -18.60
C GLN A 508 21.50 -47.33 -18.61
N THR A 509 22.15 -46.38 -17.94
CA THR A 509 23.60 -46.32 -17.87
C THR A 509 24.14 -46.33 -16.45
N LYS A 510 23.25 -46.36 -15.45
CA LYS A 510 23.64 -46.37 -14.03
C LYS A 510 24.48 -45.14 -13.68
N LEU A 511 23.92 -43.97 -13.99
CA LEU A 511 24.56 -42.69 -13.68
C LEU A 511 23.58 -41.82 -12.90
N VAL A 512 24.09 -40.71 -12.39
CA VAL A 512 23.26 -39.71 -11.73
C VAL A 512 23.87 -38.34 -11.96
N TYR A 513 23.10 -37.44 -12.54
CA TYR A 513 23.54 -36.07 -12.81
C TYR A 513 23.05 -35.18 -11.68
N PHE A 514 23.92 -34.30 -11.18
CA PHE A 514 23.56 -33.41 -10.09
C PHE A 514 24.33 -32.11 -10.23
N GLN A 515 24.19 -31.25 -9.22
CA GLN A 515 24.88 -29.96 -9.18
C GLN A 515 25.47 -29.74 -7.80
N GLY A 516 26.67 -29.19 -7.76
CA GLY A 516 27.34 -29.01 -6.49
C GLY A 516 28.43 -27.96 -6.57
N THR A 517 29.14 -27.80 -5.46
CA THR A 517 30.18 -26.80 -5.33
C THR A 517 31.53 -27.45 -5.07
N LYS A 518 31.84 -28.52 -5.82
CA LYS A 518 33.10 -29.23 -5.61
C LYS A 518 34.29 -28.36 -5.99
N ASP A 519 34.17 -27.57 -7.05
CA ASP A 519 35.28 -26.74 -7.49
C ASP A 519 35.57 -25.62 -6.50
N THR A 520 34.59 -24.75 -6.26
CA THR A 520 34.78 -23.63 -5.38
C THR A 520 33.42 -23.16 -4.87
N PRO A 521 33.32 -22.70 -3.62
CA PRO A 521 32.00 -22.35 -3.08
C PRO A 521 31.33 -21.18 -3.80
N LEU A 522 31.99 -20.60 -4.78
CA LEU A 522 31.46 -19.48 -5.52
C LEU A 522 30.87 -19.87 -6.87
N GLU A 523 30.78 -21.16 -7.17
CA GLU A 523 30.30 -21.61 -8.46
C GLU A 523 29.43 -22.85 -8.31
N HIS A 524 28.40 -22.93 -9.13
CA HIS A 524 27.53 -24.10 -9.23
C HIS A 524 27.83 -24.79 -10.55
N HIS A 525 28.26 -26.04 -10.48
CA HIS A 525 28.62 -26.78 -11.68
C HIS A 525 27.84 -28.09 -11.75
N LEU A 526 27.77 -28.63 -12.95
CA LEU A 526 27.08 -29.90 -13.20
C LEU A 526 28.08 -31.04 -13.08
N TYR A 527 27.61 -32.17 -12.55
CA TYR A 527 28.47 -33.32 -12.35
C TYR A 527 27.70 -34.59 -12.70
N VAL A 528 28.43 -35.70 -12.77
CA VAL A 528 27.85 -37.01 -13.01
C VAL A 528 28.75 -38.05 -12.37
N VAL A 529 28.14 -39.09 -11.80
CA VAL A 529 28.89 -40.16 -11.17
C VAL A 529 28.05 -41.43 -11.25
N SER A 530 28.72 -42.56 -11.42
CA SER A 530 28.01 -43.84 -11.49
C SER A 530 27.51 -44.23 -10.11
N TYR A 531 26.20 -44.41 -9.99
CA TYR A 531 25.64 -44.78 -8.70
C TYR A 531 25.75 -46.26 -8.41
N GLU A 532 26.12 -47.08 -9.39
CA GLU A 532 26.41 -48.48 -9.11
C GLU A 532 27.79 -48.63 -8.51
N SER A 533 28.81 -48.08 -9.17
CA SER A 533 30.17 -48.06 -8.66
C SER A 533 30.57 -46.60 -8.47
N ALA A 534 30.75 -46.21 -7.22
CA ALA A 534 31.01 -44.81 -6.91
C ALA A 534 32.43 -44.42 -7.33
N GLY A 535 32.63 -44.21 -8.62
CA GLY A 535 33.95 -43.91 -9.13
C GLY A 535 34.34 -42.46 -8.98
N GLU A 536 34.82 -41.85 -10.06
CA GLU A 536 35.30 -40.48 -10.03
C GLU A 536 34.28 -39.56 -10.69
N ILE A 537 34.12 -38.38 -10.11
CA ILE A 537 33.12 -37.42 -10.54
C ILE A 537 33.65 -36.66 -11.74
N VAL A 538 32.76 -36.35 -12.68
CA VAL A 538 33.12 -35.68 -13.93
C VAL A 538 32.30 -34.41 -14.06
N ARG A 539 32.98 -33.27 -14.13
CA ARG A 539 32.32 -31.99 -14.34
C ARG A 539 31.96 -31.85 -15.82
N LEU A 540 30.75 -31.36 -16.07
CA LEU A 540 30.24 -31.22 -17.43
C LEU A 540 30.14 -29.78 -17.89
N THR A 541 30.47 -28.81 -17.04
CA THR A 541 30.39 -27.41 -17.39
C THR A 541 31.76 -26.77 -17.32
N THR A 542 31.92 -25.67 -18.04
CA THR A 542 33.20 -24.98 -18.09
C THR A 542 33.44 -24.21 -16.79
N PRO A 543 34.66 -24.20 -16.26
CA PRO A 543 34.92 -23.49 -15.01
C PRO A 543 34.90 -21.98 -15.23
N GLY A 544 34.88 -21.26 -14.12
CA GLY A 544 34.86 -19.81 -14.15
C GLY A 544 33.50 -19.18 -14.26
N PHE A 545 32.43 -19.96 -14.11
CA PHE A 545 31.08 -19.44 -14.16
C PHE A 545 30.25 -20.14 -13.09
N SER A 546 28.99 -19.74 -12.96
CA SER A 546 28.05 -20.41 -12.07
C SER A 546 26.88 -20.88 -12.92
N HIS A 547 26.62 -22.18 -12.91
CA HIS A 547 25.70 -22.79 -13.86
C HIS A 547 24.41 -23.23 -13.20
N SER A 548 23.30 -22.95 -13.86
CA SER A 548 21.99 -23.49 -13.52
C SER A 548 21.47 -24.20 -14.76
N CYS A 549 21.45 -25.53 -14.72
CA CYS A 549 21.20 -26.34 -15.90
C CYS A 549 20.09 -27.35 -15.65
N SER A 550 19.48 -27.80 -16.73
CA SER A 550 18.38 -28.75 -16.68
C SER A 550 18.57 -29.79 -17.77
N MET A 551 18.64 -31.06 -17.38
CA MET A 551 18.91 -32.16 -18.30
C MET A 551 17.71 -32.43 -19.20
N SER A 552 17.87 -33.42 -20.07
CA SER A 552 16.78 -33.97 -20.85
C SER A 552 16.32 -35.29 -20.22
N GLN A 553 15.11 -35.70 -20.57
CA GLN A 553 14.59 -36.98 -20.10
C GLN A 553 15.24 -38.16 -20.81
N ASN A 554 15.91 -37.94 -21.93
CA ASN A 554 16.62 -38.99 -22.64
C ASN A 554 18.12 -38.96 -22.40
N PHE A 555 18.63 -37.93 -21.73
CA PHE A 555 20.03 -37.82 -21.33
C PHE A 555 20.96 -37.76 -22.54
N ASP A 556 20.58 -36.95 -23.53
CA ASP A 556 21.42 -36.68 -24.67
C ASP A 556 21.67 -35.20 -24.89
N MET A 557 20.86 -34.33 -24.29
CA MET A 557 21.05 -32.89 -24.39
C MET A 557 20.80 -32.29 -23.02
N PHE A 558 21.33 -31.08 -22.82
CA PHE A 558 21.01 -30.33 -21.62
C PHE A 558 21.27 -28.86 -21.90
N VAL A 559 20.47 -28.00 -21.26
CA VAL A 559 20.57 -26.56 -21.39
C VAL A 559 21.14 -26.02 -20.10
N SER A 560 22.08 -25.08 -20.21
CA SER A 560 22.72 -24.49 -19.06
C SER A 560 22.58 -22.98 -19.10
N HIS A 561 22.27 -22.39 -17.96
CA HIS A 561 22.13 -20.95 -17.79
C HIS A 561 23.22 -20.51 -16.82
N TYR A 562 24.17 -19.71 -17.32
CA TYR A 562 25.32 -19.37 -16.52
C TYR A 562 25.79 -17.96 -16.80
N SER A 563 26.60 -17.45 -15.88
CA SER A 563 27.15 -16.09 -15.93
C SER A 563 28.29 -16.02 -14.93
N SER A 564 28.95 -14.85 -14.87
CA SER A 564 30.01 -14.61 -13.91
C SER A 564 29.90 -13.16 -13.46
N VAL A 565 30.78 -12.76 -12.54
CA VAL A 565 30.72 -11.42 -11.97
C VAL A 565 30.85 -10.37 -13.06
N SER A 566 31.64 -10.67 -14.09
CA SER A 566 31.93 -9.70 -15.14
C SER A 566 31.19 -9.97 -16.44
N THR A 567 30.27 -10.94 -16.47
CA THR A 567 29.55 -11.28 -17.69
C THR A 567 28.08 -11.53 -17.38
N PRO A 568 27.17 -10.92 -18.12
CA PRO A 568 25.75 -11.20 -17.95
C PRO A 568 25.41 -12.61 -18.39
N PRO A 569 24.22 -13.10 -18.06
CA PRO A 569 23.91 -14.51 -18.35
C PRO A 569 23.81 -14.79 -19.85
N CYS A 570 24.06 -16.05 -20.18
CA CYS A 570 23.80 -16.61 -21.50
C CYS A 570 23.26 -18.02 -21.31
N VAL A 571 22.46 -18.48 -22.28
CA VAL A 571 21.75 -19.74 -22.18
C VAL A 571 22.15 -20.58 -23.40
N HIS A 572 23.03 -21.55 -23.19
CA HIS A 572 23.46 -22.45 -24.24
C HIS A 572 22.84 -23.83 -24.05
N VAL A 573 22.80 -24.59 -25.15
CA VAL A 573 22.32 -25.96 -25.15
C VAL A 573 23.46 -26.87 -25.61
N TYR A 574 23.71 -27.93 -24.85
CA TYR A 574 24.81 -28.83 -25.13
C TYR A 574 24.27 -30.22 -25.47
N LYS A 575 25.07 -30.99 -26.20
CA LYS A 575 24.68 -32.31 -26.66
C LYS A 575 25.74 -33.31 -26.23
N LEU A 576 25.34 -34.29 -25.42
CA LEU A 576 26.28 -35.27 -24.88
C LEU A 576 26.60 -36.30 -25.94
N SER A 577 27.81 -36.23 -26.50
CA SER A 577 28.25 -37.16 -27.52
C SER A 577 29.42 -37.97 -26.99
N GLY A 578 29.74 -39.05 -27.70
CA GLY A 578 30.81 -39.93 -27.31
C GLY A 578 30.49 -41.38 -27.58
N PRO A 579 31.43 -42.27 -27.30
CA PRO A 579 31.17 -43.70 -27.53
C PRO A 579 30.10 -44.21 -26.59
N ASP A 580 29.20 -45.03 -27.13
CA ASP A 580 28.07 -45.53 -26.36
C ASP A 580 28.46 -46.54 -25.29
N ASP A 581 29.66 -47.12 -25.37
CA ASP A 581 30.05 -48.12 -24.38
C ASP A 581 30.50 -47.50 -23.08
N ASP A 582 31.15 -46.34 -23.12
CA ASP A 582 31.55 -45.65 -21.91
C ASP A 582 30.74 -44.36 -21.79
N PRO A 583 29.63 -44.40 -21.04
CA PRO A 583 28.75 -43.23 -21.00
C PRO A 583 29.19 -42.17 -20.00
N LEU A 584 30.01 -42.55 -19.03
CA LEU A 584 30.46 -41.58 -18.03
C LEU A 584 31.27 -40.46 -18.66
N HIS A 585 32.12 -40.79 -19.63
CA HIS A 585 33.01 -39.82 -20.25
C HIS A 585 32.46 -39.28 -21.57
N LYS A 586 31.15 -39.18 -21.70
CA LYS A 586 30.57 -38.54 -22.88
C LYS A 586 30.89 -37.06 -22.86
N GLN A 587 31.47 -36.57 -23.93
CA GLN A 587 31.92 -35.19 -23.89
C GLN A 587 30.76 -34.24 -24.20
N PRO A 588 30.63 -33.15 -23.45
CA PRO A 588 29.56 -32.18 -23.70
C PRO A 588 29.92 -31.26 -24.85
N ARG A 589 29.18 -31.35 -25.94
CA ARG A 589 29.44 -30.56 -27.13
C ARG A 589 28.50 -29.36 -27.19
N PHE A 590 29.07 -28.18 -27.39
CA PHE A 590 28.25 -26.99 -27.55
C PHE A 590 27.50 -27.06 -28.86
N TRP A 591 26.17 -27.10 -28.78
CA TRP A 591 25.33 -27.26 -29.96
C TRP A 591 24.77 -25.94 -30.48
N ALA A 592 24.04 -25.20 -29.66
CA ALA A 592 23.44 -23.94 -30.09
C ALA A 592 23.31 -23.03 -28.88
N SER A 593 22.80 -21.83 -29.14
CA SER A 593 22.61 -20.82 -28.09
C SER A 593 21.19 -20.31 -28.13
N MET A 594 20.66 -19.95 -26.96
CA MET A 594 19.34 -19.36 -26.88
C MET A 594 19.36 -17.94 -26.35
N MET A 595 20.50 -17.45 -25.89
CA MET A 595 20.63 -16.10 -25.36
C MET A 595 22.11 -15.82 -25.16
N GLU A 596 22.52 -14.58 -25.45
CA GLU A 596 23.91 -14.19 -25.34
C GLU A 596 24.07 -13.12 -24.26
N ALA A 597 25.33 -12.85 -23.90
CA ALA A 597 25.61 -11.85 -22.89
C ALA A 597 25.49 -10.45 -23.47
N ALA A 598 25.64 -9.45 -22.60
CA ALA A 598 25.52 -8.05 -23.01
C ALA A 598 26.74 -7.23 -22.61
N SER A 599 27.35 -7.59 -21.48
CA SER A 599 28.56 -7.06 -20.86
C SER A 599 28.35 -5.71 -20.17
N CYS A 600 27.13 -5.16 -20.27
CA CYS A 600 26.77 -3.87 -19.61
C CYS A 600 27.94 -2.89 -19.59
N PRO A 601 28.48 -2.46 -20.75
CA PRO A 601 29.65 -1.57 -20.80
C PRO A 601 29.68 -0.11 -20.32
N PRO A 602 28.62 0.73 -20.46
CA PRO A 602 28.74 2.18 -20.18
C PRO A 602 29.12 2.65 -18.77
N ASP A 603 28.59 2.03 -17.71
CA ASP A 603 28.84 2.57 -16.35
C ASP A 603 28.90 1.46 -15.30
N TYR A 604 29.10 0.20 -15.71
CA TYR A 604 29.07 -0.84 -14.69
C TYR A 604 30.47 -1.41 -14.53
N VAL A 605 31.09 -1.13 -13.39
CA VAL A 605 32.36 -1.74 -13.01
C VAL A 605 32.04 -2.98 -12.17
N PRO A 606 32.30 -4.19 -12.67
CA PRO A 606 31.95 -5.38 -11.89
C PRO A 606 32.78 -5.43 -10.63
N PRO A 607 32.19 -5.85 -9.51
CA PRO A 607 32.93 -5.87 -8.25
C PRO A 607 34.08 -6.86 -8.27
N GLU A 608 34.86 -6.89 -7.19
CA GLU A 608 36.04 -7.73 -7.13
C GLU A 608 35.93 -8.62 -5.90
N ILE A 609 35.86 -9.94 -6.13
CA ILE A 609 35.73 -10.88 -5.02
C ILE A 609 37.08 -11.01 -4.32
N PHE A 610 37.04 -11.10 -2.99
CA PHE A 610 38.23 -11.32 -2.19
C PHE A 610 37.91 -12.35 -1.12
N HIS A 611 38.87 -12.62 -0.26
CA HIS A 611 38.65 -13.50 0.87
C HIS A 611 39.76 -13.29 1.88
N PHE A 612 39.43 -13.48 3.15
CA PHE A 612 40.36 -13.24 4.24
C PHE A 612 40.16 -14.33 5.28
N HIS A 613 40.87 -14.20 6.39
CA HIS A 613 40.73 -15.09 7.53
C HIS A 613 40.42 -14.26 8.77
N THR A 614 39.79 -14.89 9.74
CA THR A 614 39.47 -14.25 11.00
C THR A 614 40.44 -14.70 12.07
N ARG A 615 40.34 -14.11 13.26
CA ARG A 615 41.18 -14.50 14.37
C ARG A 615 40.84 -15.88 14.92
N ALA A 616 39.68 -16.42 14.58
CA ALA A 616 39.34 -17.80 14.88
C ALA A 616 39.70 -18.75 13.76
N ASP A 617 40.49 -18.29 12.79
CA ASP A 617 40.96 -19.10 11.67
C ASP A 617 39.79 -19.69 10.88
N VAL A 618 39.01 -18.79 10.30
CA VAL A 618 37.84 -19.15 9.50
C VAL A 618 37.90 -18.31 8.24
N GLN A 619 37.85 -18.96 7.08
CA GLN A 619 37.88 -18.23 5.82
C GLN A 619 36.50 -17.70 5.49
N LEU A 620 36.42 -16.42 5.21
CA LEU A 620 35.21 -15.80 4.70
C LEU A 620 35.51 -15.16 3.36
N TYR A 621 34.46 -15.00 2.55
CA TYR A 621 34.58 -14.37 1.25
C TYR A 621 33.93 -12.99 1.31
N GLY A 622 33.90 -12.32 0.17
CA GLY A 622 33.33 -11.00 0.13
C GLY A 622 33.55 -10.37 -1.23
N MET A 623 33.16 -9.10 -1.32
CA MET A 623 33.34 -8.34 -2.56
C MET A 623 33.29 -6.87 -2.20
N ILE A 624 33.95 -6.06 -3.02
CA ILE A 624 34.05 -4.63 -2.78
C ILE A 624 33.80 -3.90 -4.10
N TYR A 625 33.01 -2.83 -4.04
CA TYR A 625 32.75 -1.98 -5.19
C TYR A 625 33.62 -0.74 -5.04
N LYS A 626 34.88 -0.83 -5.45
CA LYS A 626 35.78 0.29 -5.26
C LYS A 626 35.27 1.52 -6.00
N PRO A 627 35.46 2.71 -5.43
CA PRO A 627 34.79 3.90 -5.96
C PRO A 627 35.27 4.26 -7.36
N HIS A 628 34.36 4.75 -8.17
CA HIS A 628 34.72 5.27 -9.48
C HIS A 628 35.57 6.52 -9.32
N THR A 629 36.50 6.71 -10.27
CA THR A 629 37.40 7.87 -10.28
C THR A 629 38.15 8.00 -8.95
N LEU A 630 38.95 6.98 -8.65
CA LEU A 630 39.68 6.96 -7.39
C LEU A 630 41.01 7.68 -7.53
N GLN A 631 41.52 8.19 -6.41
CA GLN A 631 42.79 8.88 -6.36
C GLN A 631 43.59 8.37 -5.16
N PRO A 632 44.91 8.32 -5.28
CA PRO A 632 45.73 7.85 -4.16
C PRO A 632 45.70 8.84 -3.01
N GLY A 633 45.97 8.32 -1.81
CA GLY A 633 45.93 9.13 -0.61
C GLY A 633 44.58 9.75 -0.37
N ARG A 634 43.53 8.95 -0.49
CA ARG A 634 42.16 9.43 -0.33
C ARG A 634 41.41 8.51 0.60
N LYS A 635 40.22 8.96 1.02
CA LYS A 635 39.34 8.19 1.88
C LYS A 635 37.91 8.42 1.41
N HIS A 636 37.17 7.33 1.24
CA HIS A 636 35.79 7.45 0.78
C HIS A 636 34.84 6.94 1.85
N PRO A 637 33.63 7.51 1.94
CA PRO A 637 32.63 6.96 2.84
C PRO A 637 32.12 5.63 2.30
N THR A 638 31.92 4.68 3.22
CA THR A 638 31.60 3.32 2.85
C THR A 638 30.19 2.96 3.30
N VAL A 639 29.63 1.95 2.64
CA VAL A 639 28.29 1.47 2.94
C VAL A 639 28.34 -0.05 3.04
N LEU A 640 28.40 -0.57 4.27
CA LEU A 640 28.50 -2.01 4.48
C LEU A 640 27.12 -2.63 4.25
N PHE A 641 26.85 -2.94 2.98
CA PHE A 641 25.63 -3.67 2.67
C PHE A 641 25.69 -5.05 3.31
N VAL A 642 24.56 -5.50 3.85
CA VAL A 642 24.54 -6.70 4.67
C VAL A 642 23.18 -7.35 4.61
N TYR A 643 23.15 -8.67 4.47
CA TYR A 643 21.99 -9.48 4.79
C TYR A 643 22.26 -10.38 5.99
N GLY A 644 23.32 -11.20 5.92
CA GLY A 644 23.79 -11.94 7.07
C GLY A 644 22.96 -13.13 7.49
N GLY A 645 21.71 -13.22 7.06
CA GLY A 645 20.85 -14.28 7.52
C GLY A 645 21.12 -15.58 6.80
N PRO A 646 20.61 -16.67 7.38
CA PRO A 646 20.82 -18.00 6.80
C PRO A 646 20.08 -18.15 5.48
N GLN A 647 20.42 -19.23 4.78
CA GLN A 647 19.80 -19.64 3.52
C GLN A 647 20.02 -18.64 2.41
N VAL A 648 20.93 -17.69 2.59
CA VAL A 648 21.24 -16.70 1.56
C VAL A 648 22.75 -16.55 1.47
N GLN A 649 23.28 -16.67 0.26
CA GLN A 649 24.68 -16.39 0.00
C GLN A 649 24.76 -15.20 -0.95
N LEU A 650 25.44 -14.15 -0.49
CA LEU A 650 25.52 -12.91 -1.25
C LEU A 650 26.71 -12.86 -2.19
N VAL A 651 27.82 -13.50 -1.83
CA VAL A 651 29.06 -13.42 -2.60
C VAL A 651 29.23 -14.74 -3.34
N ASN A 652 29.06 -14.69 -4.65
CA ASN A 652 29.33 -15.84 -5.50
C ASN A 652 29.62 -15.33 -6.91
N ASN A 653 30.24 -16.19 -7.71
CA ASN A 653 30.72 -15.76 -9.02
C ASN A 653 29.59 -15.71 -10.03
N SER A 654 28.54 -14.97 -9.72
CA SER A 654 27.43 -14.73 -10.63
C SER A 654 27.31 -13.24 -10.91
N PHE A 655 26.53 -12.91 -11.93
CA PHE A 655 26.38 -11.52 -12.37
C PHE A 655 25.43 -10.79 -11.44
N LYS A 656 25.97 -9.90 -10.61
CA LYS A 656 25.16 -9.06 -9.74
C LYS A 656 24.75 -7.75 -10.41
N GLY A 657 24.85 -7.67 -11.73
CA GLY A 657 24.69 -6.41 -12.42
C GLY A 657 23.26 -5.92 -12.54
N ILE A 658 22.29 -6.84 -12.56
CA ILE A 658 20.90 -6.46 -12.67
C ILE A 658 20.15 -6.62 -11.36
N LYS A 659 20.56 -7.54 -10.50
CA LYS A 659 19.90 -7.70 -9.21
C LYS A 659 20.23 -6.54 -8.28
N TYR A 660 21.51 -6.35 -7.97
CA TYR A 660 21.96 -5.25 -7.12
C TYR A 660 22.79 -4.32 -7.98
N LEU A 661 22.12 -3.39 -8.67
CA LEU A 661 22.82 -2.34 -9.39
C LEU A 661 22.83 -1.03 -8.62
N ARG A 662 21.93 -0.85 -7.65
CA ARG A 662 21.98 0.33 -6.81
C ARG A 662 23.34 0.45 -6.13
N LEU A 663 23.91 -0.68 -5.73
CA LEU A 663 25.26 -0.67 -5.16
C LEU A 663 26.29 -0.15 -6.17
N ASN A 664 26.06 -0.38 -7.46
CA ASN A 664 26.93 0.22 -8.47
C ASN A 664 26.71 1.71 -8.56
N THR A 665 25.45 2.15 -8.45
CA THR A 665 25.18 3.59 -8.43
C THR A 665 25.77 4.23 -7.18
N LEU A 666 25.66 3.57 -6.03
CA LEU A 666 26.38 4.02 -4.84
C LEU A 666 27.86 4.20 -5.14
N ALA A 667 28.45 3.22 -5.82
CA ALA A 667 29.87 3.33 -6.16
C ALA A 667 30.11 4.41 -7.19
N SER A 668 29.15 4.63 -8.09
CA SER A 668 29.32 5.65 -9.11
C SER A 668 29.40 7.05 -8.54
N LEU A 669 28.88 7.26 -7.33
CA LEU A 669 28.95 8.58 -6.71
C LEU A 669 30.21 8.77 -5.88
N GLY A 670 30.81 7.70 -5.40
CA GLY A 670 32.04 7.82 -4.63
C GLY A 670 32.04 7.00 -3.36
N TYR A 671 30.99 6.24 -3.13
CA TYR A 671 30.92 5.35 -1.98
C TYR A 671 31.62 4.03 -2.29
N ALA A 672 32.18 3.42 -1.24
CA ALA A 672 32.84 2.14 -1.35
C ALA A 672 31.96 1.09 -0.67
N VAL A 673 31.33 0.25 -1.47
CA VAL A 673 30.39 -0.75 -0.97
C VAL A 673 31.16 -2.01 -0.60
N VAL A 674 30.88 -2.54 0.58
CA VAL A 674 31.53 -3.76 1.07
C VAL A 674 30.44 -4.77 1.40
N VAL A 675 30.40 -5.87 0.66
CA VAL A 675 29.54 -7.00 0.96
C VAL A 675 30.41 -8.09 1.57
N ILE A 676 29.86 -8.82 2.53
CA ILE A 676 30.60 -9.90 3.18
C ILE A 676 29.61 -10.93 3.68
N ASP A 677 29.88 -12.20 3.34
CA ASP A 677 29.06 -13.32 3.79
C ASP A 677 29.71 -13.95 5.01
N GLY A 678 29.30 -13.47 6.18
CA GLY A 678 29.86 -13.95 7.42
C GLY A 678 29.31 -15.32 7.79
N ARG A 679 29.72 -15.78 8.97
CA ARG A 679 29.26 -17.07 9.46
C ARG A 679 27.75 -17.05 9.64
N GLY A 680 27.08 -18.06 9.07
CA GLY A 680 25.64 -18.16 9.08
C GLY A 680 25.03 -18.33 7.71
N SER A 681 25.74 -17.89 6.67
CA SER A 681 25.23 -18.00 5.31
C SER A 681 25.24 -19.47 4.87
N CYS A 682 24.75 -19.70 3.66
CA CYS A 682 24.63 -21.04 3.12
C CYS A 682 25.80 -21.35 2.19
N GLN A 683 25.75 -22.51 1.55
CA GLN A 683 26.71 -22.99 0.56
C GLN A 683 28.10 -23.25 1.15
N ARG A 684 28.22 -23.44 2.46
CA ARG A 684 29.52 -23.68 3.08
C ARG A 684 29.46 -24.78 4.12
N GLY A 685 28.38 -25.53 4.19
CA GLY A 685 28.28 -26.65 5.10
C GLY A 685 27.33 -26.35 6.24
N LEU A 686 27.31 -27.27 7.20
CA LEU A 686 26.41 -27.15 8.34
C LEU A 686 27.12 -26.47 9.52
N HIS A 687 28.27 -27.00 9.92
CA HIS A 687 29.01 -26.47 11.06
C HIS A 687 29.34 -25.00 10.88
N PHE A 688 29.46 -24.57 9.62
CA PHE A 688 29.70 -23.16 9.33
C PHE A 688 28.43 -22.35 9.54
N GLU A 689 27.30 -22.87 9.06
CA GLU A 689 26.02 -22.21 9.24
C GLU A 689 25.48 -22.36 10.66
N GLY A 690 25.94 -23.38 11.38
CA GLY A 690 25.44 -23.66 12.70
C GLY A 690 26.02 -22.78 13.79
N ALA A 691 26.52 -21.61 13.41
CA ALA A 691 27.04 -20.65 14.39
C ALA A 691 25.96 -19.73 14.93
N LEU A 692 24.80 -19.68 14.28
CA LEU A 692 23.69 -18.83 14.72
C LEU A 692 22.82 -19.49 15.77
N LYS A 693 23.02 -20.78 16.05
CA LYS A 693 22.08 -21.52 16.87
C LYS A 693 21.93 -20.88 18.24
N ASN A 694 20.74 -20.37 18.52
CA ASN A 694 20.36 -19.77 19.80
C ASN A 694 21.13 -18.50 20.12
N GLN A 695 21.94 -18.00 19.19
CA GLN A 695 22.68 -16.76 19.38
C GLN A 695 22.46 -15.83 18.21
N MET A 696 21.31 -15.94 17.56
CA MET A 696 21.00 -15.12 16.41
C MET A 696 21.06 -13.65 16.77
N GLY A 697 21.83 -12.88 16.02
CA GLY A 697 21.97 -11.46 16.29
C GLY A 697 23.30 -11.08 16.91
N GLN A 698 23.80 -11.93 17.81
CA GLN A 698 24.97 -11.57 18.60
C GLN A 698 26.30 -11.81 17.90
N VAL A 699 26.35 -12.61 16.85
CA VAL A 699 27.60 -13.12 16.30
C VAL A 699 27.83 -12.64 14.87
N GLU A 700 26.77 -12.26 14.16
CA GLU A 700 26.95 -11.92 12.74
C GLU A 700 27.58 -10.55 12.54
N ILE A 701 27.51 -9.67 13.53
CA ILE A 701 28.10 -8.34 13.38
C ILE A 701 29.61 -8.39 13.52
N GLU A 702 30.11 -9.21 14.47
CA GLU A 702 31.55 -9.33 14.64
C GLU A 702 32.24 -9.75 13.35
N ASP A 703 31.58 -10.60 12.55
CA ASP A 703 32.14 -10.95 11.25
C ASP A 703 32.07 -9.80 10.26
N GLN A 704 31.08 -8.92 10.40
CA GLN A 704 30.99 -7.79 9.48
C GLN A 704 32.03 -6.73 9.80
N VAL A 705 32.28 -6.49 11.10
CA VAL A 705 33.26 -5.48 11.47
C VAL A 705 34.68 -6.01 11.29
N GLU A 706 34.89 -7.30 11.52
CA GLU A 706 36.19 -7.89 11.26
C GLU A 706 36.52 -7.85 9.78
N GLY A 707 35.54 -8.15 8.94
CA GLY A 707 35.73 -8.05 7.51
C GLY A 707 35.70 -6.65 6.96
N LEU A 708 35.36 -5.67 7.79
CA LEU A 708 35.43 -4.27 7.36
C LEU A 708 36.76 -3.65 7.72
N GLN A 709 37.34 -4.05 8.85
CA GLN A 709 38.66 -3.58 9.21
C GLN A 709 39.75 -4.18 8.33
N TYR A 710 39.51 -5.38 7.80
CA TYR A 710 40.48 -6.00 6.90
C TYR A 710 40.64 -5.17 5.64
N VAL A 711 39.52 -4.73 5.05
CA VAL A 711 39.59 -3.94 3.83
C VAL A 711 40.28 -2.61 4.07
N ALA A 712 40.39 -2.17 5.34
CA ALA A 712 41.18 -0.99 5.63
C ALA A 712 42.67 -1.25 5.45
N GLU A 713 43.10 -2.49 5.61
CA GLU A 713 44.51 -2.82 5.42
C GLU A 713 44.83 -3.07 3.96
N LYS A 714 44.15 -4.06 3.35
CA LYS A 714 44.38 -4.42 1.96
C LYS A 714 44.23 -3.22 1.05
N TYR A 715 43.06 -2.58 1.09
CA TYR A 715 42.86 -1.36 0.34
C TYR A 715 43.03 -0.16 1.27
N GLY A 716 43.20 1.02 0.70
CA GLY A 716 43.49 2.19 1.51
C GLY A 716 42.48 3.30 1.37
N PHE A 717 41.50 3.14 0.49
CA PHE A 717 40.52 4.18 0.22
C PHE A 717 39.29 4.10 1.13
N ILE A 718 39.33 3.27 2.16
CA ILE A 718 38.19 3.10 3.06
C ILE A 718 38.33 4.10 4.20
N ASP A 719 37.35 4.99 4.32
CA ASP A 719 37.29 5.97 5.41
C ASP A 719 36.47 5.37 6.53
N LEU A 720 37.16 4.86 7.56
CA LEU A 720 36.47 4.28 8.70
C LEU A 720 35.80 5.32 9.58
N SER A 721 36.03 6.61 9.32
CA SER A 721 35.31 7.64 10.07
C SER A 721 33.85 7.70 9.68
N ARG A 722 33.56 7.52 8.39
CA ARG A 722 32.20 7.60 7.87
C ARG A 722 31.80 6.23 7.34
N VAL A 723 31.26 5.40 8.22
CA VAL A 723 30.80 4.06 7.87
C VAL A 723 29.30 3.98 8.07
N ALA A 724 28.58 3.64 7.01
CA ALA A 724 27.14 3.42 7.09
C ALA A 724 26.88 1.92 7.33
N ILE A 725 25.63 1.51 7.20
CA ILE A 725 25.24 0.11 7.17
C ILE A 725 23.83 0.06 6.60
N HIS A 726 23.49 -1.02 5.90
CA HIS A 726 22.21 -1.04 5.19
C HIS A 726 21.82 -2.47 4.91
N GLY A 727 20.55 -2.81 5.17
CA GLY A 727 20.08 -4.16 4.95
C GLY A 727 18.60 -4.22 4.65
N TRP A 728 18.04 -5.43 4.54
CA TRP A 728 16.62 -5.58 4.24
C TRP A 728 16.11 -6.89 4.84
N SER A 729 15.29 -6.78 5.88
CA SER A 729 14.47 -7.84 6.45
C SER A 729 15.26 -8.88 7.23
N TYR A 730 16.58 -8.90 7.06
CA TYR A 730 17.45 -9.48 8.07
C TYR A 730 18.60 -8.52 8.28
N GLY A 731 19.09 -7.94 7.17
CA GLY A 731 20.04 -6.86 7.29
C GLY A 731 19.45 -5.61 7.91
N GLY A 732 18.16 -5.38 7.68
CA GLY A 732 17.46 -4.38 8.47
C GLY A 732 17.51 -4.69 9.95
N PHE A 733 17.34 -5.97 10.29
CA PHE A 733 17.52 -6.38 11.69
C PHE A 733 18.99 -6.26 12.09
N LEU A 734 19.90 -6.54 11.17
CA LEU A 734 21.33 -6.45 11.48
C LEU A 734 21.84 -5.03 11.42
N SER A 735 21.18 -4.16 10.64
CA SER A 735 21.53 -2.74 10.65
C SER A 735 21.36 -2.17 12.05
N LEU A 736 20.30 -2.60 12.74
CA LEU A 736 20.04 -2.08 14.09
C LEU A 736 20.97 -2.69 15.12
N MET A 737 21.33 -3.97 14.97
CA MET A 737 22.22 -4.59 15.92
C MET A 737 23.62 -4.01 15.86
N GLY A 738 24.08 -3.62 14.68
CA GLY A 738 25.39 -3.00 14.55
C GLY A 738 25.44 -1.67 15.27
N LEU A 739 24.42 -0.84 15.04
CA LEU A 739 24.36 0.46 15.70
C LEU A 739 24.26 0.34 17.21
N ILE A 740 23.75 -0.77 17.72
CA ILE A 740 23.68 -0.98 19.16
C ILE A 740 25.02 -1.46 19.67
N HIS A 741 25.54 -2.52 19.08
CA HIS A 741 26.76 -3.14 19.59
C HIS A 741 28.00 -2.31 19.25
N LYS A 742 28.05 -1.74 18.05
CA LYS A 742 29.22 -1.03 17.56
C LYS A 742 28.85 0.41 17.19
N PRO A 743 28.48 1.24 18.17
CA PRO A 743 28.09 2.61 17.83
C PRO A 743 29.24 3.45 17.31
N GLN A 744 30.48 3.13 17.68
CA GLN A 744 31.63 3.91 17.23
C GLN A 744 32.06 3.54 15.81
N VAL A 745 31.64 2.39 15.30
CA VAL A 745 32.03 1.99 13.96
C VAL A 745 31.04 2.51 12.92
N PHE A 746 29.75 2.50 13.23
CA PHE A 746 28.71 2.86 12.29
C PHE A 746 28.13 4.22 12.66
N LYS A 747 28.17 5.16 11.72
CA LYS A 747 27.62 6.48 12.00
C LYS A 747 26.12 6.51 11.79
N VAL A 748 25.63 6.02 10.66
CA VAL A 748 24.22 5.94 10.37
C VAL A 748 23.82 4.47 10.30
N ALA A 749 22.53 4.23 10.15
CA ALA A 749 22.02 2.87 10.01
C ALA A 749 20.65 2.89 9.35
N ILE A 750 20.53 2.29 8.19
CA ILE A 750 19.31 2.35 7.39
C ILE A 750 18.71 0.96 7.36
N ALA A 751 17.78 0.69 8.28
CA ALA A 751 17.15 -0.62 8.36
C ALA A 751 15.94 -0.69 7.46
N GLY A 752 15.77 -1.84 6.80
CA GLY A 752 14.65 -2.01 5.91
C GLY A 752 13.80 -3.22 6.27
N ALA A 753 12.50 -2.99 6.50
CA ALA A 753 11.56 -4.00 6.95
C ALA A 753 12.17 -4.87 8.05
N PRO A 754 12.68 -4.27 9.13
CA PRO A 754 13.45 -5.04 10.10
C PRO A 754 12.57 -6.02 10.87
N VAL A 755 13.23 -6.92 11.58
CA VAL A 755 12.58 -7.86 12.48
C VAL A 755 13.01 -7.44 13.88
N THR A 756 12.17 -6.67 14.57
CA THR A 756 12.56 -6.06 15.82
C THR A 756 12.43 -7.02 17.00
N VAL A 757 11.27 -7.67 17.14
CA VAL A 757 11.02 -8.60 18.23
C VAL A 757 10.87 -10.00 17.65
N TRP A 758 11.57 -10.96 18.27
CA TRP A 758 11.61 -12.33 17.77
C TRP A 758 10.48 -13.19 18.28
N MET A 759 9.73 -12.71 19.27
CA MET A 759 8.60 -13.47 19.79
C MET A 759 7.33 -13.27 18.96
N ALA A 760 7.41 -12.55 17.85
CA ALA A 760 6.26 -12.29 17.00
C ALA A 760 6.52 -12.73 15.56
N TYR A 761 7.34 -13.76 15.40
CA TYR A 761 7.60 -14.35 14.09
C TYR A 761 7.16 -15.81 14.13
N ASP A 762 6.90 -16.37 12.95
CA ASP A 762 6.22 -17.65 12.88
C ASP A 762 7.10 -18.79 13.38
N THR A 763 6.51 -19.98 13.45
CA THR A 763 7.18 -21.12 14.04
C THR A 763 8.19 -21.75 13.07
N GLY A 764 7.83 -21.85 11.80
CA GLY A 764 8.65 -22.58 10.85
C GLY A 764 10.07 -22.09 10.73
N TYR A 765 10.34 -20.83 11.12
CA TYR A 765 11.66 -20.23 10.97
C TYR A 765 12.32 -19.96 12.31
N THR A 766 11.60 -19.34 13.24
CA THR A 766 12.20 -18.98 14.53
C THR A 766 12.57 -20.22 15.33
N GLU A 767 11.71 -21.23 15.36
CA GLU A 767 12.01 -22.44 16.11
C GLU A 767 13.19 -23.19 15.53
N ARG A 768 13.36 -23.14 14.21
CA ARG A 768 14.48 -23.83 13.58
C ARG A 768 15.81 -23.32 14.13
N TYR A 769 15.96 -22.01 14.23
CA TYR A 769 17.23 -21.42 14.65
C TYR A 769 17.25 -20.98 16.11
N MET A 770 16.09 -20.70 16.71
CA MET A 770 16.08 -20.03 18.00
C MET A 770 15.38 -20.78 19.13
N ASP A 771 14.80 -21.96 18.88
CA ASP A 771 14.47 -22.84 20.01
C ASP A 771 13.51 -22.23 21.02
N VAL A 772 12.20 -22.30 20.75
CA VAL A 772 11.12 -21.46 21.28
C VAL A 772 11.34 -20.85 22.66
N PRO A 773 10.92 -19.58 22.86
CA PRO A 773 11.29 -18.80 24.05
C PRO A 773 11.23 -19.51 25.39
N GLU A 774 10.45 -20.59 25.50
CA GLU A 774 10.48 -21.37 26.72
C GLU A 774 11.88 -21.86 27.05
N ASN A 775 12.70 -22.11 26.02
CA ASN A 775 14.03 -22.66 26.20
C ASN A 775 15.13 -21.63 26.01
N ASN A 776 14.95 -20.67 25.11
CA ASN A 776 16.00 -19.72 24.76
C ASN A 776 15.64 -18.30 25.19
N GLN A 777 14.95 -18.16 26.33
CA GLN A 777 14.52 -16.84 26.76
C GLN A 777 15.69 -15.92 27.01
N GLN A 778 16.88 -16.48 27.27
CA GLN A 778 18.08 -15.66 27.36
C GLN A 778 18.44 -15.07 26.00
N GLY A 779 18.44 -15.90 24.95
CA GLY A 779 18.81 -15.42 23.63
C GLY A 779 17.75 -14.61 22.94
N TYR A 780 16.47 -14.89 23.22
CA TYR A 780 15.41 -14.07 22.66
C TYR A 780 15.50 -12.64 23.17
N GLU A 781 15.93 -12.48 24.43
CA GLU A 781 16.06 -11.15 25.02
C GLU A 781 17.12 -10.34 24.28
N ALA A 782 18.35 -10.86 24.21
CA ALA A 782 19.45 -10.13 23.61
C ALA A 782 19.41 -10.10 22.08
N GLY A 783 18.46 -10.80 21.47
CA GLY A 783 18.37 -10.80 20.02
C GLY A 783 17.32 -9.84 19.51
N SER A 784 16.25 -9.65 20.28
CA SER A 784 15.22 -8.72 19.90
C SER A 784 15.73 -7.29 20.07
N VAL A 785 15.82 -6.56 18.96
CA VAL A 785 16.44 -5.24 19.00
C VAL A 785 15.53 -4.18 19.62
N ALA A 786 14.23 -4.43 19.68
CA ALA A 786 13.32 -3.48 20.29
C ALA A 786 13.41 -3.45 21.81
N LEU A 787 14.05 -4.44 22.42
CA LEU A 787 14.20 -4.50 23.86
C LEU A 787 15.51 -3.90 24.35
N HIS A 788 16.22 -3.18 23.47
CA HIS A 788 17.47 -2.53 23.82
C HIS A 788 17.51 -1.12 23.29
N VAL A 789 16.35 -0.47 23.20
CA VAL A 789 16.25 0.80 22.50
C VAL A 789 17.06 1.89 23.20
N GLU A 790 17.40 1.69 24.46
CA GLU A 790 18.11 2.74 25.20
C GLU A 790 19.58 2.81 24.83
N LYS A 791 20.08 1.86 24.04
CA LYS A 791 21.47 1.88 23.60
C LYS A 791 21.63 2.49 22.21
N LEU A 792 20.53 2.85 21.56
CA LEU A 792 20.59 3.51 20.27
C LEU A 792 21.12 4.94 20.43
N PRO A 793 21.51 5.60 19.33
CA PRO A 793 22.20 6.89 19.47
C PRO A 793 21.23 7.99 19.94
N ASN A 794 21.72 8.84 20.85
CA ASN A 794 20.94 9.99 21.27
C ASN A 794 20.90 11.07 20.20
N GLU A 795 21.97 11.22 19.44
CA GLU A 795 22.00 12.24 18.40
C GLU A 795 20.96 11.92 17.33
N PRO A 796 20.41 12.94 16.69
CA PRO A 796 19.49 12.71 15.58
C PRO A 796 20.24 12.40 14.29
N ASN A 797 19.47 11.98 13.29
CA ASN A 797 19.99 11.71 11.95
C ASN A 797 21.00 10.57 11.96
N ARG A 798 20.73 9.54 12.77
CA ARG A 798 21.58 8.36 12.78
C ARG A 798 20.75 7.09 12.71
N LEU A 799 19.50 7.19 12.25
CA LEU A 799 18.65 6.01 12.11
C LEU A 799 17.49 6.27 11.16
N LEU A 800 17.45 5.55 10.05
CA LEU A 800 16.31 5.57 9.15
C LEU A 800 15.62 4.22 9.25
N ILE A 801 14.29 4.23 9.12
CA ILE A 801 13.50 3.01 9.18
C ILE A 801 12.56 2.98 7.98
N LEU A 802 12.49 1.83 7.33
CA LEU A 802 11.60 1.64 6.19
C LEU A 802 10.84 0.33 6.37
N HIS A 803 9.59 0.34 5.96
CA HIS A 803 8.75 -0.85 6.08
C HIS A 803 7.56 -0.70 5.14
N GLY A 804 7.06 -1.84 4.67
CA GLY A 804 5.86 -1.85 3.86
C GLY A 804 4.63 -2.06 4.71
N PHE A 805 3.56 -1.36 4.36
CA PHE A 805 2.35 -1.40 5.17
C PHE A 805 1.62 -2.73 5.02
N LEU A 806 1.41 -3.17 3.79
CA LEU A 806 0.68 -4.41 3.52
C LEU A 806 1.49 -5.64 3.81
N ASP A 807 2.69 -5.52 4.37
CA ASP A 807 3.56 -6.67 4.53
C ASP A 807 2.91 -7.73 5.40
N GLU A 808 2.95 -8.98 4.92
CA GLU A 808 2.45 -10.11 5.69
C GLU A 808 3.52 -11.14 6.01
N ASN A 809 4.74 -10.97 5.51
CA ASN A 809 5.84 -11.84 5.90
C ASN A 809 6.41 -11.40 7.25
N VAL A 810 6.90 -10.17 7.33
CA VAL A 810 7.20 -9.52 8.59
C VAL A 810 6.31 -8.28 8.63
N HIS A 811 5.33 -8.30 9.54
CA HIS A 811 4.26 -7.31 9.48
C HIS A 811 4.77 -5.94 9.89
N PHE A 812 3.98 -4.91 9.58
CA PHE A 812 4.28 -3.56 9.99
C PHE A 812 4.34 -3.40 11.49
N PHE A 813 3.81 -4.37 12.24
CA PHE A 813 3.90 -4.33 13.70
C PHE A 813 5.34 -4.20 14.18
N HIS A 814 6.28 -4.87 13.50
CA HIS A 814 7.66 -4.89 13.97
C HIS A 814 8.24 -3.48 13.99
N THR A 815 8.09 -2.74 12.88
CA THR A 815 8.48 -1.33 12.90
C THR A 815 7.60 -0.54 13.84
N ASN A 816 6.32 -0.91 13.94
CA ASN A 816 5.40 -0.14 14.76
C ASN A 816 5.70 -0.31 16.24
N PHE A 817 6.16 -1.49 16.65
CA PHE A 817 6.52 -1.70 18.05
C PHE A 817 7.86 -1.06 18.38
N LEU A 818 8.76 -1.00 17.40
CA LEU A 818 10.05 -0.36 17.64
C LEU A 818 9.89 1.12 17.89
N VAL A 819 9.14 1.79 17.02
CA VAL A 819 8.84 3.21 17.20
C VAL A 819 8.23 3.47 18.57
N SER A 820 7.35 2.57 19.01
CA SER A 820 6.75 2.71 20.34
C SER A 820 7.81 2.67 21.43
N GLN A 821 8.84 1.85 21.25
CA GLN A 821 9.89 1.75 22.25
C GLN A 821 10.84 2.94 22.19
N LEU A 822 11.03 3.52 21.01
CA LEU A 822 11.87 4.69 20.89
C LEU A 822 11.30 5.86 21.67
N ILE A 823 9.98 6.00 21.68
CA ILE A 823 9.36 7.15 22.35
C ILE A 823 9.38 6.98 23.86
N ARG A 824 9.27 5.74 24.34
CA ARG A 824 9.40 5.50 25.77
C ARG A 824 10.80 5.78 26.29
N ALA A 825 11.76 6.07 25.40
CA ALA A 825 13.11 6.41 25.80
C ALA A 825 13.61 7.74 25.25
N GLY A 826 12.91 8.32 24.28
CA GLY A 826 13.22 9.64 23.79
C GLY A 826 14.20 9.69 22.63
N LYS A 827 14.70 8.53 22.18
CA LYS A 827 15.68 8.54 21.11
C LYS A 827 15.04 9.00 19.80
N PRO A 828 15.76 9.74 19.00
CA PRO A 828 15.23 10.24 17.73
C PRO A 828 15.26 9.15 16.67
N TYR A 829 14.55 9.40 15.57
CA TYR A 829 14.49 8.48 14.45
C TYR A 829 13.85 9.20 13.28
N GLN A 830 13.85 8.53 12.14
CA GLN A 830 13.07 8.92 10.97
C GLN A 830 12.39 7.68 10.43
N LEU A 831 11.43 7.88 9.52
CA LEU A 831 10.62 6.74 9.10
C LEU A 831 10.06 7.00 7.73
N GLN A 832 9.99 5.95 6.93
CA GLN A 832 9.35 5.99 5.62
C GLN A 832 8.48 4.75 5.48
N ILE A 833 7.21 4.95 5.18
CA ILE A 833 6.26 3.86 5.02
C ILE A 833 5.92 3.73 3.54
N TYR A 834 5.73 2.50 3.09
CA TYR A 834 5.32 2.23 1.71
C TYR A 834 3.92 1.64 1.73
N PRO A 835 2.88 2.44 1.50
CA PRO A 835 1.52 1.96 1.78
C PRO A 835 1.08 0.82 0.89
N ASN A 836 1.41 0.85 -0.41
CA ASN A 836 0.96 -0.17 -1.34
C ASN A 836 1.99 -1.26 -1.59
N GLU A 837 2.87 -1.52 -0.62
CA GLU A 837 3.97 -2.45 -0.82
C GLU A 837 4.00 -3.51 0.25
N ARG A 838 4.01 -4.77 -0.18
CA ARG A 838 4.24 -5.91 0.69
C ARG A 838 5.73 -6.07 0.93
N HIS A 839 6.14 -7.23 1.43
CA HIS A 839 7.54 -7.48 1.79
C HIS A 839 8.54 -7.18 0.67
N SER A 840 8.08 -7.02 -0.57
CA SER A 840 8.98 -6.73 -1.68
C SER A 840 8.46 -5.53 -2.45
N ILE A 841 9.34 -4.57 -2.71
CA ILE A 841 8.94 -3.38 -3.46
C ILE A 841 8.69 -3.76 -4.90
N ARG A 842 7.45 -3.57 -5.36
CA ARG A 842 7.04 -4.08 -6.66
C ARG A 842 6.87 -2.96 -7.70
N CYS A 843 6.12 -1.91 -7.39
CA CYS A 843 5.93 -0.86 -8.39
C CYS A 843 7.18 0.00 -8.48
N ARG A 844 7.35 0.66 -9.64
CA ARG A 844 8.57 1.40 -9.87
C ARG A 844 8.61 2.70 -9.07
N GLU A 845 7.45 3.33 -8.87
CA GLU A 845 7.44 4.59 -8.12
C GLU A 845 7.85 4.37 -6.67
N SER A 846 7.58 3.19 -6.12
CA SER A 846 8.07 2.89 -4.78
C SER A 846 9.52 2.45 -4.80
N GLY A 847 10.00 1.95 -5.93
CA GLY A 847 11.41 1.62 -6.05
C GLY A 847 12.28 2.86 -6.19
N GLU A 848 11.91 3.75 -7.12
CA GLU A 848 12.62 5.01 -7.29
C GLU A 848 12.67 5.79 -5.99
N HIS A 849 11.51 6.01 -5.37
CA HIS A 849 11.45 6.75 -4.12
C HIS A 849 12.28 6.09 -3.03
N TYR A 850 12.46 4.77 -3.09
CA TYR A 850 13.30 4.12 -2.09
C TYR A 850 14.77 4.46 -2.31
N GLU A 851 15.24 4.42 -3.56
CA GLU A 851 16.64 4.72 -3.83
C GLU A 851 16.93 6.21 -3.74
N VAL A 852 16.02 7.04 -4.26
CA VAL A 852 16.22 8.49 -4.20
C VAL A 852 16.38 8.95 -2.77
N THR A 853 15.53 8.44 -1.87
CA THR A 853 15.65 8.81 -0.46
C THR A 853 16.85 8.15 0.19
N LEU A 854 17.35 7.07 -0.41
CA LEU A 854 18.52 6.40 0.16
C LEU A 854 19.77 7.23 -0.06
N LEU A 855 20.00 7.67 -1.29
CA LEU A 855 21.15 8.52 -1.59
C LEU A 855 21.09 9.80 -0.78
N HIS A 856 19.90 10.38 -0.63
CA HIS A 856 19.78 11.66 0.06
C HIS A 856 20.14 11.54 1.53
N PHE A 857 19.86 10.41 2.16
CA PHE A 857 20.22 10.26 3.57
C PHE A 857 21.74 10.21 3.73
N LEU A 858 22.42 9.41 2.91
CA LEU A 858 23.87 9.35 2.96
C LEU A 858 24.50 10.68 2.56
N GLN A 859 23.91 11.37 1.58
CA GLN A 859 24.47 12.62 1.11
C GLN A 859 24.54 13.65 2.21
N GLU A 860 23.55 13.66 3.12
CA GLU A 860 23.46 14.67 4.16
C GLU A 860 24.06 14.23 5.48
N HIS A 861 23.78 13.02 5.93
CA HIS A 861 24.09 12.62 7.30
C HIS A 861 25.31 11.73 7.44
N LEU A 862 25.95 11.36 6.33
CA LEU A 862 27.19 10.60 6.42
C LEU A 862 28.41 11.51 6.40
N ASP B 832 25.44 7.04 -58.45
CA ASP B 832 24.36 6.53 -59.28
C ASP B 832 23.74 5.28 -58.63
N ASP B 833 22.52 4.94 -59.05
CA ASP B 833 21.85 3.78 -58.50
C ASP B 833 22.29 2.49 -59.18
N ASP B 834 22.68 2.57 -60.45
CA ASP B 834 23.09 1.39 -61.18
C ASP B 834 24.36 0.80 -60.61
N PHE B 835 24.55 -0.50 -60.80
CA PHE B 835 25.77 -1.16 -60.38
C PHE B 835 26.94 -0.70 -61.25
N TRP B 836 28.04 -0.33 -60.59
CA TRP B 836 29.19 0.26 -61.26
C TRP B 836 30.21 -0.84 -61.56
N GLY B 837 30.43 -1.09 -62.85
CA GLY B 837 31.39 -2.08 -63.28
C GLY B 837 32.39 -1.53 -64.27
N PRO B 838 33.47 -2.27 -64.51
CA PRO B 838 34.47 -1.81 -65.49
C PRO B 838 33.90 -1.66 -66.89
N SER B 839 33.14 -2.64 -67.37
CA SER B 839 32.54 -2.56 -68.70
C SER B 839 31.56 -1.40 -68.76
N GLY B 840 30.51 -1.45 -67.96
CA GLY B 840 29.51 -0.40 -67.94
C GLY B 840 28.47 -0.61 -66.85
N PRO B 841 27.90 0.48 -66.36
CA PRO B 841 26.82 0.37 -65.38
C PRO B 841 25.64 -0.41 -65.95
N VAL B 842 25.19 -1.41 -65.20
CA VAL B 842 24.07 -2.25 -65.60
C VAL B 842 22.78 -1.56 -65.20
N SER B 843 21.81 -1.53 -66.11
CA SER B 843 20.54 -0.88 -65.84
C SER B 843 19.80 -1.61 -64.72
N THR B 844 19.42 -0.87 -63.69
CA THR B 844 18.76 -1.44 -62.53
C THR B 844 17.26 -1.24 -62.67
N GLU B 845 16.56 -2.31 -63.02
CA GLU B 845 15.11 -2.26 -63.17
C GLU B 845 14.42 -2.69 -61.89
N VAL B 846 13.49 -1.87 -61.45
CA VAL B 846 12.70 -2.15 -60.25
C VAL B 846 11.50 -2.99 -60.63
N VAL B 847 11.32 -4.11 -59.93
CA VAL B 847 10.18 -4.98 -60.23
C VAL B 847 8.94 -4.48 -59.52
N ASP B 848 9.00 -4.30 -58.21
CA ASP B 848 7.85 -3.85 -57.43
C ASP B 848 8.29 -2.79 -56.44
N ARG B 849 7.85 -1.55 -56.68
CA ARG B 849 8.26 -0.44 -55.84
C ARG B 849 7.67 -0.49 -54.44
N GLU B 850 6.59 -1.25 -54.24
CA GLU B 850 6.07 -1.41 -52.89
C GLU B 850 6.95 -2.29 -52.02
N ARG B 851 7.90 -2.99 -52.63
CA ARG B 851 8.91 -3.71 -51.87
C ARG B 851 10.30 -3.58 -52.47
N ASN B 852 10.50 -2.69 -53.45
CA ASN B 852 11.81 -2.32 -53.96
C ASN B 852 12.54 -3.50 -54.59
N LEU B 853 11.80 -4.44 -55.15
CA LEU B 853 12.40 -5.60 -55.78
C LEU B 853 13.17 -5.17 -57.03
N TYR B 854 14.49 -5.27 -56.98
CA TYR B 854 15.33 -5.01 -58.13
C TYR B 854 15.97 -6.31 -58.63
N ARG B 855 16.32 -6.33 -59.91
CA ARG B 855 16.95 -7.51 -60.50
C ARG B 855 17.79 -7.05 -61.68
N VAL B 856 19.08 -7.37 -61.66
CA VAL B 856 20.00 -6.95 -62.69
C VAL B 856 20.79 -8.15 -63.20
N ARG B 857 21.23 -8.06 -64.44
CA ARG B 857 22.00 -9.11 -65.07
C ARG B 857 23.47 -8.73 -65.06
N LEU B 858 24.26 -9.43 -64.26
CA LEU B 858 25.71 -9.36 -64.37
C LEU B 858 26.10 -9.82 -65.77
N PRO B 859 26.54 -8.91 -66.64
CA PRO B 859 26.77 -9.28 -68.04
C PRO B 859 28.03 -10.08 -68.27
N MET B 860 28.91 -10.16 -67.27
CA MET B 860 30.19 -10.83 -67.43
C MET B 860 30.76 -11.13 -66.05
N ALA B 861 31.95 -11.74 -66.04
CA ALA B 861 32.70 -11.93 -64.82
C ALA B 861 33.24 -10.59 -64.32
N GLY B 862 33.93 -10.63 -63.19
CA GLY B 862 34.55 -9.41 -62.68
C GLY B 862 34.02 -8.95 -61.33
N SER B 863 34.08 -7.65 -61.10
CA SER B 863 33.72 -7.07 -59.81
C SER B 863 32.99 -5.75 -60.02
N TYR B 864 31.74 -5.70 -59.56
CA TYR B 864 30.93 -4.48 -59.63
C TYR B 864 30.60 -4.02 -58.22
N HIS B 865 29.95 -2.87 -58.14
CA HIS B 865 29.45 -2.35 -56.88
C HIS B 865 28.35 -1.35 -57.16
N CYS B 866 27.52 -1.10 -56.14
CA CYS B 866 26.51 -0.06 -56.18
C CYS B 866 26.65 0.81 -54.93
N PRO B 867 26.89 2.11 -55.10
CA PRO B 867 27.07 2.99 -53.94
C PRO B 867 25.78 3.36 -53.25
N SER B 868 24.70 3.57 -54.02
CA SER B 868 23.42 3.95 -53.43
C SER B 868 22.98 2.97 -52.35
N THR B 869 23.36 1.71 -52.47
CA THR B 869 23.17 0.72 -51.42
C THR B 869 24.46 0.36 -50.71
N GLY B 870 25.60 0.66 -51.31
CA GLY B 870 26.88 0.30 -50.74
C GLY B 870 27.27 -1.15 -50.90
N LEU B 871 26.66 -1.87 -51.83
CA LEU B 871 26.96 -3.29 -52.01
C LEU B 871 28.10 -3.47 -52.99
N HIS B 872 28.83 -4.57 -52.84
CA HIS B 872 29.85 -4.96 -53.82
C HIS B 872 29.67 -6.42 -54.18
N PHE B 873 30.02 -6.78 -55.41
CA PHE B 873 29.87 -8.15 -55.88
C PHE B 873 31.07 -8.54 -56.74
N VAL B 874 31.47 -9.80 -56.63
CA VAL B 874 32.56 -10.37 -57.43
C VAL B 874 32.06 -11.71 -57.95
N VAL B 875 31.94 -11.82 -59.28
CA VAL B 875 31.33 -12.97 -59.93
C VAL B 875 32.25 -13.47 -61.05
N THR B 876 31.89 -14.64 -61.59
CA THR B 876 32.64 -15.25 -62.67
C THR B 876 31.83 -15.49 -63.94
N ARG B 877 30.52 -15.25 -63.94
CA ARG B 877 29.70 -15.51 -65.10
C ARG B 877 28.76 -14.32 -65.34
N ALA B 878 27.82 -14.50 -66.25
CA ALA B 878 26.77 -13.53 -66.54
C ALA B 878 25.47 -14.08 -65.97
N VAL B 879 25.01 -13.50 -64.86
CA VAL B 879 23.97 -14.13 -64.04
C VAL B 879 22.90 -13.11 -63.68
N THR B 880 21.65 -13.56 -63.68
CA THR B 880 20.54 -12.73 -63.22
C THR B 880 20.51 -12.73 -61.70
N ILE B 881 20.96 -11.64 -61.08
CA ILE B 881 20.98 -11.48 -59.64
C ILE B 881 19.75 -10.69 -59.23
N GLU B 882 19.11 -11.12 -58.14
CA GLU B 882 17.88 -10.51 -57.64
C GLU B 882 18.17 -9.93 -56.26
N ILE B 883 17.96 -8.63 -56.11
CA ILE B 883 18.22 -7.91 -54.87
C ILE B 883 16.89 -7.38 -54.35
N GLY B 884 16.62 -7.66 -53.08
CA GLY B 884 15.39 -7.18 -52.46
C GLY B 884 15.63 -6.63 -51.08
N PHE B 885 14.94 -5.54 -50.72
CA PHE B 885 15.06 -5.01 -49.38
C PHE B 885 14.04 -5.68 -48.46
N CYS B 886 14.37 -5.71 -47.17
CA CYS B 886 13.45 -6.24 -46.18
C CYS B 886 13.84 -5.71 -44.81
N ALA B 887 12.83 -5.44 -44.00
CA ALA B 887 13.05 -4.86 -42.69
C ALA B 887 13.65 -5.89 -41.73
N TRP B 888 14.59 -5.42 -40.91
CA TRP B 888 15.17 -6.28 -39.89
C TRP B 888 14.12 -6.80 -38.93
N SER B 889 13.10 -5.99 -38.64
CA SER B 889 12.20 -6.29 -37.53
C SER B 889 11.37 -7.54 -37.79
N GLN B 890 10.94 -7.77 -39.05
CA GLN B 890 10.04 -8.88 -39.29
C GLN B 890 10.74 -10.23 -39.23
N PHE B 891 12.06 -10.27 -39.38
CA PHE B 891 12.80 -11.50 -39.15
C PHE B 891 13.32 -11.62 -37.72
N LEU B 892 13.34 -10.51 -36.98
CA LEU B 892 13.84 -10.51 -35.62
C LEU B 892 12.75 -10.72 -34.57
N HIS B 893 11.48 -10.72 -34.98
CA HIS B 893 10.39 -10.81 -34.01
C HIS B 893 10.39 -12.13 -33.25
N GLU B 894 11.15 -13.12 -33.68
CA GLU B 894 11.17 -14.42 -33.03
C GLU B 894 12.46 -14.66 -32.25
N THR B 895 13.54 -14.00 -32.64
CA THR B 895 14.85 -14.27 -32.09
C THR B 895 15.22 -13.27 -31.00
N PRO B 896 15.98 -13.72 -30.00
CA PRO B 896 16.41 -12.82 -28.93
C PRO B 896 17.67 -12.03 -29.26
N LEU B 897 17.99 -11.93 -30.55
CA LEU B 897 19.24 -11.30 -30.98
C LEU B 897 19.39 -9.90 -30.40
N GLN B 898 18.35 -9.08 -30.48
CA GLN B 898 18.50 -7.64 -30.40
C GLN B 898 18.93 -7.12 -29.03
N HIS B 899 19.19 -7.99 -28.07
CA HIS B 899 19.69 -7.55 -26.78
C HIS B 899 21.14 -7.89 -26.52
N SER B 900 21.83 -8.49 -27.49
CA SER B 900 23.26 -8.76 -27.39
C SER B 900 24.05 -8.20 -28.56
N HIS B 901 23.52 -8.34 -29.77
CA HIS B 901 24.14 -7.80 -30.98
C HIS B 901 23.28 -6.67 -31.49
N MET B 902 23.91 -5.56 -31.88
CA MET B 902 23.17 -4.45 -32.44
C MET B 902 23.18 -4.54 -33.96
N VAL B 903 22.07 -4.11 -34.56
CA VAL B 903 22.00 -4.01 -36.01
C VAL B 903 23.11 -3.11 -36.51
N ALA B 904 23.84 -3.57 -37.52
CA ALA B 904 25.01 -2.85 -38.01
C ALA B 904 24.87 -2.39 -39.46
N GLY B 905 23.79 -2.76 -40.13
CA GLY B 905 23.63 -2.38 -41.51
C GLY B 905 22.32 -2.85 -42.10
N PRO B 906 22.08 -2.51 -43.36
CA PRO B 906 20.83 -2.90 -44.01
C PRO B 906 20.81 -4.39 -44.33
N LEU B 907 19.62 -4.98 -44.21
CA LEU B 907 19.43 -6.41 -44.36
C LEU B 907 18.86 -6.68 -45.75
N PHE B 908 19.68 -7.25 -46.62
CA PHE B 908 19.31 -7.47 -48.01
C PHE B 908 18.84 -8.91 -48.21
N ASP B 909 18.30 -9.17 -49.40
CA ASP B 909 17.85 -10.50 -49.80
C ASP B 909 18.35 -10.75 -51.21
N ILE B 910 19.15 -11.80 -51.38
CA ILE B 910 19.86 -12.05 -52.62
C ILE B 910 19.38 -13.37 -53.22
N LYS B 911 19.20 -13.39 -54.53
CA LYS B 911 18.82 -14.59 -55.25
C LYS B 911 19.69 -14.70 -56.51
N ALA B 912 20.11 -15.92 -56.80
CA ALA B 912 20.89 -16.21 -58.00
C ALA B 912 20.97 -17.73 -58.16
N GLU B 913 21.77 -18.17 -59.13
CA GLU B 913 22.17 -19.57 -59.21
C GLU B 913 23.28 -19.84 -58.20
N HIS B 914 23.45 -21.12 -57.86
CA HIS B 914 24.40 -21.51 -56.83
C HIS B 914 25.83 -21.11 -57.17
N GLY B 915 26.37 -21.68 -58.25
CA GLY B 915 27.73 -21.38 -58.63
C GLY B 915 27.85 -20.13 -59.48
N ALA B 916 27.32 -19.02 -58.97
CA ALA B 916 27.27 -17.76 -59.71
C ALA B 916 28.10 -16.66 -59.05
N VAL B 917 27.87 -16.42 -57.77
CA VAL B 917 28.53 -15.33 -57.05
C VAL B 917 29.65 -15.90 -56.19
N THR B 918 30.83 -15.29 -56.30
CA THR B 918 31.98 -15.71 -55.51
C THR B 918 32.09 -14.88 -54.24
N ALA B 919 32.14 -13.56 -54.37
CA ALA B 919 32.30 -12.67 -53.22
C ALA B 919 31.15 -11.66 -53.18
N VAL B 920 30.65 -11.41 -51.98
CA VAL B 920 29.69 -10.34 -51.76
C VAL B 920 30.24 -9.45 -50.65
N CYS B 921 29.89 -8.17 -50.72
CA CYS B 921 30.35 -7.20 -49.73
C CYS B 921 29.13 -6.41 -49.28
N LEU B 922 28.75 -6.61 -48.01
CA LEU B 922 27.58 -6.03 -47.36
C LEU B 922 27.97 -4.74 -46.66
N PRO B 923 27.23 -3.65 -46.88
CA PRO B 923 27.59 -2.38 -46.23
C PRO B 923 27.25 -2.39 -44.75
N HIS B 924 27.89 -1.48 -44.03
CA HIS B 924 27.62 -1.29 -42.60
C HIS B 924 28.02 0.12 -42.22
N PHE B 925 27.21 0.75 -41.37
CA PHE B 925 27.40 2.15 -41.03
C PHE B 925 28.36 2.37 -39.88
N VAL B 926 28.93 1.31 -39.33
CA VAL B 926 29.83 1.45 -38.19
C VAL B 926 31.13 2.09 -38.64
N SER B 927 31.60 3.08 -37.88
CA SER B 927 32.86 3.74 -38.17
C SER B 927 34.01 2.98 -37.52
N LEU B 928 35.14 2.96 -38.20
CA LEU B 928 36.29 2.18 -37.77
C LEU B 928 37.59 2.98 -37.85
N GLN B 929 37.57 4.08 -38.62
CA GLN B 929 38.77 4.79 -39.02
C GLN B 929 39.71 5.10 -37.86
N GLU B 930 39.19 5.33 -36.65
CA GLU B 930 40.08 5.55 -35.51
C GLU B 930 40.41 4.27 -34.77
N GLY B 931 39.90 3.12 -35.22
CA GLY B 931 40.18 1.87 -34.55
C GLY B 931 39.67 1.76 -33.13
N LYS B 932 38.75 2.63 -32.73
CA LYS B 932 38.18 2.56 -31.38
C LYS B 932 37.48 1.23 -31.13
N VAL B 933 36.74 0.73 -32.10
CA VAL B 933 36.06 -0.55 -31.98
C VAL B 933 36.87 -1.59 -32.75
N ASP B 934 36.81 -2.83 -32.28
CA ASP B 934 37.61 -3.91 -32.84
C ASP B 934 37.04 -4.36 -34.18
N SER B 935 37.90 -4.95 -35.01
CA SER B 935 37.51 -5.44 -36.32
C SER B 935 37.19 -6.93 -36.33
N SER B 936 36.99 -7.55 -35.16
CA SER B 936 36.63 -8.95 -35.09
C SER B 936 35.21 -9.18 -34.62
N LEU B 937 34.58 -8.20 -33.98
CA LEU B 937 33.27 -8.37 -33.39
C LEU B 937 32.15 -8.39 -34.42
N PHE B 938 32.45 -8.19 -35.70
CA PHE B 938 31.39 -8.18 -36.69
C PHE B 938 30.93 -9.60 -37.00
N HIS B 939 29.72 -9.71 -37.53
CA HIS B 939 29.16 -10.98 -37.94
C HIS B 939 28.21 -10.74 -39.11
N VAL B 940 27.88 -11.81 -39.81
CA VAL B 940 26.91 -11.80 -40.89
C VAL B 940 25.74 -12.70 -40.49
N ALA B 941 24.53 -12.22 -40.73
CA ALA B 941 23.34 -12.97 -40.35
C ALA B 941 22.90 -13.88 -41.48
N HIS B 942 22.39 -15.06 -41.10
CA HIS B 942 21.89 -16.03 -42.07
C HIS B 942 20.64 -16.66 -41.46
N PHE B 943 19.47 -16.24 -41.94
CA PHE B 943 18.23 -16.70 -41.34
C PHE B 943 17.78 -18.02 -41.92
N GLN B 944 17.12 -18.81 -41.08
CA GLN B 944 16.53 -20.08 -41.48
C GLN B 944 15.26 -20.29 -40.68
N ASP B 945 14.64 -21.45 -40.86
CA ASP B 945 13.48 -21.80 -40.05
C ASP B 945 13.90 -22.26 -38.66
N HIS B 946 15.03 -22.98 -38.57
CA HIS B 946 15.60 -23.35 -37.28
C HIS B 946 15.74 -22.15 -36.38
N GLY B 947 16.45 -21.14 -36.87
CA GLY B 947 16.83 -19.98 -36.08
C GLY B 947 17.64 -19.03 -36.93
N MET B 948 18.77 -18.58 -36.41
CA MET B 948 19.67 -17.71 -37.15
C MET B 948 21.10 -18.17 -36.95
N VAL B 949 21.88 -18.14 -38.02
CA VAL B 949 23.29 -18.52 -38.00
C VAL B 949 24.11 -17.24 -38.12
N LEU B 950 25.19 -17.18 -37.35
CA LEU B 950 25.97 -15.96 -37.15
C LEU B 950 27.38 -16.20 -37.65
N GLU B 951 27.61 -15.95 -38.94
CA GLU B 951 28.89 -16.23 -39.56
C GLU B 951 29.88 -15.11 -39.28
N THR B 952 31.16 -15.41 -39.49
CA THR B 952 32.20 -14.40 -39.36
C THR B 952 32.63 -13.94 -40.74
N PRO B 953 32.71 -12.63 -41.00
CA PRO B 953 33.10 -12.16 -42.33
C PRO B 953 34.54 -12.55 -42.64
N ALA B 954 34.80 -12.74 -43.93
CA ALA B 954 36.14 -13.06 -44.39
C ALA B 954 37.08 -11.87 -44.33
N ARG B 955 36.55 -10.65 -44.31
CA ARG B 955 37.39 -9.46 -44.29
C ARG B 955 36.53 -8.26 -43.93
N VAL B 956 36.98 -7.48 -42.96
CA VAL B 956 36.29 -6.24 -42.57
C VAL B 956 36.98 -5.08 -43.26
N GLU B 957 36.19 -4.11 -43.72
CA GLU B 957 36.73 -2.93 -44.38
C GLU B 957 35.95 -1.71 -43.91
N PRO B 958 36.58 -0.52 -43.95
CA PRO B 958 35.97 0.68 -43.36
C PRO B 958 34.54 0.98 -43.79
N HIS B 959 34.01 0.27 -44.78
CA HIS B 959 32.62 0.48 -45.15
C HIS B 959 31.85 -0.78 -45.48
N PHE B 960 32.44 -1.97 -45.35
CA PHE B 960 31.67 -3.17 -45.66
C PHE B 960 32.31 -4.39 -45.02
N ALA B 961 31.65 -5.54 -45.19
CA ALA B 961 32.13 -6.83 -44.75
C ALA B 961 32.06 -7.81 -45.92
N VAL B 962 33.06 -8.68 -46.00
CA VAL B 962 33.23 -9.59 -47.13
C VAL B 962 32.68 -10.95 -46.76
N LEU B 963 32.07 -11.62 -47.74
CA LEU B 963 31.53 -12.95 -47.56
C LEU B 963 31.79 -13.75 -48.83
N GLU B 964 32.38 -14.93 -48.69
CA GLU B 964 32.76 -15.76 -49.82
C GLU B 964 31.79 -16.92 -49.99
N ASN B 965 31.30 -17.09 -51.23
CA ASN B 965 30.39 -18.17 -51.60
C ASN B 965 29.15 -18.16 -50.73
N PRO B 966 28.26 -17.19 -50.89
CA PRO B 966 27.11 -17.06 -49.98
C PRO B 966 26.01 -18.06 -50.29
N SER B 967 25.33 -18.47 -49.22
CA SER B 967 24.10 -19.26 -49.32
C SER B 967 22.92 -18.28 -49.29
N PHE B 968 22.18 -18.22 -50.39
CA PHE B 968 21.26 -17.12 -50.61
C PHE B 968 20.15 -17.11 -49.57
N SER B 969 20.14 -16.06 -48.76
CA SER B 969 19.21 -15.89 -47.66
C SER B 969 19.09 -14.39 -47.39
N PRO B 970 18.22 -13.96 -46.47
CA PRO B 970 18.32 -12.58 -45.99
C PRO B 970 19.58 -12.41 -45.16
N MET B 971 20.45 -11.50 -45.58
CA MET B 971 21.77 -11.35 -44.99
C MET B 971 22.02 -9.90 -44.61
N GLY B 972 22.68 -9.72 -43.47
CA GLY B 972 23.02 -8.40 -42.96
C GLY B 972 24.16 -8.51 -41.97
N VAL B 973 24.64 -7.35 -41.55
CA VAL B 973 25.82 -7.24 -40.70
C VAL B 973 25.37 -6.95 -39.28
N LEU B 974 25.95 -7.66 -38.31
CA LEU B 974 25.65 -7.52 -36.89
C LEU B 974 26.92 -7.15 -36.15
N LEU B 975 26.78 -6.34 -35.09
CA LEU B 975 27.90 -5.98 -34.22
C LEU B 975 27.56 -6.36 -32.79
N ARG B 976 28.51 -6.97 -32.10
CA ARG B 976 28.30 -7.42 -30.74
C ARG B 976 28.30 -6.25 -29.78
N MET B 977 28.24 -6.57 -28.49
CA MET B 977 28.43 -5.70 -27.32
C MET B 977 27.21 -4.83 -26.99
N ILE B 978 26.05 -5.05 -27.62
CA ILE B 978 24.83 -4.25 -27.48
C ILE B 978 25.18 -2.77 -27.25
N PRO B 979 25.73 -2.09 -28.26
CA PRO B 979 26.18 -0.71 -28.06
C PRO B 979 25.08 0.34 -28.12
N ALA B 980 23.80 -0.04 -28.01
CA ALA B 980 22.73 0.94 -28.11
C ALA B 980 22.81 1.99 -27.00
N VAL B 981 23.41 1.65 -25.86
CA VAL B 981 23.64 2.61 -24.79
C VAL B 981 25.10 2.52 -24.37
N GLY B 982 25.75 1.41 -24.70
CA GLY B 982 27.10 1.14 -24.27
C GLY B 982 28.11 1.37 -25.37
N HIS B 983 29.35 1.65 -24.97
CA HIS B 983 30.52 1.76 -25.83
C HIS B 983 30.45 2.95 -26.78
N PHE B 984 29.32 3.66 -26.86
CA PHE B 984 29.13 4.83 -27.71
C PHE B 984 29.83 4.68 -29.06
N ILE B 985 29.66 3.51 -29.67
CA ILE B 985 30.42 3.15 -30.85
C ILE B 985 30.15 4.17 -31.97
N PRO B 986 31.18 4.56 -32.71
CA PRO B 986 30.97 5.57 -33.75
C PRO B 986 30.09 5.05 -34.86
N ILE B 987 29.30 5.95 -35.43
CA ILE B 987 28.30 5.62 -36.44
C ILE B 987 28.50 6.58 -37.60
N THR B 988 28.82 6.05 -38.77
CA THR B 988 28.97 6.91 -39.94
C THR B 988 27.59 7.36 -40.38
N SER B 989 27.01 8.30 -39.64
CA SER B 989 25.64 8.70 -39.81
C SER B 989 25.46 9.59 -41.03
N ILE B 990 24.21 9.87 -41.37
CA ILE B 990 23.86 10.77 -42.46
C ILE B 990 22.71 11.65 -41.98
N THR B 991 22.40 12.67 -42.78
CA THR B 991 21.36 13.64 -42.48
C THR B 991 20.49 13.84 -43.71
N LEU B 992 19.18 13.81 -43.50
CA LEU B 992 18.20 14.00 -44.56
C LEU B 992 17.41 15.28 -44.31
N ILE B 993 17.14 16.01 -45.37
CA ILE B 993 16.41 17.27 -45.30
C ILE B 993 15.22 17.18 -46.26
N TYR B 994 14.01 17.42 -45.73
CA TYR B 994 12.81 17.46 -46.53
C TYR B 994 12.13 18.81 -46.37
N TYR B 995 11.42 19.24 -47.40
CA TYR B 995 10.89 20.60 -47.42
C TYR B 995 9.47 20.65 -47.97
N ARG B 996 8.74 21.66 -47.53
CA ARG B 996 7.45 22.02 -48.13
C ARG B 996 7.31 23.53 -48.18
N LEU B 997 6.99 24.05 -49.37
CA LEU B 997 6.93 25.50 -49.60
C LEU B 997 5.61 26.09 -49.14
N TYR B 998 4.52 25.73 -49.80
CA TYR B 998 3.17 26.20 -49.47
C TYR B 998 3.09 27.73 -49.42
N LEU B 999 3.22 28.33 -50.61
CA LEU B 999 2.84 29.72 -50.85
C LEU B 999 3.65 30.69 -49.98
N GLU B 1000 4.93 30.80 -50.34
CA GLU B 1000 5.83 31.81 -49.78
C GLU B 1000 6.15 31.49 -48.32
N ASP B 1001 6.22 30.20 -48.02
CA ASP B 1001 6.61 29.71 -46.72
C ASP B 1001 7.60 28.59 -46.95
N ILE B 1002 8.16 28.06 -45.87
CA ILE B 1002 8.99 26.86 -45.96
C ILE B 1002 8.94 26.16 -44.62
N THR B 1003 8.83 24.83 -44.67
CA THR B 1003 8.87 24.01 -43.48
C THR B 1003 9.79 22.83 -43.73
N PHE B 1004 10.64 22.55 -42.74
CA PHE B 1004 11.77 21.64 -42.89
C PHE B 1004 11.62 20.47 -41.94
N HIS B 1005 11.80 19.27 -42.48
CA HIS B 1005 11.88 18.05 -41.69
C HIS B 1005 13.32 17.56 -41.75
N LEU B 1006 14.03 17.63 -40.63
CA LEU B 1006 15.49 17.29 -40.61
C LEU B 1006 15.71 15.95 -39.91
N TYR B 1007 16.02 14.91 -40.67
CA TYR B 1007 16.28 13.57 -40.10
C TYR B 1007 17.79 13.37 -39.93
N LEU B 1008 18.21 12.70 -38.85
CA LEU B 1008 19.60 12.35 -38.66
C LEU B 1008 19.66 10.89 -38.24
N VAL B 1009 20.16 10.03 -39.13
CA VAL B 1009 20.01 8.59 -38.95
C VAL B 1009 21.36 7.93 -39.21
N PRO B 1010 21.49 6.66 -38.84
CA PRO B 1010 22.64 5.88 -39.33
C PRO B 1010 22.57 5.72 -40.85
N ASN B 1011 23.69 5.36 -41.43
CA ASN B 1011 23.79 5.22 -42.88
C ASN B 1011 23.19 3.89 -43.29
N ASP B 1012 21.98 3.93 -43.85
CA ASP B 1012 21.30 2.74 -44.32
C ASP B 1012 20.47 3.11 -45.54
N CYS B 1013 20.52 2.27 -46.57
CA CYS B 1013 19.70 2.51 -47.74
C CYS B 1013 18.23 2.23 -47.46
N THR B 1014 17.93 1.19 -46.68
CA THR B 1014 16.54 0.87 -46.38
C THR B 1014 15.87 1.98 -45.60
N ILE B 1015 16.58 2.55 -44.61
CA ILE B 1015 16.00 3.62 -43.81
C ILE B 1015 15.79 4.87 -44.65
N ARG B 1016 16.78 5.20 -45.49
CA ARG B 1016 16.61 6.33 -46.40
C ARG B 1016 15.41 6.13 -47.31
N LYS B 1017 15.24 4.92 -47.85
CA LYS B 1017 14.14 4.66 -48.77
C LYS B 1017 12.81 4.75 -48.04
N ALA B 1018 12.73 4.19 -46.84
CA ALA B 1018 11.48 4.24 -46.08
C ALA B 1018 11.13 5.68 -45.73
N ILE B 1019 12.11 6.47 -45.33
CA ILE B 1019 11.86 7.88 -45.03
C ILE B 1019 11.37 8.61 -46.27
N ASP B 1020 12.05 8.40 -47.40
CA ASP B 1020 11.64 9.07 -48.63
C ASP B 1020 10.22 8.69 -49.01
N GLU B 1021 9.87 7.41 -48.87
CA GLU B 1021 8.52 6.98 -49.17
C GLU B 1021 7.51 7.68 -48.25
N GLU B 1022 7.67 7.53 -46.94
CA GLU B 1022 6.69 8.11 -45.99
C GLU B 1022 6.58 9.64 -46.17
N GLU B 1023 7.69 10.33 -46.44
CA GLU B 1023 7.65 11.80 -46.70
C GLU B 1023 6.94 12.10 -48.02
N LEU B 1024 7.13 11.27 -49.04
CA LEU B 1024 6.55 11.54 -50.40
C LEU B 1024 5.02 11.75 -50.30
N LYS B 1025 4.31 10.87 -49.59
CA LYS B 1025 2.86 11.02 -49.49
C LYS B 1025 2.44 12.24 -48.70
N PHE B 1026 3.37 13.11 -48.32
CA PHE B 1026 3.05 14.39 -47.71
C PHE B 1026 3.62 15.55 -48.51
N GLN B 1027 4.00 15.31 -49.75
CA GLN B 1027 4.63 16.31 -50.62
C GLN B 1027 5.91 16.87 -50.01
N PHE B 1028 6.51 16.15 -49.07
CA PHE B 1028 7.81 16.53 -48.53
C PHE B 1028 8.89 15.89 -49.40
N VAL B 1029 9.53 16.71 -50.22
CA VAL B 1029 10.60 16.25 -51.09
C VAL B 1029 11.92 16.44 -50.38
N ARG B 1030 12.88 15.58 -50.71
CA ARG B 1030 14.22 15.63 -50.14
C ARG B 1030 15.11 16.59 -50.91
N ILE B 1031 16.14 17.07 -50.23
CA ILE B 1031 17.23 17.82 -50.84
C ILE B 1031 18.54 17.26 -50.31
N ASN B 1032 19.48 17.02 -51.21
CA ASN B 1032 20.73 16.35 -50.85
C ASN B 1032 21.76 17.35 -50.35
N LYS B 1033 22.49 16.95 -49.31
CA LYS B 1033 23.53 17.76 -48.70
C LYS B 1033 24.60 16.84 -48.14
N PRO B 1034 25.85 17.27 -48.12
CA PRO B 1034 26.94 16.44 -47.58
C PRO B 1034 26.64 16.05 -46.14
N PRO B 1035 26.99 14.82 -45.76
CA PRO B 1035 26.71 14.37 -44.41
C PRO B 1035 27.82 14.77 -43.46
N PRO B 1036 27.61 14.60 -42.16
CA PRO B 1036 28.72 14.80 -41.21
C PRO B 1036 29.96 14.00 -41.57
N VAL B 1037 31.10 14.67 -41.61
CA VAL B 1037 32.34 14.05 -42.06
C VAL B 1037 33.05 13.40 -40.88
N ASP B 1038 32.43 13.44 -39.71
CA ASP B 1038 32.99 12.83 -38.51
C ASP B 1038 32.08 11.70 -38.02
N ALA B 1039 32.54 11.01 -36.99
CA ALA B 1039 31.87 9.83 -36.47
C ALA B 1039 31.07 10.24 -35.24
N LEU B 1040 29.74 10.29 -35.40
CA LEU B 1040 28.87 10.64 -34.29
C LEU B 1040 28.76 9.45 -33.34
N TYR B 1041 28.06 9.65 -32.22
CA TYR B 1041 27.94 8.63 -31.20
C TYR B 1041 26.49 8.22 -30.98
N VAL B 1042 26.30 6.98 -30.54
CA VAL B 1042 24.96 6.44 -30.33
C VAL B 1042 24.35 7.04 -29.07
N GLY B 1043 23.09 7.43 -29.17
CA GLY B 1043 22.40 8.04 -28.05
C GLY B 1043 22.86 9.43 -27.68
N SER B 1044 23.87 9.96 -28.37
CA SER B 1044 24.32 11.32 -28.10
C SER B 1044 23.26 12.33 -28.50
N ARG B 1045 23.11 13.36 -27.68
CA ARG B 1045 22.15 14.41 -27.98
C ARG B 1045 22.74 15.36 -29.02
N TYR B 1046 21.87 15.99 -29.79
CA TYR B 1046 22.31 16.95 -30.80
C TYR B 1046 21.29 18.07 -30.92
N ILE B 1047 21.67 19.27 -30.50
CA ILE B 1047 20.81 20.44 -30.55
C ILE B 1047 20.83 21.00 -31.97
N VAL B 1048 19.66 21.08 -32.58
CA VAL B 1048 19.52 21.73 -33.88
C VAL B 1048 19.25 23.22 -33.66
N SER B 1049 19.87 24.05 -34.49
CA SER B 1049 19.77 25.49 -34.37
C SER B 1049 20.10 26.13 -35.71
N SER B 1050 20.11 27.46 -35.73
CA SER B 1050 20.43 28.21 -36.93
C SER B 1050 20.83 29.62 -36.54
N SER B 1051 21.41 30.34 -37.50
CA SER B 1051 21.72 31.75 -37.30
C SER B 1051 20.45 32.59 -37.27
N LYS B 1052 19.60 32.44 -38.30
CA LYS B 1052 18.32 33.13 -38.34
C LYS B 1052 17.39 32.50 -37.31
N GLU B 1053 16.88 33.32 -36.40
CA GLU B 1053 15.99 32.81 -35.35
C GLU B 1053 14.65 32.42 -35.96
N VAL B 1054 14.32 31.13 -35.88
CA VAL B 1054 13.12 30.57 -36.47
C VAL B 1054 12.49 29.61 -35.46
N GLU B 1055 11.43 28.93 -35.89
CA GLU B 1055 10.75 27.96 -35.05
C GLU B 1055 11.40 26.59 -35.20
N ILE B 1056 11.77 25.99 -34.08
CA ILE B 1056 12.43 24.68 -34.05
C ILE B 1056 11.69 23.83 -33.04
N LEU B 1057 11.16 22.67 -33.46
CA LEU B 1057 10.27 21.91 -32.53
C LEU B 1057 11.04 21.03 -31.54
N PRO B 1058 11.60 19.84 -31.83
CA PRO B 1058 12.45 19.17 -30.85
C PRO B 1058 13.84 19.80 -30.90
N LYS B 1059 14.23 20.47 -29.82
CA LYS B 1059 15.56 21.14 -29.79
C LYS B 1059 16.65 20.08 -29.88
N GLU B 1060 16.49 18.95 -29.18
CA GLU B 1060 17.59 17.94 -29.16
C GLU B 1060 17.18 16.63 -29.80
N LEU B 1061 17.77 16.29 -30.96
CA LEU B 1061 17.54 14.98 -31.53
C LEU B 1061 18.51 13.98 -30.92
N GLU B 1062 18.23 12.70 -31.15
CA GLU B 1062 19.12 11.61 -30.77
C GLU B 1062 19.64 10.94 -32.04
N LEU B 1063 20.77 10.26 -31.89
CA LEU B 1063 21.31 9.41 -32.95
C LEU B 1063 21.11 7.97 -32.50
N CYS B 1064 19.96 7.40 -32.83
CA CYS B 1064 19.62 6.04 -32.47
C CYS B 1064 19.12 5.30 -33.71
N TYR B 1065 19.01 3.99 -33.58
CA TYR B 1065 18.53 3.14 -34.67
C TYR B 1065 17.12 2.66 -34.39
N ARG B 1066 16.26 2.78 -35.40
CA ARG B 1066 14.90 2.25 -35.31
C ARG B 1066 14.51 1.75 -36.70
N SER B 1067 13.99 0.53 -36.74
CA SER B 1067 13.71 -0.22 -37.97
C SER B 1067 12.94 0.63 -38.97
N PRO B 1068 13.18 0.44 -40.27
CA PRO B 1068 12.50 1.26 -41.28
C PRO B 1068 10.99 1.15 -41.25
N ARG B 1069 10.45 0.06 -40.68
CA ARG B 1069 9.00 -0.11 -40.65
C ARG B 1069 8.35 0.80 -39.62
N GLU B 1070 9.11 1.27 -38.64
CA GLU B 1070 8.59 2.20 -37.64
C GLU B 1070 8.73 3.65 -38.11
N SER B 1071 8.55 4.60 -37.20
CA SER B 1071 8.71 6.02 -37.50
C SER B 1071 9.98 6.53 -36.84
N GLN B 1072 10.70 7.38 -37.56
CA GLN B 1072 11.99 7.89 -37.11
C GLN B 1072 11.85 9.32 -36.59
N LEU B 1073 12.67 9.66 -35.60
CA LEU B 1073 12.68 11.01 -35.08
C LEU B 1073 13.19 11.97 -36.14
N PHE B 1074 12.86 13.24 -35.97
CA PHE B 1074 13.36 14.32 -36.81
C PHE B 1074 13.07 15.63 -36.09
N SER B 1075 13.30 16.74 -36.77
CA SER B 1075 12.95 18.04 -36.22
C SER B 1075 12.18 18.84 -37.25
N GLU B 1076 11.14 19.50 -36.78
CA GLU B 1076 10.32 20.40 -37.59
C GLU B 1076 10.84 21.81 -37.42
N ILE B 1077 11.05 22.49 -38.55
CA ILE B 1077 11.58 23.84 -38.56
C ILE B 1077 10.67 24.71 -39.40
N TYR B 1078 10.07 25.72 -38.77
CA TYR B 1078 9.24 26.69 -39.53
C TYR B 1078 10.17 27.82 -39.92
N VAL B 1079 11.01 27.56 -40.92
CA VAL B 1079 12.03 28.57 -41.29
C VAL B 1079 11.36 29.85 -41.82
N GLY B 1080 10.32 29.72 -42.67
CA GLY B 1080 9.66 30.90 -43.26
C GLY B 1080 10.77 31.82 -43.78
N ASN B 1081 11.64 31.32 -44.65
CA ASN B 1081 12.84 32.10 -45.05
C ASN B 1081 12.48 33.50 -45.56
N ILE B 1082 13.12 34.52 -45.00
CA ILE B 1082 12.93 35.92 -45.48
C ILE B 1082 14.28 36.35 -46.03
N GLY B 1083 15.28 35.47 -45.93
CA GLY B 1083 16.63 35.77 -46.43
C GLY B 1083 17.13 34.63 -47.29
N SER B 1084 18.05 34.89 -48.22
CA SER B 1084 18.50 33.85 -49.17
C SER B 1084 19.18 32.68 -48.44
N GLY B 1085 20.05 32.97 -47.46
CA GLY B 1085 20.78 31.85 -46.84
C GLY B 1085 20.31 31.55 -45.42
N ILE B 1086 19.83 30.33 -45.18
CA ILE B 1086 19.49 29.94 -43.79
C ILE B 1086 20.48 28.85 -43.39
N ASN B 1087 21.27 29.08 -42.35
CA ASN B 1087 22.34 28.08 -42.04
C ASN B 1087 21.87 27.10 -40.97
N LEU B 1088 21.15 26.03 -41.37
CA LEU B 1088 20.85 25.00 -40.39
C LEU B 1088 22.14 24.43 -39.82
N GLN B 1089 22.07 24.01 -38.56
CA GLN B 1089 23.27 23.61 -37.84
C GLN B 1089 22.90 22.67 -36.71
N LEU B 1090 23.82 21.78 -36.35
CA LEU B 1090 23.60 20.93 -35.19
C LEU B 1090 24.87 20.90 -34.34
N THR B 1091 24.68 20.72 -33.03
CA THR B 1091 25.76 20.84 -32.08
C THR B 1091 25.63 19.78 -31.02
N ASP B 1092 26.74 19.14 -30.67
CA ASP B 1092 26.76 18.21 -29.55
C ASP B 1092 26.26 18.91 -28.29
N LYS B 1093 25.64 18.13 -27.40
CA LYS B 1093 25.22 18.69 -26.12
C LYS B 1093 26.27 18.48 -25.05
N LYS B 1094 27.05 17.41 -25.14
CA LYS B 1094 28.01 17.08 -24.09
C LYS B 1094 29.15 18.10 -24.06
N TYR B 1095 29.79 18.33 -25.20
CA TYR B 1095 30.95 19.22 -25.27
C TYR B 1095 30.69 20.46 -26.09
N MET B 1096 29.45 20.68 -26.52
CA MET B 1096 29.05 21.86 -27.30
C MET B 1096 29.82 21.98 -28.61
N ASN B 1097 30.43 20.89 -29.07
CA ASN B 1097 31.18 20.93 -30.32
C ASN B 1097 30.23 21.04 -31.50
N LEU B 1098 30.62 21.85 -32.49
CA LEU B 1098 29.87 21.92 -33.73
C LEU B 1098 30.24 20.76 -34.64
N ILE B 1099 29.24 20.15 -35.25
CA ILE B 1099 29.46 18.99 -36.12
C ILE B 1099 29.06 19.31 -37.56
N TRP B 1100 27.80 19.64 -37.78
CA TRP B 1100 27.26 19.76 -39.13
C TRP B 1100 26.56 21.09 -39.31
N GLU B 1101 26.75 21.68 -40.49
CA GLU B 1101 26.05 22.89 -40.89
C GLU B 1101 25.79 22.84 -42.38
N ALA B 1102 24.62 23.32 -42.79
CA ALA B 1102 24.30 23.44 -44.20
C ALA B 1102 23.42 24.67 -44.39
N LEU B 1103 23.79 25.52 -45.33
CA LEU B 1103 22.98 26.68 -45.69
C LEU B 1103 22.19 26.33 -46.94
N LEU B 1104 20.88 26.49 -46.87
CA LEU B 1104 20.00 26.23 -47.99
C LEU B 1104 19.45 27.54 -48.55
N LYS B 1105 19.53 27.69 -49.86
CA LYS B 1105 19.06 28.86 -50.58
C LYS B 1105 17.78 28.53 -51.34
N PRO B 1106 17.02 29.55 -51.75
CA PRO B 1106 15.91 29.30 -52.67
C PRO B 1106 16.43 28.98 -54.07
N GLY B 1107 15.59 28.47 -54.94
CA GLY B 1107 16.03 28.07 -56.26
C GLY B 1107 16.62 26.67 -56.25
N ASP B 1108 17.29 26.30 -55.16
CA ASP B 1108 17.75 24.93 -54.98
C ASP B 1108 16.60 23.94 -54.90
N LEU B 1109 15.42 24.40 -54.53
CA LEU B 1109 14.21 23.60 -54.57
C LEU B 1109 13.67 23.60 -55.99
N ARG B 1110 12.44 23.14 -56.18
CA ARG B 1110 11.81 23.13 -57.50
C ARG B 1110 11.82 24.51 -58.17
N ARG C 976 13.50 -17.40 3.86
CA ARG C 976 13.80 -15.97 3.79
C ARG C 976 14.71 -15.66 2.61
N MET C 977 14.30 -14.67 1.82
CA MET C 977 15.08 -14.24 0.68
C MET C 977 15.04 -12.72 0.61
N ILE C 978 16.15 -12.12 0.19
CA ILE C 978 16.22 -10.65 0.11
C ILE C 978 15.18 -10.16 -0.88
N PRO C 979 14.37 -9.17 -0.52
CA PRO C 979 13.36 -8.68 -1.46
C PRO C 979 13.98 -8.06 -2.69
N ALA C 980 13.31 -8.24 -3.82
CA ALA C 980 13.84 -7.85 -5.13
C ALA C 980 13.15 -6.58 -5.59
N VAL C 981 13.92 -5.52 -5.77
CA VAL C 981 13.39 -4.28 -6.30
C VAL C 981 13.15 -4.45 -7.80
N GLY C 982 11.97 -4.01 -8.24
CA GLY C 982 11.58 -4.22 -9.63
C GLY C 982 12.40 -3.38 -10.59
N HIS C 983 12.62 -3.89 -11.78
CA HIS C 983 13.32 -3.16 -12.83
C HIS C 983 12.31 -2.76 -13.90
N PHE C 984 12.36 -1.49 -14.32
CA PHE C 984 11.43 -0.96 -15.30
C PHE C 984 12.20 -0.07 -16.27
N ILE C 985 11.89 -0.20 -17.55
CA ILE C 985 12.56 0.58 -18.59
C ILE C 985 11.52 1.39 -19.35
N PRO C 986 11.77 2.66 -19.61
CA PRO C 986 10.85 3.42 -20.45
C PRO C 986 10.90 2.93 -21.89
N ILE C 987 9.84 3.21 -22.63
CA ILE C 987 9.72 2.75 -24.01
C ILE C 987 9.54 3.97 -24.90
N THR C 988 9.74 3.75 -26.19
CA THR C 988 9.49 4.78 -27.18
C THR C 988 8.01 4.85 -27.50
N SER C 989 7.59 5.99 -28.04
CA SER C 989 6.19 6.19 -28.36
C SER C 989 6.10 7.26 -29.44
N ILE C 990 4.94 7.31 -30.08
CA ILE C 990 4.67 8.33 -31.08
C ILE C 990 3.34 9.00 -30.75
N THR C 991 3.15 10.16 -31.36
CA THR C 991 1.92 10.93 -31.23
C THR C 991 1.40 11.22 -32.63
N LEU C 992 0.18 10.77 -32.89
CA LEU C 992 -0.42 10.89 -34.21
C LEU C 992 -1.44 12.01 -34.19
N ILE C 993 -1.39 12.86 -35.21
CA ILE C 993 -2.31 13.97 -35.37
C ILE C 993 -3.19 13.69 -36.57
N TYR C 994 -4.51 13.74 -36.36
CA TYR C 994 -5.51 13.55 -37.39
C TYR C 994 -6.39 14.79 -37.44
N TYR C 995 -6.96 15.06 -38.60
CA TYR C 995 -7.85 16.21 -38.70
C TYR C 995 -8.97 15.93 -39.67
N ARG C 996 -10.08 16.64 -39.46
CA ARG C 996 -11.16 16.77 -40.44
C ARG C 996 -11.69 18.19 -40.44
N LEU C 997 -12.01 18.68 -41.64
CA LEU C 997 -12.55 20.01 -41.90
C LEU C 997 -13.96 19.85 -42.45
N TYR C 998 -14.94 20.48 -41.79
CA TYR C 998 -16.33 20.35 -42.22
C TYR C 998 -16.75 21.50 -43.13
N LEU C 999 -16.77 22.73 -42.61
CA LEU C 999 -16.83 23.92 -43.46
C LEU C 999 -15.63 24.82 -43.21
N GLU C 1000 -15.47 25.31 -41.98
CA GLU C 1000 -14.24 25.93 -41.51
C GLU C 1000 -13.82 25.41 -40.13
N ASP C 1001 -14.71 24.79 -39.38
CA ASP C 1001 -14.36 24.20 -38.10
C ASP C 1001 -13.48 22.98 -38.28
N ILE C 1002 -12.45 22.89 -37.44
CA ILE C 1002 -11.53 21.77 -37.44
C ILE C 1002 -11.78 20.89 -36.24
N THR C 1003 -11.86 19.59 -36.49
CA THR C 1003 -11.85 18.58 -35.44
C THR C 1003 -10.55 17.78 -35.57
N PHE C 1004 -9.69 17.92 -34.58
CA PHE C 1004 -8.44 17.18 -34.48
C PHE C 1004 -8.65 15.92 -33.66
N HIS C 1005 -7.87 14.89 -33.98
CA HIS C 1005 -7.85 13.64 -33.24
C HIS C 1005 -6.40 13.35 -32.88
N LEU C 1006 -6.07 13.42 -31.58
CA LEU C 1006 -4.66 13.22 -31.14
C LEU C 1006 -4.51 11.82 -30.54
N TYR C 1007 -3.56 11.04 -31.03
CA TYR C 1007 -3.36 9.65 -30.55
C TYR C 1007 -2.00 9.52 -29.87
N LEU C 1008 -1.95 9.03 -28.64
CA LEU C 1008 -0.65 8.77 -27.96
C LEU C 1008 -0.48 7.26 -27.98
N VAL C 1009 0.53 6.73 -28.69
CA VAL C 1009 0.58 5.28 -28.82
C VAL C 1009 2.02 4.81 -28.85
N PRO C 1010 2.37 3.71 -28.18
CA PRO C 1010 3.74 3.19 -28.27
C PRO C 1010 4.14 2.95 -29.72
N ASN C 1011 5.39 3.28 -30.03
CA ASN C 1011 5.86 3.24 -31.42
C ASN C 1011 5.89 1.81 -31.92
N ASP C 1012 4.93 1.45 -32.77
CA ASP C 1012 4.86 0.13 -33.35
C ASP C 1012 4.50 0.27 -34.82
N CYS C 1013 4.39 -0.88 -35.50
CA CYS C 1013 4.12 -0.93 -36.93
C CYS C 1013 2.64 -1.13 -37.24
N THR C 1014 2.03 -2.18 -36.68
CA THR C 1014 0.66 -2.51 -37.00
C THR C 1014 -0.31 -1.39 -36.60
N ILE C 1015 -0.01 -0.69 -35.50
CA ILE C 1015 -0.98 0.25 -34.94
C ILE C 1015 -1.19 1.42 -35.88
N ARG C 1016 -0.12 1.87 -36.55
CA ARG C 1016 -0.29 2.99 -37.46
C ARG C 1016 -1.12 2.59 -38.68
N LYS C 1017 -0.77 1.46 -39.31
CA LYS C 1017 -1.53 1.05 -40.49
C LYS C 1017 -2.91 0.53 -40.13
N ALA C 1018 -3.24 0.40 -38.85
CA ALA C 1018 -4.62 0.13 -38.45
C ALA C 1018 -5.39 1.43 -38.20
N ILE C 1019 -4.83 2.29 -37.35
CA ILE C 1019 -5.47 3.56 -37.01
C ILE C 1019 -5.66 4.42 -38.25
N ASP C 1020 -4.77 4.31 -39.24
CA ASP C 1020 -4.95 5.04 -40.48
C ASP C 1020 -6.28 4.69 -41.12
N GLU C 1021 -6.59 3.40 -41.23
CA GLU C 1021 -7.88 3.00 -41.79
C GLU C 1021 -9.03 3.39 -40.88
N GLU C 1022 -8.87 3.20 -39.57
CA GLU C 1022 -9.94 3.54 -38.64
C GLU C 1022 -10.35 5.00 -38.76
N GLU C 1023 -9.36 5.87 -38.98
CA GLU C 1023 -9.67 7.32 -39.12
C GLU C 1023 -10.14 7.62 -40.55
N LEU C 1024 -9.60 6.89 -41.53
CA LEU C 1024 -9.99 7.15 -42.92
C LEU C 1024 -11.45 6.84 -43.13
N LYS C 1025 -11.99 5.87 -42.39
CA LYS C 1025 -13.42 5.57 -42.49
C LYS C 1025 -14.27 6.81 -42.29
N PHE C 1026 -13.90 7.66 -41.33
CA PHE C 1026 -14.61 8.90 -41.07
C PHE C 1026 -14.01 10.10 -41.80
N GLN C 1027 -13.31 9.87 -42.92
CA GLN C 1027 -12.74 10.91 -43.76
C GLN C 1027 -11.68 11.74 -43.06
N PHE C 1028 -11.22 11.32 -41.89
CA PHE C 1028 -10.12 12.01 -41.23
C PHE C 1028 -8.80 11.70 -41.94
N VAL C 1029 -7.83 12.58 -41.79
CA VAL C 1029 -6.53 12.35 -42.42
C VAL C 1029 -5.40 12.63 -41.44
N ARG C 1030 -4.18 12.25 -41.80
CA ARG C 1030 -3.01 12.37 -40.94
C ARG C 1030 -2.28 13.68 -41.21
N ILE C 1031 -1.49 14.09 -40.22
CA ILE C 1031 -0.53 15.18 -40.35
C ILE C 1031 0.72 14.80 -39.56
N ASN C 1032 1.84 14.71 -40.26
CA ASN C 1032 3.08 14.22 -39.65
C ASN C 1032 3.70 15.32 -38.79
N LYS C 1033 3.98 14.97 -37.54
CA LYS C 1033 4.67 15.82 -36.59
C LYS C 1033 5.59 14.94 -35.76
N PRO C 1034 6.74 15.45 -35.33
CA PRO C 1034 7.73 14.61 -34.68
C PRO C 1034 7.21 14.01 -33.39
N PRO C 1035 7.62 12.79 -33.08
CA PRO C 1035 7.22 12.17 -31.82
C PRO C 1035 8.09 12.67 -30.69
N PRO C 1036 7.76 12.35 -29.45
CA PRO C 1036 8.62 12.73 -28.33
C PRO C 1036 10.00 12.12 -28.46
N VAL C 1037 11.02 12.93 -28.18
CA VAL C 1037 12.40 12.43 -28.22
C VAL C 1037 12.68 11.58 -26.99
N ASP C 1038 12.23 12.03 -25.83
CA ASP C 1038 12.46 11.29 -24.61
C ASP C 1038 11.72 9.96 -24.62
N ALA C 1039 12.25 9.02 -23.85
CA ALA C 1039 11.61 7.72 -23.69
C ALA C 1039 10.68 7.79 -22.48
N LEU C 1040 9.38 7.59 -22.71
CA LEU C 1040 8.38 7.68 -21.68
C LEU C 1040 8.15 6.32 -21.03
N TYR C 1041 7.63 6.35 -19.81
CA TYR C 1041 7.21 5.12 -19.17
C TYR C 1041 5.79 4.77 -19.58
N VAL C 1042 5.51 3.47 -19.60
CA VAL C 1042 4.16 2.98 -19.86
C VAL C 1042 3.34 3.10 -18.59
N GLY C 1043 2.22 3.79 -18.69
CA GLY C 1043 1.39 4.06 -17.53
C GLY C 1043 1.41 5.49 -17.03
N SER C 1044 1.91 6.42 -17.83
CA SER C 1044 1.93 7.83 -17.46
C SER C 1044 0.70 8.53 -18.00
N ARG C 1045 0.32 9.63 -17.33
CA ARG C 1045 -0.81 10.45 -17.72
C ARG C 1045 -0.30 11.80 -18.16
N TYR C 1046 -0.90 12.35 -19.22
CA TYR C 1046 -0.42 13.58 -19.83
C TYR C 1046 -1.57 14.55 -20.04
N ILE C 1047 -1.43 15.74 -19.49
CA ILE C 1047 -2.40 16.82 -19.70
C ILE C 1047 -2.22 17.38 -21.11
N VAL C 1048 -3.31 17.44 -21.86
CA VAL C 1048 -3.32 18.17 -23.12
C VAL C 1048 -3.60 19.64 -22.83
N SER C 1049 -2.66 20.51 -23.21
CA SER C 1049 -2.79 21.93 -22.99
C SER C 1049 -2.64 22.66 -24.32
N SER C 1050 -3.13 23.90 -24.35
CA SER C 1050 -3.10 24.69 -25.58
C SER C 1050 -3.26 26.16 -25.19
N SER C 1051 -3.56 26.99 -26.18
CA SER C 1051 -4.10 28.31 -25.93
C SER C 1051 -5.62 28.24 -25.89
N LYS C 1052 -6.22 29.16 -25.14
CA LYS C 1052 -7.57 28.98 -24.62
C LYS C 1052 -8.63 28.75 -25.70
N GLU C 1053 -8.30 29.00 -26.97
CA GLU C 1053 -9.30 28.97 -28.02
C GLU C 1053 -9.65 27.56 -28.48
N VAL C 1054 -9.29 26.53 -27.72
CA VAL C 1054 -9.53 25.15 -28.13
C VAL C 1054 -10.57 24.53 -27.19
N GLU C 1055 -11.13 23.40 -27.62
CA GLU C 1055 -12.10 22.65 -26.77
C GLU C 1055 -11.70 21.17 -26.75
N ILE C 1056 -11.22 20.67 -25.61
CA ILE C 1056 -10.78 19.25 -25.51
C ILE C 1056 -11.84 18.47 -24.72
N LEU C 1057 -12.59 17.60 -25.39
CA LEU C 1057 -13.61 16.76 -24.68
C LEU C 1057 -12.96 15.76 -23.71
N PRO C 1058 -11.86 15.04 -24.06
CA PRO C 1058 -10.95 14.49 -23.05
C PRO C 1058 -9.71 15.37 -22.83
N LYS C 1059 -9.47 15.79 -21.58
CA LYS C 1059 -8.34 16.72 -21.33
C LYS C 1059 -7.04 15.96 -21.06
N GLU C 1060 -7.12 14.64 -20.85
CA GLU C 1060 -5.92 13.87 -20.53
C GLU C 1060 -5.75 12.71 -21.50
N LEU C 1061 -4.51 12.30 -21.71
CA LEU C 1061 -4.19 11.10 -22.47
C LEU C 1061 -3.34 10.17 -21.63
N GLU C 1062 -3.35 8.89 -22.04
CA GLU C 1062 -2.72 7.83 -21.25
C GLU C 1062 -1.93 6.91 -22.18
N LEU C 1063 -0.66 6.72 -21.86
CA LEU C 1063 0.19 5.84 -22.65
C LEU C 1063 0.13 4.42 -22.09
N CYS C 1064 -0.40 3.50 -22.88
CA CYS C 1064 -0.52 2.12 -22.45
C CYS C 1064 -0.70 1.22 -23.67
N TYR C 1065 -0.21 -0.01 -23.57
CA TYR C 1065 -0.42 -0.95 -24.65
C TYR C 1065 -1.91 -1.18 -24.86
N ARG C 1066 -2.26 -1.60 -26.07
CA ARG C 1066 -3.66 -1.78 -26.43
C ARG C 1066 -3.76 -2.90 -27.44
N SER C 1067 -4.72 -3.79 -27.21
CA SER C 1067 -4.95 -4.87 -28.16
C SER C 1067 -5.38 -4.30 -29.49
N PRO C 1068 -4.76 -4.71 -30.60
CA PRO C 1068 -5.03 -4.05 -31.89
C PRO C 1068 -6.45 -4.23 -32.38
N ARG C 1069 -7.04 -5.42 -32.20
CA ARG C 1069 -8.40 -5.65 -32.66
C ARG C 1069 -9.46 -5.01 -31.77
N GLU C 1070 -9.05 -4.44 -30.64
CA GLU C 1070 -9.97 -3.75 -29.73
C GLU C 1070 -9.95 -2.25 -30.04
N SER C 1071 -10.71 -1.50 -29.24
CA SER C 1071 -10.86 -0.07 -29.44
C SER C 1071 -9.52 0.65 -29.28
N GLN C 1072 -9.43 1.82 -29.90
CA GLN C 1072 -8.25 2.67 -29.82
C GLN C 1072 -8.64 4.03 -29.27
N LEU C 1073 -8.10 4.36 -28.11
CA LEU C 1073 -8.41 5.63 -27.46
C LEU C 1073 -7.75 6.79 -28.18
N PHE C 1074 -8.31 7.98 -28.00
CA PHE C 1074 -7.71 9.21 -28.52
C PHE C 1074 -8.32 10.38 -27.77
N SER C 1075 -7.95 11.59 -28.17
CA SER C 1075 -8.54 12.80 -27.65
C SER C 1075 -8.91 13.72 -28.80
N GLU C 1076 -10.17 14.15 -28.86
CA GLU C 1076 -10.60 15.04 -29.91
C GLU C 1076 -10.53 16.49 -29.45
N ILE C 1077 -10.32 17.38 -30.42
CA ILE C 1077 -10.20 18.80 -30.17
C ILE C 1077 -11.02 19.54 -31.20
N TYR C 1078 -11.83 20.49 -30.73
CA TYR C 1078 -12.68 21.30 -31.60
C TYR C 1078 -12.15 22.73 -31.59
N VAL C 1079 -11.95 23.28 -32.79
CA VAL C 1079 -11.54 24.67 -32.93
C VAL C 1079 -12.30 25.27 -34.11
N GLY C 1080 -12.83 26.48 -33.93
CA GLY C 1080 -13.58 27.13 -34.97
C GLY C 1080 -12.75 27.56 -36.16
N ASN C 1081 -11.81 28.48 -35.93
CA ASN C 1081 -10.93 28.98 -36.98
C ASN C 1081 -9.51 29.04 -36.43
N ILE C 1082 -8.58 28.38 -37.13
CA ILE C 1082 -7.20 28.29 -36.70
C ILE C 1082 -6.46 29.60 -36.92
N GLY C 1083 -6.62 30.20 -38.09
CA GLY C 1083 -5.97 31.46 -38.39
C GLY C 1083 -4.46 31.38 -38.33
N SER C 1084 -3.86 32.00 -37.31
CA SER C 1084 -2.42 32.07 -37.17
C SER C 1084 -1.82 30.80 -36.58
N GLY C 1085 -2.57 29.71 -36.55
CA GLY C 1085 -2.03 28.46 -36.05
C GLY C 1085 -2.24 28.32 -34.55
N ILE C 1086 -2.51 27.09 -34.13
CA ILE C 1086 -2.79 26.82 -32.73
C ILE C 1086 -1.68 25.94 -32.16
N ASN C 1087 -1.36 26.21 -30.91
CA ASN C 1087 -0.39 25.39 -30.19
C ASN C 1087 -1.08 24.17 -29.60
N LEU C 1088 -0.29 23.10 -29.47
CA LEU C 1088 -0.78 21.88 -28.84
C LEU C 1088 0.36 21.27 -28.04
N GLN C 1089 0.13 21.03 -26.76
CA GLN C 1089 1.17 20.56 -25.87
C GLN C 1089 0.69 19.37 -25.07
N LEU C 1090 1.58 18.41 -24.88
CA LEU C 1090 1.40 17.39 -23.87
C LEU C 1090 2.30 17.71 -22.69
N THR C 1091 1.81 17.43 -21.49
CA THR C 1091 2.57 17.80 -20.31
C THR C 1091 2.48 16.69 -19.28
N ASP C 1092 3.62 16.35 -18.68
CA ASP C 1092 3.67 15.29 -17.68
C ASP C 1092 2.83 15.69 -16.48
N LYS C 1093 1.92 14.80 -16.06
CA LYS C 1093 1.03 15.12 -14.95
C LYS C 1093 1.81 15.23 -13.65
N LYS C 1094 2.73 14.30 -13.41
CA LYS C 1094 3.35 14.20 -12.09
C LYS C 1094 4.39 15.28 -11.86
N TYR C 1095 5.20 15.61 -12.87
CA TYR C 1095 6.31 16.54 -12.68
C TYR C 1095 6.17 17.83 -13.47
N MET C 1096 5.13 17.96 -14.29
CA MET C 1096 4.95 19.12 -15.16
C MET C 1096 6.15 19.30 -16.10
N ASN C 1097 6.42 18.25 -16.87
CA ASN C 1097 7.42 18.30 -17.93
C ASN C 1097 6.72 18.51 -19.27
N LEU C 1098 7.25 19.43 -20.07
CA LEU C 1098 6.79 19.61 -21.44
C LEU C 1098 7.54 18.60 -22.31
N ILE C 1099 6.92 17.46 -22.56
CA ILE C 1099 7.58 16.37 -23.28
C ILE C 1099 7.22 16.37 -24.76
N TRP C 1100 6.39 17.30 -25.21
CA TRP C 1100 5.99 17.33 -26.60
C TRP C 1100 5.44 18.71 -26.92
N GLU C 1101 5.20 18.95 -28.20
CA GLU C 1101 4.65 20.21 -28.68
C GLU C 1101 4.30 20.04 -30.14
N ALA C 1102 3.47 20.94 -30.64
CA ALA C 1102 3.10 20.95 -32.04
C ALA C 1102 2.46 22.29 -32.40
N LEU C 1103 2.99 22.96 -33.41
CA LEU C 1103 2.49 24.26 -33.85
C LEU C 1103 1.65 24.04 -35.09
N LEU C 1104 0.39 23.66 -34.90
CA LEU C 1104 -0.47 23.34 -36.02
C LEU C 1104 -0.79 24.59 -36.82
N LYS C 1105 -0.66 24.47 -38.14
CA LYS C 1105 -0.86 25.58 -39.05
C LYS C 1105 -1.80 25.12 -40.16
N PRO C 1106 -2.48 26.05 -40.83
CA PRO C 1106 -3.40 25.65 -41.90
C PRO C 1106 -2.68 25.06 -43.10
N GLY C 1107 -1.36 25.23 -43.15
CA GLY C 1107 -0.60 24.64 -44.22
C GLY C 1107 -0.72 23.12 -44.25
N ASP C 1108 -0.78 22.50 -43.07
CA ASP C 1108 -0.91 21.05 -43.01
C ASP C 1108 -2.26 20.58 -43.56
N LEU C 1109 -3.29 21.39 -43.41
CA LEU C 1109 -4.63 21.03 -43.87
C LEU C 1109 -4.68 20.88 -45.38
N ALA D 21 20.14 42.99 11.95
CA ALA D 21 19.76 42.10 10.85
C ALA D 21 18.91 40.95 11.38
N ARG D 22 18.99 39.80 10.69
CA ARG D 22 18.23 38.63 11.10
C ARG D 22 18.71 38.12 12.45
N PHE D 23 17.92 37.23 13.03
CA PHE D 23 18.25 36.55 14.27
C PHE D 23 18.24 35.05 14.03
N CYS D 24 19.13 34.35 14.74
CA CYS D 24 19.27 32.91 14.57
C CYS D 24 19.18 32.25 15.94
N VAL D 25 18.24 31.31 16.07
CA VAL D 25 18.09 30.59 17.32
C VAL D 25 19.35 29.81 17.64
N GLN D 26 19.69 29.74 18.92
CA GLN D 26 20.85 29.00 19.38
C GLN D 26 20.57 27.51 19.27
N LYS D 27 21.47 26.78 18.61
CA LYS D 27 21.28 25.36 18.41
C LYS D 27 21.63 24.58 19.67
N HIS D 28 20.84 23.54 19.96
CA HIS D 28 21.11 22.63 21.05
C HIS D 28 21.14 21.20 20.55
N SER D 29 21.69 20.32 21.37
CA SER D 29 21.65 18.90 21.08
C SER D 29 20.26 18.35 21.35
N TRP D 30 20.04 17.09 21.00
CA TRP D 30 18.76 16.46 21.31
C TRP D 30 18.52 16.44 22.82
N ASP D 31 19.56 16.08 23.58
CA ASP D 31 19.44 16.14 25.03
C ASP D 31 19.17 17.55 25.52
N GLY D 32 19.72 18.56 24.83
CA GLY D 32 19.45 19.93 25.23
C GLY D 32 17.99 20.29 25.10
N LEU D 33 17.40 20.03 23.93
CA LEU D 33 15.99 20.33 23.73
C LEU D 33 15.12 19.53 24.69
N ARG D 34 15.43 18.25 24.87
CA ARG D 34 14.65 17.42 25.78
C ARG D 34 14.74 17.96 27.20
N ASN D 35 15.90 18.50 27.58
CA ASN D 35 16.06 19.00 28.94
C ASN D 35 15.34 20.31 29.14
N ILE D 36 15.40 21.21 28.15
CA ILE D 36 14.66 22.46 28.32
C ILE D 36 13.16 22.21 28.32
N ILE D 37 12.69 21.21 27.58
CA ILE D 37 11.26 20.93 27.59
C ILE D 37 10.84 20.26 28.89
N HIS D 38 11.66 19.35 29.41
CA HIS D 38 11.39 18.79 30.73
C HIS D 38 11.33 19.87 31.78
N GLY D 39 12.25 20.83 31.73
CA GLY D 39 12.21 21.93 32.69
C GLY D 39 10.98 22.79 32.53
N SER D 40 10.63 23.13 31.29
CA SER D 40 9.45 23.96 31.04
C SER D 40 8.19 23.30 31.58
N ARG D 41 8.03 22.00 31.35
CA ARG D 41 6.85 21.32 31.87
C ARG D 41 6.93 21.12 33.37
N LYS D 42 8.13 21.10 33.95
CA LYS D 42 8.25 20.99 35.39
C LYS D 42 7.75 22.23 36.11
N SER D 43 7.71 23.37 35.43
CA SER D 43 7.31 24.64 36.04
C SER D 43 5.88 25.03 35.67
N SER D 44 4.98 24.05 35.58
CA SER D 44 3.59 24.32 35.25
C SER D 44 2.78 24.60 36.51
N LYS D 50 -6.46 21.20 38.28
CA LYS D 50 -7.79 21.11 37.69
C LYS D 50 -8.85 21.67 38.62
N ALA D 51 -9.62 22.64 38.12
CA ALA D 51 -10.67 23.26 38.89
C ALA D 51 -11.76 22.26 39.24
N PRO D 52 -12.56 22.55 40.26
CA PRO D 52 -13.71 21.68 40.55
C PRO D 52 -14.70 21.65 39.39
N HIS D 53 -15.25 20.47 39.15
CA HIS D 53 -16.17 20.23 38.04
C HIS D 53 -17.58 20.65 38.42
N ASP D 54 -18.55 20.22 37.63
CA ASP D 54 -19.97 20.56 37.80
C ASP D 54 -20.40 20.51 39.25
N PHE D 55 -21.20 21.50 39.64
CA PHE D 55 -21.59 21.72 41.02
C PHE D 55 -23.09 21.47 41.18
N GLN D 56 -23.50 21.34 42.44
CA GLN D 56 -24.91 21.32 42.79
C GLN D 56 -25.08 21.88 44.19
N PHE D 57 -26.11 22.70 44.36
CA PHE D 57 -26.39 23.37 45.61
C PHE D 57 -27.54 22.68 46.33
N VAL D 58 -27.42 22.54 47.64
CA VAL D 58 -28.47 21.98 48.48
C VAL D 58 -28.60 22.85 49.71
N GLN D 59 -29.80 23.39 49.94
CA GLN D 59 -30.02 24.22 51.12
C GLN D 59 -29.97 23.37 52.38
N LYS D 60 -29.34 23.92 53.42
CA LYS D 60 -29.23 23.23 54.70
C LYS D 60 -30.16 23.89 55.70
N PRO D 61 -31.32 23.30 55.99
CA PRO D 61 -32.19 23.90 57.01
C PRO D 61 -31.57 23.79 58.39
N ASP D 62 -31.44 24.92 59.07
CA ASP D 62 -30.80 24.96 60.38
C ASP D 62 -31.74 24.44 61.46
N GLY D 65 -27.59 26.27 62.79
CA GLY D 65 -26.47 25.85 61.97
C GLY D 65 -25.60 27.01 61.51
N PRO D 66 -24.30 26.75 61.36
CA PRO D 66 -23.38 27.84 60.99
C PRO D 66 -23.44 28.21 59.52
N HIS D 67 -23.69 27.22 58.67
CA HIS D 67 -23.65 27.41 57.23
C HIS D 67 -25.04 27.71 56.70
N SER D 68 -25.13 27.81 55.38
CA SER D 68 -26.40 28.05 54.71
C SER D 68 -26.64 27.16 53.51
N HIS D 69 -25.61 26.52 52.95
CA HIS D 69 -25.78 25.63 51.82
C HIS D 69 -24.76 24.51 51.93
N ARG D 70 -24.86 23.57 50.99
CA ARG D 70 -23.83 22.56 50.76
C ARG D 70 -23.66 22.41 49.26
N LEU D 71 -22.41 22.41 48.82
CA LEU D 71 -22.07 22.47 47.39
C LEU D 71 -21.28 21.23 47.03
N TYR D 72 -21.80 20.43 46.10
CA TYR D 72 -21.14 19.23 45.62
C TYR D 72 -20.49 19.49 44.27
N TYR D 73 -19.37 18.82 44.03
CA TYR D 73 -18.64 18.97 42.78
C TYR D 73 -17.69 17.80 42.63
N LEU D 74 -16.90 17.82 41.56
CA LEU D 74 -15.91 16.80 41.27
C LEU D 74 -14.53 17.42 41.21
N GLY D 75 -13.56 16.75 41.79
CA GLY D 75 -12.19 17.25 41.74
C GLY D 75 -11.22 16.31 42.42
N MET D 76 -9.93 16.69 42.34
CA MET D 76 -8.86 15.95 42.99
C MET D 76 -7.91 16.93 43.69
N PRO D 77 -7.92 16.98 45.01
CA PRO D 77 -7.03 17.93 45.70
C PRO D 77 -5.61 17.38 45.91
N TYR D 78 -4.66 17.86 45.11
CA TYR D 78 -3.22 17.73 45.33
C TYR D 78 -2.81 16.42 46.00
N GLY D 79 -3.18 15.30 45.40
CA GLY D 79 -2.94 14.00 46.01
C GLY D 79 -3.24 12.87 45.05
N SER D 80 -3.98 11.87 45.52
CA SER D 80 -4.39 10.76 44.66
C SER D 80 -5.07 11.30 43.41
N ARG D 81 -4.51 10.99 42.25
CA ARG D 81 -5.01 11.51 40.99
C ARG D 81 -6.33 10.81 40.67
N GLU D 82 -7.43 11.41 41.13
CA GLU D 82 -8.74 10.80 41.03
C GLU D 82 -9.84 11.84 41.16
N ASN D 83 -10.58 12.07 40.08
CA ASN D 83 -11.75 12.93 40.19
C ASN D 83 -12.79 12.28 41.09
N SER D 84 -13.01 12.88 42.25
CA SER D 84 -13.91 12.33 43.26
C SER D 84 -14.95 13.38 43.62
N LEU D 85 -15.97 12.94 44.35
CA LEU D 85 -17.06 13.80 44.80
C LEU D 85 -16.62 14.56 46.04
N LEU D 86 -16.58 15.88 45.95
CA LEU D 86 -16.15 16.74 47.04
C LEU D 86 -17.24 17.75 47.33
N TYR D 87 -17.60 17.89 48.60
CA TYR D 87 -18.61 18.84 49.03
C TYR D 87 -17.96 19.90 49.93
N SER D 88 -18.66 21.02 50.05
CA SER D 88 -18.15 22.16 50.81
C SER D 88 -19.32 22.92 51.41
N GLU D 89 -19.16 23.40 52.64
CA GLU D 89 -20.24 24.13 53.32
C GLU D 89 -20.13 25.62 53.05
N ILE D 90 -21.08 26.16 52.31
CA ILE D 90 -21.14 27.62 52.16
C ILE D 90 -21.62 28.23 53.47
N PRO D 91 -20.82 29.06 54.14
CA PRO D 91 -21.25 29.64 55.40
C PRO D 91 -22.17 30.84 55.18
N LYS D 92 -23.04 31.06 56.15
CA LYS D 92 -23.94 32.19 56.15
C LYS D 92 -23.37 33.28 57.06
N LYS D 93 -23.55 34.53 56.63
CA LYS D 93 -23.07 35.69 57.37
C LYS D 93 -21.55 35.59 57.57
N VAL D 94 -20.85 35.64 56.45
CA VAL D 94 -19.40 35.64 56.45
C VAL D 94 -18.94 37.09 56.63
N ARG D 95 -17.73 37.24 57.16
CA ARG D 95 -17.18 38.58 57.35
C ARG D 95 -16.45 39.04 56.09
N LYS D 96 -16.36 40.36 55.93
CA LYS D 96 -15.85 40.95 54.70
C LYS D 96 -14.35 41.22 54.78
N GLU D 97 -13.85 41.52 55.99
CA GLU D 97 -12.50 42.06 56.12
C GLU D 97 -11.43 41.10 55.60
N ALA D 98 -11.70 39.80 55.60
CA ALA D 98 -10.72 38.80 55.20
C ALA D 98 -11.29 37.95 54.08
N LEU D 99 -10.42 37.53 53.17
CA LEU D 99 -10.80 36.58 52.14
C LEU D 99 -11.03 35.20 52.75
N LEU D 100 -11.96 34.45 52.16
CA LEU D 100 -12.30 33.11 52.63
C LEU D 100 -11.93 32.08 51.56
N LEU D 101 -11.35 30.97 52.00
CA LEU D 101 -10.94 29.88 51.11
C LEU D 101 -11.55 28.59 51.64
N LEU D 102 -12.59 28.09 50.98
CA LEU D 102 -13.29 26.91 51.45
C LEU D 102 -12.38 25.69 51.43
N SER D 103 -12.68 24.75 52.31
CA SER D 103 -11.99 23.46 52.30
C SER D 103 -12.57 22.58 51.19
N TRP D 104 -11.93 21.44 50.99
CA TRP D 104 -12.37 20.44 50.02
C TRP D 104 -12.60 19.14 50.78
N LYS D 105 -13.79 18.99 51.34
CA LYS D 105 -14.12 17.79 52.08
C LYS D 105 -14.24 16.59 51.15
N GLN D 106 -14.14 15.41 51.71
CA GLN D 106 -14.30 14.17 50.97
C GLN D 106 -15.62 13.51 51.34
N MET D 107 -16.05 12.58 50.47
CA MET D 107 -17.28 11.85 50.68
C MET D 107 -17.11 10.34 50.59
N LEU D 108 -16.06 9.85 49.96
CA LEU D 108 -15.84 8.42 49.74
C LEU D 108 -14.53 8.02 50.41
N ASP D 109 -14.64 7.30 51.52
CA ASP D 109 -13.46 6.99 52.32
C ASP D 109 -12.51 6.04 51.56
N HIS D 110 -11.35 6.57 51.18
CA HIS D 110 -10.29 5.78 50.57
C HIS D 110 -10.80 4.94 49.40
N PHE D 111 -11.60 5.55 48.55
CA PHE D 111 -12.16 4.87 47.39
C PHE D 111 -11.37 5.24 46.14
N GLN D 112 -11.20 4.28 45.24
CA GLN D 112 -10.52 4.50 43.96
C GLN D 112 -11.54 4.49 42.83
N ALA D 113 -11.46 5.51 41.97
CA ALA D 113 -12.36 5.62 40.83
C ALA D 113 -11.65 5.58 39.49
N THR D 114 -10.39 5.15 39.44
CA THR D 114 -9.65 5.11 38.19
C THR D 114 -9.63 3.69 37.64
N PRO D 115 -9.85 3.52 36.32
CA PRO D 115 -9.78 2.19 35.69
C PRO D 115 -8.44 1.52 35.86
N PHE D 136 -8.73 11.68 35.67
CA PHE D 136 -9.23 10.33 35.91
C PHE D 136 -10.07 10.28 37.18
N GLY D 137 -10.86 9.23 37.32
CA GLY D 137 -11.74 9.08 38.47
C GLY D 137 -13.20 9.05 38.09
N ILE D 138 -14.07 9.53 38.97
CA ILE D 138 -15.50 9.63 38.69
C ILE D 138 -15.69 10.72 37.65
N THR D 139 -16.00 10.33 36.42
CA THR D 139 -16.08 11.30 35.32
C THR D 139 -17.42 12.04 35.32
N SER D 140 -18.46 11.45 35.90
CA SER D 140 -19.78 12.08 35.93
C SER D 140 -20.63 11.35 36.96
N TYR D 141 -21.83 11.87 37.17
CA TYR D 141 -22.77 11.29 38.13
C TYR D 141 -24.14 11.87 37.87
N ASP D 142 -25.15 11.33 38.55
CA ASP D 142 -26.51 11.83 38.47
C ASP D 142 -27.04 12.01 39.88
N PHE D 143 -27.84 13.05 40.06
CA PHE D 143 -28.21 13.52 41.39
C PHE D 143 -29.71 13.73 41.46
N HIS D 144 -30.37 13.05 42.39
CA HIS D 144 -31.78 13.27 42.70
C HIS D 144 -31.87 14.14 43.94
N SER D 145 -32.44 15.34 43.78
CA SER D 145 -32.37 16.35 44.83
C SER D 145 -33.23 15.97 46.02
N GLU D 146 -34.49 15.61 45.78
CA GLU D 146 -35.44 15.40 46.86
C GLU D 146 -34.95 14.34 47.84
N SER D 147 -34.63 13.15 47.32
CA SER D 147 -34.04 12.13 48.16
C SER D 147 -32.55 12.35 48.40
N GLY D 148 -31.93 13.24 47.63
CA GLY D 148 -30.51 13.50 47.76
C GLY D 148 -29.66 12.27 47.50
N LEU D 149 -29.77 11.72 46.29
CA LEU D 149 -29.11 10.47 45.95
C LEU D 149 -28.16 10.71 44.77
N PHE D 150 -26.91 10.29 44.95
CA PHE D 150 -25.89 10.35 43.90
C PHE D 150 -25.67 8.95 43.36
N LEU D 151 -25.65 8.82 42.03
CA LEU D 151 -25.42 7.55 41.37
C LEU D 151 -24.40 7.75 40.26
N PHE D 152 -23.34 6.94 40.26
CA PHE D 152 -22.26 7.13 39.30
C PHE D 152 -21.66 5.78 38.94
N GLN D 153 -20.81 5.79 37.92
CA GLN D 153 -20.10 4.60 37.48
C GLN D 153 -18.61 4.79 37.74
N ALA D 154 -18.05 3.96 38.60
CA ALA D 154 -16.64 4.00 38.95
C ALA D 154 -15.95 2.81 38.29
N SER D 155 -15.46 3.02 37.07
CA SER D 155 -14.31 2.36 36.46
C SER D 155 -14.43 0.85 36.35
N ASN D 156 -15.35 0.26 37.11
CA ASN D 156 -15.77 -1.11 36.89
C ASN D 156 -17.25 -1.34 37.14
N SER D 157 -17.92 -0.52 37.94
CA SER D 157 -19.29 -0.84 38.32
C SER D 157 -19.95 0.41 38.89
N LEU D 158 -21.24 0.31 39.17
CA LEU D 158 -22.01 1.47 39.63
C LEU D 158 -22.00 1.54 41.15
N PHE D 159 -21.98 2.78 41.65
CA PHE D 159 -22.08 3.05 43.07
C PHE D 159 -23.12 4.13 43.29
N HIS D 160 -23.62 4.19 44.52
CA HIS D 160 -24.63 5.17 44.90
C HIS D 160 -24.44 5.55 46.36
N CYS D 161 -24.81 6.79 46.67
CA CYS D 161 -24.74 7.31 48.03
C CYS D 161 -25.85 8.31 48.25
N ARG D 162 -26.05 8.73 49.50
CA ARG D 162 -27.10 9.67 49.84
C ARG D 162 -26.60 10.65 50.89
N ASP D 163 -26.97 11.92 50.75
CA ASP D 163 -26.57 12.96 51.68
C ASP D 163 -27.74 13.73 52.27
N GLY D 164 -28.93 13.63 51.69
CA GLY D 164 -30.08 14.38 52.17
C GLY D 164 -31.31 13.50 52.26
N GLY D 165 -32.41 14.13 52.66
CA GLY D 165 -33.67 13.42 52.80
C GLY D 165 -33.84 12.79 54.17
N LYS D 166 -32.79 12.15 54.66
CA LYS D 166 -32.81 11.52 55.98
C LYS D 166 -32.58 12.51 57.10
N ASN D 167 -32.72 13.81 56.81
CA ASN D 167 -32.55 14.88 57.82
C ASN D 167 -31.15 14.86 58.41
N GLY D 168 -30.19 14.30 57.69
CA GLY D 168 -28.81 14.33 58.14
C GLY D 168 -27.83 14.56 57.00
N PHE D 169 -27.05 15.63 57.11
CA PHE D 169 -25.95 15.88 56.18
C PHE D 169 -24.69 15.27 56.75
N MET D 170 -23.98 14.50 55.93
CA MET D 170 -22.85 13.73 56.42
C MET D 170 -21.72 14.65 56.89
N VAL D 171 -20.94 14.15 57.84
CA VAL D 171 -19.84 14.88 58.44
C VAL D 171 -18.49 14.29 58.05
N SER D 172 -18.43 12.97 57.90
CA SER D 172 -17.23 12.25 57.51
C SER D 172 -17.44 11.55 56.17
N PRO D 173 -16.37 11.31 55.41
CA PRO D 173 -16.52 10.61 54.13
C PRO D 173 -16.95 9.17 54.33
N MET D 174 -18.05 8.80 53.69
CA MET D 174 -18.69 7.50 53.91
C MET D 174 -18.37 6.53 52.78
N LYS D 175 -18.77 5.27 52.99
CA LYS D 175 -18.55 4.20 52.03
C LYS D 175 -19.63 4.20 50.97
N PRO D 176 -19.28 4.25 49.68
CA PRO D 176 -20.28 4.10 48.63
C PRO D 176 -20.74 2.66 48.52
N LEU D 177 -22.02 2.49 48.24
CA LEU D 177 -22.63 1.17 48.16
C LEU D 177 -22.64 0.69 46.72
N GLU D 178 -22.35 -0.59 46.54
CA GLU D 178 -22.29 -1.20 45.22
C GLU D 178 -23.66 -1.73 44.82
N ILE D 179 -24.05 -1.46 43.58
CA ILE D 179 -25.29 -2.01 43.02
C ILE D 179 -24.92 -3.35 42.39
N LYS D 180 -25.23 -4.44 43.10
CA LYS D 180 -24.92 -5.77 42.59
C LYS D 180 -25.78 -6.09 41.37
N THR D 181 -25.14 -6.69 40.37
CA THR D 181 -25.81 -7.00 39.13
C THR D 181 -25.53 -8.44 38.74
N GLN D 182 -26.43 -8.99 37.92
CA GLN D 182 -26.26 -10.31 37.34
C GLN D 182 -25.98 -10.25 35.85
N CYS D 183 -25.77 -9.05 35.30
CA CYS D 183 -25.47 -8.89 33.90
C CYS D 183 -24.05 -9.36 33.61
N SER D 184 -23.68 -9.33 32.32
CA SER D 184 -22.37 -9.80 31.88
C SER D 184 -21.36 -8.67 31.76
N GLY D 185 -21.64 -7.69 30.91
CA GLY D 185 -20.68 -6.65 30.60
C GLY D 185 -20.74 -5.47 31.53
N PRO D 186 -20.27 -4.31 31.06
CA PRO D 186 -20.29 -3.10 31.88
C PRO D 186 -21.56 -2.30 31.72
N ARG D 187 -22.07 -1.82 32.85
CA ARG D 187 -23.23 -0.94 32.85
C ARG D 187 -22.84 0.45 32.39
N MET D 188 -23.64 1.03 31.50
CA MET D 188 -23.34 2.33 30.92
C MET D 188 -24.52 3.27 31.06
N ASP D 189 -24.23 4.56 31.24
CA ASP D 189 -25.21 5.62 31.21
C ASP D 189 -26.35 5.45 32.22
N PRO D 190 -26.06 5.44 33.51
CA PRO D 190 -27.13 5.33 34.50
C PRO D 190 -27.90 6.64 34.65
N LYS D 191 -29.18 6.52 34.97
CA LYS D 191 -30.05 7.68 35.15
C LYS D 191 -31.08 7.35 36.21
N ILE D 192 -31.29 8.27 37.14
CA ILE D 192 -32.28 8.09 38.19
C ILE D 192 -33.64 8.53 37.67
N CYS D 193 -34.69 7.82 38.09
CA CYS D 193 -36.04 8.13 37.65
C CYS D 193 -36.58 9.33 38.42
N PRO D 194 -36.87 10.45 37.75
CA PRO D 194 -37.34 11.63 38.49
C PRO D 194 -38.67 11.43 39.17
N ALA D 195 -39.49 10.50 38.67
CA ALA D 195 -40.75 10.19 39.33
C ALA D 195 -40.59 9.18 40.44
N ASP D 196 -39.45 8.51 40.53
CA ASP D 196 -39.26 7.49 41.56
C ASP D 196 -37.78 7.31 41.87
N PRO D 197 -37.34 7.65 43.07
CA PRO D 197 -35.91 7.57 43.39
C PRO D 197 -35.47 6.16 43.74
N ALA D 198 -36.30 5.17 43.46
CA ALA D 198 -35.94 3.77 43.69
C ALA D 198 -35.47 3.06 42.44
N PHE D 199 -36.05 3.37 41.28
CA PHE D 199 -35.73 2.71 40.03
C PHE D 199 -34.82 3.59 39.20
N PHE D 200 -33.92 2.96 38.46
CA PHE D 200 -33.03 3.67 37.55
C PHE D 200 -32.84 2.84 36.30
N SER D 201 -32.29 3.46 35.27
CA SER D 201 -32.10 2.80 33.98
C SER D 201 -30.62 2.86 33.60
N PHE D 202 -30.24 1.93 32.73
CA PHE D 202 -28.89 1.91 32.17
C PHE D 202 -28.91 1.11 30.88
N ILE D 203 -27.73 0.93 30.30
CA ILE D 203 -27.58 0.24 29.02
C ILE D 203 -26.58 -0.89 29.20
N ASN D 204 -26.98 -2.10 28.83
CA ASN D 204 -26.10 -3.25 28.83
C ASN D 204 -26.13 -3.88 27.44
N ASN D 205 -24.96 -3.99 26.81
CA ASN D 205 -24.83 -4.59 25.48
C ASN D 205 -25.83 -4.01 24.50
N ASN D 206 -25.89 -2.68 24.40
CA ASN D 206 -26.75 -1.96 23.48
C ASN D 206 -28.23 -2.20 23.73
N ASP D 207 -28.60 -2.70 24.92
CA ASP D 207 -30.00 -2.93 25.23
C ASP D 207 -30.35 -2.25 26.55
N LEU D 208 -31.52 -1.62 26.57
CA LEU D 208 -31.95 -0.86 27.74
C LEU D 208 -32.28 -1.80 28.89
N TRP D 209 -32.02 -1.33 30.11
CA TRP D 209 -32.26 -2.11 31.31
C TRP D 209 -32.76 -1.20 32.41
N VAL D 210 -33.61 -1.74 33.28
CA VAL D 210 -34.13 -1.01 34.42
C VAL D 210 -33.90 -1.84 35.67
N ALA D 211 -33.37 -1.19 36.70
CA ALA D 211 -33.09 -1.88 37.96
C ALA D 211 -33.64 -1.07 39.11
N ASN D 212 -33.67 -1.71 40.28
CA ASN D 212 -34.14 -1.09 41.51
C ASN D 212 -33.02 -1.11 42.55
N ILE D 213 -32.91 -0.02 43.29
CA ILE D 213 -31.87 0.10 44.30
C ILE D 213 -32.25 -0.60 45.59
N GLU D 214 -33.51 -0.46 46.02
CA GLU D 214 -33.92 -1.06 47.29
C GLU D 214 -34.01 -2.57 47.18
N THR D 215 -34.65 -3.08 46.13
CA THR D 215 -34.86 -4.51 45.99
C THR D 215 -33.78 -5.21 45.18
N GLY D 216 -32.94 -4.45 44.48
CA GLY D 216 -31.86 -5.06 43.70
C GLY D 216 -32.29 -5.83 42.48
N GLU D 217 -33.58 -5.88 42.17
CA GLU D 217 -34.03 -6.62 41.00
C GLU D 217 -33.72 -5.84 39.73
N GLU D 218 -33.56 -6.58 38.64
CA GLU D 218 -33.26 -6.02 37.33
C GLU D 218 -34.34 -6.44 36.34
N ARG D 219 -34.28 -5.86 35.14
CA ARG D 219 -35.18 -6.25 34.06
C ARG D 219 -34.65 -5.69 32.77
N ARG D 220 -34.65 -6.51 31.72
CA ARG D 220 -34.23 -6.09 30.39
C ARG D 220 -35.48 -5.67 29.62
N LEU D 221 -35.53 -4.41 29.21
CA LEU D 221 -36.75 -3.89 28.59
C LEU D 221 -36.77 -4.10 27.09
N THR D 222 -35.61 -4.24 26.46
CA THR D 222 -35.53 -4.35 25.01
C THR D 222 -34.56 -5.45 24.62
N PHE D 223 -34.87 -6.11 23.50
CA PHE D 223 -34.15 -7.31 23.09
C PHE D 223 -33.61 -7.15 21.66
N CYS D 224 -32.96 -6.02 21.41
CA CYS D 224 -32.39 -5.78 20.09
C CYS D 224 -31.07 -6.48 19.86
N HIS D 225 -30.30 -6.74 20.93
CA HIS D 225 -28.96 -7.35 20.75
C HIS D 225 -29.09 -8.88 20.76
N GLN D 226 -28.73 -9.52 19.64
CA GLN D 226 -28.84 -10.99 19.53
C GLN D 226 -27.83 -11.65 20.48
N GLY D 227 -26.86 -10.87 20.98
CA GLY D 227 -25.84 -11.40 21.91
C GLY D 227 -24.88 -12.33 21.19
N VAL D 231 -20.81 -9.18 16.68
CA VAL D 231 -20.58 -7.70 16.63
C VAL D 231 -21.33 -7.14 15.41
N LEU D 232 -21.22 -7.81 14.26
CA LEU D 232 -21.86 -7.31 13.02
C LEU D 232 -23.19 -8.04 12.82
N ASP D 233 -23.25 -9.32 13.20
CA ASP D 233 -24.52 -10.10 13.08
C ASP D 233 -25.64 -9.33 13.77
N ASN D 234 -25.33 -8.62 14.86
CA ASN D 234 -26.37 -7.79 15.54
C ASN D 234 -26.11 -6.32 15.20
N PRO D 235 -26.94 -5.69 14.33
CA PRO D 235 -26.79 -4.27 14.03
C PRO D 235 -27.81 -3.39 14.75
N LYS D 236 -28.71 -3.99 15.54
CA LYS D 236 -29.74 -3.23 16.22
C LYS D 236 -29.34 -2.91 17.65
N SER D 237 -29.64 -1.69 18.09
CA SER D 237 -29.29 -1.23 19.42
C SER D 237 -30.47 -0.47 20.01
N ALA D 238 -30.51 -0.37 21.33
CA ALA D 238 -31.67 0.14 22.05
C ALA D 238 -31.24 1.25 23.00
N GLY D 239 -31.59 2.48 22.65
CA GLY D 239 -31.36 3.59 23.56
C GLY D 239 -29.92 4.02 23.69
N VAL D 240 -29.18 4.05 22.59
CA VAL D 240 -27.79 4.49 22.59
C VAL D 240 -27.60 5.49 21.48
N ALA D 241 -26.65 6.39 21.68
CA ALA D 241 -26.24 7.32 20.63
C ALA D 241 -25.16 6.65 19.79
N THR D 242 -25.32 6.72 18.47
CA THR D 242 -24.38 6.07 17.57
C THR D 242 -23.11 6.91 17.48
N PHE D 243 -22.23 6.55 16.55
CA PHE D 243 -20.95 7.24 16.43
C PHE D 243 -21.13 8.69 15.98
N VAL D 244 -21.88 8.90 14.89
CA VAL D 244 -22.04 10.24 14.36
C VAL D 244 -22.76 11.14 15.34
N ILE D 245 -23.76 10.61 16.05
CA ILE D 245 -24.49 11.40 17.02
C ILE D 245 -23.56 11.78 18.18
N GLN D 246 -22.79 10.83 18.69
CA GLN D 246 -21.91 11.10 19.80
C GLN D 246 -20.81 12.09 19.45
N GLU D 247 -20.29 12.02 18.22
CA GLU D 247 -19.13 12.81 17.85
C GLU D 247 -19.53 14.16 17.26
N GLU D 248 -20.40 14.16 16.26
CA GLU D 248 -20.66 15.38 15.49
C GLU D 248 -21.86 16.17 15.98
N PHE D 249 -22.72 15.59 16.81
CA PHE D 249 -23.92 16.27 17.26
C PHE D 249 -23.98 16.44 18.77
N ASP D 250 -23.00 15.93 19.51
CA ASP D 250 -22.87 16.14 20.94
C ASP D 250 -24.13 15.66 21.67
N ARG D 251 -24.37 14.36 21.57
CA ARG D 251 -25.45 13.70 22.30
C ARG D 251 -24.94 12.35 22.76
N PHE D 252 -25.01 12.09 24.06
CA PHE D 252 -24.38 10.92 24.65
C PHE D 252 -25.37 10.04 25.39
N THR D 253 -26.63 10.03 24.98
CA THR D 253 -27.64 9.19 25.61
C THR D 253 -28.72 8.85 24.60
N GLY D 254 -29.47 7.81 24.91
CA GLY D 254 -30.56 7.38 24.04
C GLY D 254 -31.88 7.25 24.75
N CYS D 255 -31.85 7.15 26.08
CA CYS D 255 -33.05 7.01 26.88
C CYS D 255 -33.41 8.34 27.54
N TRP D 256 -34.68 8.47 27.92
CA TRP D 256 -35.18 9.69 28.56
C TRP D 256 -36.35 9.30 29.46
N TRP D 257 -36.13 9.31 30.76
CA TRP D 257 -37.20 9.02 31.70
C TRP D 257 -38.35 10.02 31.55
N CYS D 258 -39.55 9.57 31.87
CA CYS D 258 -40.67 10.48 32.04
C CYS D 258 -40.67 11.02 33.46
N PRO D 259 -40.75 12.35 33.67
CA PRO D 259 -40.61 12.89 35.02
C PRO D 259 -41.82 12.66 35.91
N THR D 260 -42.98 12.31 35.36
CA THR D 260 -44.21 12.19 36.13
C THR D 260 -44.82 10.81 35.91
N ALA D 261 -45.12 10.13 37.00
CA ALA D 261 -45.77 8.82 36.93
C ALA D 261 -47.28 9.00 36.70
N SER D 262 -47.86 8.10 35.93
CA SER D 262 -49.28 8.13 35.62
C SER D 262 -50.02 7.02 36.38
N TRP D 263 -51.34 7.06 36.26
CA TRP D 263 -52.19 6.03 36.87
C TRP D 263 -53.31 5.62 35.92
N LEU D 269 -51.68 0.29 41.03
CA LEU D 269 -50.40 0.22 40.35
C LEU D 269 -50.00 1.57 39.76
N LYS D 270 -48.70 1.84 39.77
CA LYS D 270 -48.14 3.07 39.20
C LYS D 270 -47.27 2.70 38.00
N THR D 271 -47.46 3.43 36.90
CA THR D 271 -46.75 3.17 35.67
C THR D 271 -45.64 4.20 35.47
N LEU D 272 -44.58 3.78 34.79
CA LEU D 272 -43.43 4.62 34.52
C LEU D 272 -43.03 4.48 33.06
N ARG D 273 -42.92 5.63 32.38
CA ARG D 273 -42.58 5.64 30.97
C ARG D 273 -41.10 5.99 30.79
N ILE D 274 -40.53 5.46 29.71
CA ILE D 274 -39.14 5.73 29.35
C ILE D 274 -39.08 5.85 27.83
N LEU D 275 -38.76 7.03 27.34
CA LEU D 275 -38.66 7.26 25.91
C LEU D 275 -37.24 6.97 25.46
N TYR D 276 -37.06 5.95 24.64
CA TYR D 276 -35.77 5.63 24.05
C TYR D 276 -35.89 5.66 22.54
N GLU D 277 -34.80 5.33 21.86
CA GLU D 277 -34.83 5.16 20.41
C GLU D 277 -34.15 3.86 20.04
N GLU D 278 -34.57 3.30 18.92
CA GLU D 278 -33.99 2.09 18.38
C GLU D 278 -33.26 2.44 17.09
N VAL D 279 -32.04 1.93 16.95
CA VAL D 279 -31.22 2.20 15.78
C VAL D 279 -30.92 0.87 15.10
N ASP D 280 -31.01 0.85 13.77
CA ASP D 280 -30.76 -0.34 12.97
C ASP D 280 -29.63 -0.03 12.01
N GLU D 281 -28.41 -0.44 12.35
CA GLU D 281 -27.23 -0.16 11.57
C GLU D 281 -26.94 -1.26 10.54
N SER D 282 -27.98 -1.94 10.05
CA SER D 282 -27.78 -3.08 9.15
C SER D 282 -26.95 -2.70 7.94
N GLU D 283 -27.39 -1.69 7.18
CA GLU D 283 -26.76 -1.33 5.92
C GLU D 283 -25.84 -0.12 6.04
N VAL D 284 -25.16 0.04 7.17
CA VAL D 284 -24.12 1.05 7.33
C VAL D 284 -22.78 0.38 7.05
N GLU D 285 -21.84 1.14 6.50
CA GLU D 285 -20.54 0.60 6.17
C GLU D 285 -19.76 0.23 7.44
N VAL D 286 -18.75 -0.62 7.26
CA VAL D 286 -17.89 -1.07 8.36
C VAL D 286 -16.45 -0.77 7.99
N ILE D 287 -15.68 -0.33 8.98
CA ILE D 287 -14.25 -0.07 8.82
C ILE D 287 -13.51 -0.80 9.93
N HIS D 288 -12.19 -0.81 9.83
CA HIS D 288 -11.34 -1.54 10.77
C HIS D 288 -10.29 -0.60 11.33
N VAL D 289 -10.20 -0.57 12.66
CA VAL D 289 -9.25 0.28 13.38
C VAL D 289 -8.41 -0.61 14.29
N PRO D 290 -7.10 -0.40 14.35
CA PRO D 290 -6.26 -1.25 15.22
C PRO D 290 -6.70 -1.18 16.67
N SER D 291 -6.39 -2.24 17.39
CA SER D 291 -6.69 -2.37 18.80
C SER D 291 -5.54 -1.80 19.62
N PRO D 292 -5.84 -1.27 20.81
CA PRO D 292 -4.77 -0.67 21.62
C PRO D 292 -3.65 -1.62 21.98
N ALA D 293 -3.93 -2.91 22.11
CA ALA D 293 -2.92 -3.91 22.40
C ALA D 293 -2.19 -4.24 21.10
N LEU D 294 -1.00 -3.64 20.92
CA LEU D 294 -0.30 -3.76 19.65
C LEU D 294 0.12 -5.19 19.35
N GLU D 295 0.41 -5.99 20.38
CA GLU D 295 0.96 -7.32 20.16
C GLU D 295 0.00 -8.24 19.41
N GLU D 296 -1.30 -8.11 19.63
CA GLU D 296 -2.26 -9.02 19.03
C GLU D 296 -2.40 -8.85 17.52
N ARG D 297 -2.05 -7.68 16.99
CA ARG D 297 -2.18 -7.40 15.56
C ARG D 297 -3.59 -7.70 15.06
N LYS D 298 -4.59 -7.31 15.85
CA LYS D 298 -5.98 -7.48 15.48
C LYS D 298 -6.68 -6.13 15.56
N THR D 299 -7.71 -5.98 14.73
CA THR D 299 -8.43 -4.73 14.62
C THR D 299 -9.84 -4.87 15.20
N ASP D 300 -10.56 -3.75 15.21
CA ASP D 300 -11.94 -3.71 15.67
C ASP D 300 -12.81 -3.12 14.57
N SER D 301 -14.08 -3.51 14.58
CA SER D 301 -15.03 -3.05 13.60
C SER D 301 -15.95 -1.99 14.19
N TYR D 302 -16.15 -0.92 13.43
CA TYR D 302 -17.09 0.13 13.79
C TYR D 302 -17.96 0.44 12.59
N ARG D 303 -19.20 0.83 12.85
CA ARG D 303 -20.07 1.35 11.80
C ARG D 303 -19.71 2.81 11.59
N TYR D 304 -19.12 3.11 10.44
CA TYR D 304 -18.68 4.46 10.12
C TYR D 304 -19.36 4.94 8.85
N PRO D 305 -20.51 5.58 8.94
CA PRO D 305 -21.16 6.08 7.73
C PRO D 305 -20.41 7.27 7.15
N ARG D 306 -19.68 7.05 6.06
CA ARG D 306 -18.93 8.12 5.43
C ARG D 306 -19.86 8.97 4.58
N THR D 307 -19.41 10.20 4.30
CA THR D 307 -20.22 11.13 3.52
C THR D 307 -20.67 10.47 2.22
N GLY D 308 -21.94 10.66 1.88
CA GLY D 308 -22.53 10.01 0.74
C GLY D 308 -23.15 8.66 1.04
N SER D 309 -22.75 8.01 2.13
CA SER D 309 -23.34 6.73 2.50
C SER D 309 -24.67 6.95 3.20
N LYS D 310 -25.21 5.90 3.82
CA LYS D 310 -26.52 5.94 4.43
C LYS D 310 -26.40 5.81 5.95
N ASN D 311 -26.92 6.80 6.67
CA ASN D 311 -26.97 6.73 8.11
C ASN D 311 -27.93 5.62 8.54
N PRO D 312 -27.78 5.11 9.77
CA PRO D 312 -28.71 4.09 10.25
C PRO D 312 -30.14 4.61 10.31
N LYS D 313 -31.08 3.69 10.43
CA LYS D 313 -32.50 4.03 10.45
C LYS D 313 -32.94 4.17 11.90
N ILE D 314 -33.55 5.31 12.21
CA ILE D 314 -33.90 5.66 13.58
C ILE D 314 -35.39 5.51 13.78
N ALA D 315 -35.77 5.27 15.03
CA ALA D 315 -37.17 5.15 15.40
C ALA D 315 -37.29 5.37 16.90
N LEU D 316 -38.34 6.09 17.30
CA LEU D 316 -38.62 6.36 18.70
C LEU D 316 -39.64 5.34 19.21
N LYS D 317 -39.44 4.89 20.45
CA LYS D 317 -40.32 3.90 21.07
C LYS D 317 -40.38 4.19 22.56
N LEU D 318 -41.58 4.14 23.12
CA LEU D 318 -41.70 4.18 24.58
C LEU D 318 -41.28 2.84 25.17
N ALA D 319 -41.26 2.79 26.51
CA ALA D 319 -41.08 1.53 27.21
C ALA D 319 -41.73 1.71 28.58
N GLU D 320 -42.94 1.19 28.72
CA GLU D 320 -43.67 1.34 29.96
C GLU D 320 -43.37 0.18 30.90
N LEU D 321 -43.74 0.37 32.16
CA LEU D 321 -43.60 -0.65 33.18
C LEU D 321 -44.37 -0.21 34.41
N GLN D 322 -44.96 -1.17 35.12
CA GLN D 322 -45.82 -0.89 36.26
C GLN D 322 -45.31 -1.62 37.48
N THR D 323 -45.47 -0.98 38.64
CA THR D 323 -45.02 -1.54 39.90
C THR D 323 -46.02 -1.18 40.99
N ASP D 324 -45.82 -1.76 42.17
CA ASP D 324 -46.73 -1.63 43.29
C ASP D 324 -46.04 -0.98 44.47
N HIS D 325 -46.73 -0.97 45.62
CA HIS D 325 -46.21 -0.32 46.82
C HIS D 325 -44.88 -0.92 47.28
N GLN D 326 -44.59 -2.16 46.88
CA GLN D 326 -43.35 -2.81 47.29
C GLN D 326 -42.23 -2.62 46.29
N GLY D 327 -42.46 -1.91 45.18
CA GLY D 327 -41.43 -1.67 44.21
C GLY D 327 -41.09 -2.85 43.32
N LYS D 328 -42.01 -3.78 43.12
CA LYS D 328 -41.81 -4.91 42.23
C LYS D 328 -42.50 -4.65 40.90
N ILE D 329 -41.75 -4.82 39.82
CA ILE D 329 -42.30 -4.60 38.48
C ILE D 329 -43.25 -5.74 38.15
N VAL D 330 -44.47 -5.40 37.76
CA VAL D 330 -45.48 -6.41 37.42
C VAL D 330 -45.50 -6.61 35.92
N SER D 331 -45.81 -5.55 35.18
CA SER D 331 -45.80 -5.58 33.72
C SER D 331 -44.66 -4.71 33.21
N SER D 332 -44.18 -5.05 32.02
CA SER D 332 -43.17 -4.23 31.35
C SER D 332 -43.36 -4.44 29.85
N CYS D 333 -44.12 -3.55 29.23
CA CYS D 333 -44.41 -3.63 27.81
C CYS D 333 -43.38 -2.81 27.02
N GLU D 334 -43.64 -2.64 25.73
CA GLU D 334 -42.88 -1.74 24.88
C GLU D 334 -43.76 -1.43 23.67
N LYS D 335 -43.78 -0.15 23.28
CA LYS D 335 -44.79 0.33 22.36
C LYS D 335 -44.12 1.02 21.17
N GLU D 336 -44.94 1.58 20.30
CA GLU D 336 -44.46 2.21 19.08
C GLU D 336 -45.58 3.04 18.49
N LEU D 337 -45.23 3.84 17.48
CA LEU D 337 -46.21 4.72 16.85
C LEU D 337 -47.21 3.91 16.05
N VAL D 338 -48.46 4.41 16.00
CA VAL D 338 -49.52 3.73 15.27
C VAL D 338 -49.20 3.63 13.79
N GLN D 339 -48.34 4.50 13.28
CA GLN D 339 -47.89 4.48 11.90
C GLN D 339 -46.37 4.36 11.89
N PRO D 340 -45.79 3.85 10.81
CA PRO D 340 -44.33 3.75 10.74
C PRO D 340 -43.68 5.12 10.84
N PHE D 341 -42.63 5.19 11.68
CA PHE D 341 -41.88 6.43 11.86
C PHE D 341 -41.41 6.98 10.52
N SER D 342 -40.99 6.11 9.61
CA SER D 342 -40.55 6.54 8.29
C SER D 342 -41.66 7.17 7.48
N SER D 343 -42.92 6.85 7.77
CA SER D 343 -44.05 7.42 7.04
C SER D 343 -44.66 8.63 7.74
N LEU D 344 -44.67 8.64 9.08
CA LEU D 344 -45.18 9.79 9.80
C LEU D 344 -44.31 11.03 9.56
N PHE D 345 -43.00 10.84 9.44
CA PHE D 345 -42.06 11.93 9.23
C PHE D 345 -41.07 11.54 8.15
N PRO D 346 -41.41 11.74 6.88
CA PRO D 346 -40.41 11.60 5.82
C PRO D 346 -39.42 12.75 5.90
N LYS D 347 -38.27 12.54 5.27
CA LYS D 347 -37.19 13.53 5.23
C LYS D 347 -36.70 13.87 6.64
N VAL D 348 -36.51 12.84 7.46
CA VAL D 348 -35.97 12.99 8.81
C VAL D 348 -34.78 12.05 8.94
N GLU D 349 -33.59 12.62 9.04
CA GLU D 349 -32.35 11.86 9.01
C GLU D 349 -31.77 11.63 10.40
N TYR D 350 -31.73 12.64 11.25
CA TYR D 350 -31.13 12.54 12.57
C TYR D 350 -32.13 12.95 13.62
N ILE D 351 -31.98 12.41 14.82
CA ILE D 351 -32.71 12.86 16.00
C ILE D 351 -31.71 13.64 16.85
N ALA D 352 -31.77 14.97 16.77
CA ALA D 352 -30.82 15.80 17.48
C ALA D 352 -30.94 15.67 18.99
N ARG D 353 -32.09 16.06 19.54
CA ARG D 353 -32.31 16.03 20.98
C ARG D 353 -33.72 15.47 21.25
N ALA D 354 -33.99 15.16 22.51
CA ALA D 354 -35.29 14.63 22.89
C ALA D 354 -35.49 14.82 24.38
N GLY D 355 -36.75 14.71 24.80
CA GLY D 355 -37.07 14.86 26.21
C GLY D 355 -38.56 14.98 26.40
N TRP D 356 -38.96 15.14 27.66
CA TRP D 356 -40.35 15.33 28.04
C TRP D 356 -40.57 16.75 28.52
N THR D 357 -41.84 17.12 28.65
CA THR D 357 -42.19 18.39 29.27
C THR D 357 -42.24 18.23 30.78
N ARG D 358 -42.54 19.33 31.48
CA ARG D 358 -42.47 19.33 32.93
C ARG D 358 -43.50 18.39 33.55
N ASP D 359 -44.68 18.29 32.97
CA ASP D 359 -45.78 17.56 33.57
C ASP D 359 -45.95 16.16 33.00
N GLY D 360 -45.25 15.82 31.92
CA GLY D 360 -45.36 14.53 31.30
C GLY D 360 -46.42 14.43 30.22
N ARG D 361 -47.23 15.46 30.03
CA ARG D 361 -48.30 15.42 29.04
C ARG D 361 -47.78 15.30 27.61
N TYR D 362 -46.47 15.43 27.39
CA TYR D 362 -45.93 15.31 26.05
C TYR D 362 -44.49 14.83 26.15
N ALA D 363 -44.04 14.21 25.07
CA ALA D 363 -42.63 13.93 24.84
C ALA D 363 -42.22 14.65 23.57
N TRP D 364 -41.07 15.30 23.60
CA TRP D 364 -40.64 16.13 22.48
C TRP D 364 -39.28 15.67 21.97
N ALA D 365 -38.99 16.04 20.73
CA ALA D 365 -37.71 15.74 20.10
C ALA D 365 -37.46 16.77 19.02
N MET D 366 -36.21 16.84 18.58
CA MET D 366 -35.79 17.76 17.53
C MET D 366 -35.28 16.95 16.35
N PHE D 367 -35.90 17.15 15.19
CA PHE D 367 -35.60 16.37 14.01
C PHE D 367 -34.74 17.17 13.04
N LEU D 368 -33.84 16.48 12.35
CA LEU D 368 -32.99 17.08 11.34
C LEU D 368 -33.05 16.23 10.08
N ASP D 369 -32.97 16.87 8.93
CA ASP D 369 -32.93 16.14 7.67
C ASP D 369 -31.49 15.93 7.24
N ARG D 370 -31.30 15.27 6.10
CA ARG D 370 -29.95 15.01 5.62
C ARG D 370 -29.20 16.29 5.26
N PRO D 371 -29.78 17.25 4.53
CA PRO D 371 -29.05 18.50 4.27
C PRO D 371 -28.77 19.31 5.51
N GLN D 372 -29.39 18.98 6.65
CA GLN D 372 -29.26 19.76 7.88
C GLN D 372 -29.62 21.22 7.63
N GLN D 373 -30.76 21.43 6.98
CA GLN D 373 -31.27 22.78 6.77
C GLN D 373 -32.71 22.93 7.19
N ARG D 374 -33.30 21.93 7.83
CA ARG D 374 -34.67 22.00 8.34
C ARG D 374 -34.72 21.28 9.69
N LEU D 375 -34.56 22.03 10.76
CA LEU D 375 -34.82 21.50 12.09
C LEU D 375 -36.21 21.91 12.53
N GLN D 376 -36.95 20.96 13.08
CA GLN D 376 -38.31 21.24 13.50
C GLN D 376 -38.60 20.52 14.81
N LEU D 377 -39.18 21.24 15.76
CA LEU D 377 -39.61 20.65 17.00
C LEU D 377 -40.87 19.82 16.80
N VAL D 378 -40.99 18.74 17.57
CA VAL D 378 -42.17 17.91 17.54
C VAL D 378 -42.56 17.58 18.96
N LEU D 379 -43.85 17.28 19.13
CA LEU D 379 -44.44 17.05 20.46
C LEU D 379 -45.31 15.81 20.34
N LEU D 380 -44.92 14.74 21.01
CA LEU D 380 -45.58 13.45 20.87
C LEU D 380 -46.27 13.08 22.16
N PRO D 381 -47.57 12.80 22.14
CA PRO D 381 -48.27 12.37 23.35
C PRO D 381 -48.07 10.88 23.58
N PRO D 382 -47.98 10.45 24.84
CA PRO D 382 -47.80 9.01 25.10
C PRO D 382 -48.97 8.15 24.65
N ALA D 383 -50.11 8.75 24.30
CA ALA D 383 -51.24 7.99 23.81
C ALA D 383 -51.08 7.54 22.37
N LEU D 384 -50.13 8.11 21.63
CA LEU D 384 -49.89 7.68 20.26
C LEU D 384 -49.05 6.42 20.17
N PHE D 385 -48.55 5.91 21.29
CA PHE D 385 -47.72 4.72 21.31
C PHE D 385 -48.57 3.53 21.74
N ILE D 386 -48.78 2.60 20.81
CA ILE D 386 -49.57 1.40 21.09
C ILE D 386 -48.61 0.21 21.21
N PRO D 387 -48.96 -0.82 21.96
CA PRO D 387 -48.08 -2.00 22.05
C PRO D 387 -47.88 -2.62 20.68
N THR D 388 -46.72 -3.24 20.49
CA THR D 388 -46.40 -3.90 19.24
C THR D 388 -47.27 -5.13 19.09
N LEU D 389 -48.21 -5.09 18.14
CA LEU D 389 -49.21 -6.14 17.98
C LEU D 389 -49.02 -6.80 16.64
N GLU D 390 -48.85 -8.12 16.64
CA GLU D 390 -48.62 -8.87 15.42
C GLU D 390 -49.90 -9.13 14.64
N SER D 391 -51.01 -9.37 15.34
CA SER D 391 -52.28 -9.70 14.69
C SER D 391 -52.88 -8.44 14.09
N GLU D 392 -53.14 -8.48 12.77
CA GLU D 392 -53.71 -7.34 12.09
C GLU D 392 -55.09 -6.96 12.63
N ALA D 393 -55.68 -7.81 13.46
CA ALA D 393 -56.94 -7.45 14.10
C ALA D 393 -56.71 -6.58 15.34
N GLN D 394 -55.84 -7.03 16.25
CA GLN D 394 -55.58 -6.26 17.45
C GLN D 394 -54.93 -4.91 17.14
N TRP D 395 -54.19 -4.81 16.05
CA TRP D 395 -53.62 -3.52 15.67
C TRP D 395 -54.71 -2.56 15.24
N GLN D 396 -55.67 -3.03 14.43
CA GLN D 396 -56.70 -2.13 13.91
C GLN D 396 -57.71 -1.73 14.97
N GLU D 397 -57.80 -2.46 16.07
CA GLU D 397 -58.68 -2.02 17.16
C GLU D 397 -57.98 -1.02 18.06
N ALA D 398 -56.67 -1.18 18.24
CA ALA D 398 -55.92 -0.22 19.04
C ALA D 398 -55.62 1.05 18.26
N ALA D 399 -55.49 0.94 16.93
CA ALA D 399 -55.35 2.13 16.10
C ALA D 399 -56.61 2.98 16.09
N ARG D 400 -57.74 2.45 16.58
CA ARG D 400 -58.97 3.20 16.68
C ARG D 400 -59.39 3.48 18.12
N ALA D 401 -58.79 2.81 19.10
CA ALA D 401 -59.18 2.95 20.49
C ALA D 401 -58.50 4.12 21.18
N ILE D 402 -57.64 4.86 20.48
CA ILE D 402 -56.96 6.01 21.08
C ILE D 402 -57.84 7.23 20.92
N PRO D 403 -57.70 8.26 21.77
CA PRO D 403 -58.55 9.45 21.64
C PRO D 403 -58.44 10.12 20.28
N LYS D 404 -59.35 11.07 20.02
CA LYS D 404 -59.38 11.70 18.70
C LYS D 404 -58.42 12.88 18.60
N ASN D 405 -58.33 13.67 19.67
CA ASN D 405 -57.46 14.85 19.65
C ASN D 405 -55.98 14.48 19.66
N VAL D 406 -55.63 13.24 19.99
CA VAL D 406 -54.24 12.85 20.11
C VAL D 406 -53.60 12.81 18.73
N GLN D 407 -52.48 13.52 18.59
CA GLN D 407 -51.73 13.60 17.34
C GLN D 407 -50.37 14.24 17.62
N PRO D 408 -49.42 14.20 16.69
CA PRO D 408 -48.18 14.94 16.89
C PRO D 408 -48.29 16.37 16.38
N PHE D 409 -47.54 17.26 17.02
CA PHE D 409 -47.52 18.66 16.66
C PHE D 409 -46.10 19.10 16.35
N ILE D 410 -45.95 19.81 15.21
CA ILE D 410 -44.63 20.40 14.83
C ILE D 410 -44.63 21.78 15.47
N ILE D 411 -44.10 21.89 16.68
CA ILE D 411 -44.18 23.17 17.44
C ILE D 411 -43.40 24.33 16.78
N TYR D 412 -42.19 24.08 16.27
CA TYR D 412 -41.37 25.22 15.76
C TYR D 412 -40.41 24.75 14.66
N GLU D 413 -40.55 25.26 13.44
CA GLU D 413 -39.72 24.76 12.35
C GLU D 413 -38.68 25.83 12.02
N GLU D 414 -37.41 25.48 12.14
CA GLU D 414 -36.31 26.38 11.83
C GLU D 414 -35.75 26.04 10.46
N VAL D 415 -35.84 26.99 9.54
CA VAL D 415 -35.36 26.83 8.17
C VAL D 415 -34.29 27.87 7.91
N THR D 416 -33.10 27.42 7.52
CA THR D 416 -31.97 28.30 7.29
C THR D 416 -31.47 28.11 5.86
N ASN D 417 -30.37 28.80 5.56
CA ASN D 417 -29.72 28.67 4.27
C ASN D 417 -28.26 28.25 4.40
N VAL D 418 -27.74 28.15 5.61
CA VAL D 418 -26.33 27.82 5.81
C VAL D 418 -26.23 26.44 6.45
N TRP D 419 -26.72 26.33 7.68
CA TRP D 419 -26.84 25.06 8.39
C TRP D 419 -27.49 25.31 9.75
N ILE D 420 -27.78 24.23 10.48
CA ILE D 420 -28.46 24.32 11.76
C ILE D 420 -27.51 23.83 12.84
N ASN D 421 -27.11 24.72 13.74
CA ASN D 421 -26.41 24.29 14.94
C ASN D 421 -27.40 23.82 15.98
N VAL D 422 -27.13 22.64 16.53
CA VAL D 422 -28.07 21.98 17.43
C VAL D 422 -27.98 22.62 18.81
N HIS D 423 -28.97 23.45 19.13
CA HIS D 423 -29.05 24.08 20.44
C HIS D 423 -29.91 23.22 21.36
N ASP D 424 -29.41 23.01 22.57
CA ASP D 424 -30.19 22.33 23.59
C ASP D 424 -31.10 23.28 24.36
N ILE D 425 -31.16 24.55 23.96
CA ILE D 425 -31.90 25.56 24.71
C ILE D 425 -33.36 25.52 24.27
N PHE D 426 -34.22 25.01 25.14
CA PHE D 426 -35.66 24.99 24.90
C PHE D 426 -36.37 24.77 26.23
N HIS D 427 -37.21 25.71 26.63
CA HIS D 427 -37.88 25.65 27.93
C HIS D 427 -39.38 25.60 27.75
N PRO D 428 -40.01 24.43 27.90
CA PRO D 428 -41.46 24.36 27.80
C PRO D 428 -42.13 24.81 29.08
N PHE D 429 -43.14 25.64 28.94
CA PHE D 429 -43.82 26.14 30.12
C PHE D 429 -45.01 25.26 30.46
N PRO D 430 -45.09 24.73 31.67
CA PRO D 430 -46.32 24.03 32.09
C PRO D 430 -47.45 25.03 32.19
N GLN D 431 -48.52 24.77 31.44
CA GLN D 431 -49.64 25.68 31.36
C GLN D 431 -50.82 25.13 32.16
N ALA D 432 -51.91 25.89 32.15
CA ALA D 432 -53.16 25.48 32.79
C ALA D 432 -53.83 24.45 31.92
N GLU D 433 -55.12 24.18 32.15
CA GLU D 433 -55.88 23.34 31.22
C GLU D 433 -55.55 23.72 29.78
N GLY D 434 -55.61 25.01 29.47
CA GLY D 434 -54.91 25.63 28.35
C GLY D 434 -54.74 24.80 27.10
N GLN D 435 -55.77 24.05 26.73
CA GLN D 435 -55.64 23.13 25.60
C GLN D 435 -55.36 23.84 24.30
N GLN D 436 -55.77 25.10 24.17
CA GLN D 436 -55.64 25.80 22.90
C GLN D 436 -54.20 26.15 22.60
N ASP D 437 -53.49 26.74 23.56
CA ASP D 437 -52.19 27.36 23.31
C ASP D 437 -51.07 26.58 24.00
N PHE D 438 -49.84 26.97 23.66
CA PHE D 438 -48.64 26.36 24.22
C PHE D 438 -47.50 27.34 24.06
N CYS D 439 -46.81 27.67 25.15
CA CYS D 439 -45.77 28.68 25.15
C CYS D 439 -44.46 28.09 25.64
N PHE D 440 -43.35 28.56 25.08
CA PHE D 440 -42.04 28.04 25.44
C PHE D 440 -40.96 29.04 25.03
N LEU D 441 -39.78 28.86 25.62
CA LEU D 441 -38.62 29.67 25.29
C LEU D 441 -37.68 28.88 24.39
N ARG D 442 -37.29 29.48 23.27
CA ARG D 442 -36.46 28.78 22.29
C ARG D 442 -35.37 29.71 21.81
N ALA D 443 -34.16 29.19 21.68
CA ALA D 443 -33.00 29.97 21.26
C ALA D 443 -32.82 29.83 19.76
N ASN D 444 -33.61 30.60 19.01
CA ASN D 444 -33.48 30.63 17.57
C ASN D 444 -32.14 31.27 17.17
N GLU D 445 -31.62 30.83 16.02
CA GLU D 445 -30.43 31.44 15.45
C GLU D 445 -30.57 31.81 13.99
N CYS D 446 -31.39 31.11 13.22
CA CYS D 446 -31.54 31.38 11.80
C CYS D 446 -32.49 32.53 11.51
N LYS D 447 -33.11 33.10 12.55
CA LYS D 447 -34.06 34.19 12.32
C LYS D 447 -33.35 35.46 11.89
N THR D 448 -32.35 35.90 12.65
CA THR D 448 -31.64 37.13 12.36
C THR D 448 -30.15 36.93 12.10
N GLY D 449 -29.67 35.70 12.09
CA GLY D 449 -28.27 35.42 11.89
C GLY D 449 -27.45 35.30 13.16
N PHE D 450 -28.07 35.50 14.33
CA PHE D 450 -27.38 35.39 15.60
C PHE D 450 -28.24 34.57 16.55
N CYS D 451 -27.60 33.94 17.51
CA CYS D 451 -28.27 33.05 18.46
C CYS D 451 -28.84 33.90 19.59
N HIS D 452 -30.15 34.16 19.52
CA HIS D 452 -30.84 34.98 20.51
C HIS D 452 -31.97 34.19 21.13
N LEU D 453 -32.51 34.71 22.23
CA LEU D 453 -33.61 34.05 22.92
C LEU D 453 -34.94 34.59 22.41
N TYR D 454 -35.96 33.74 22.45
CA TYR D 454 -37.28 34.10 21.98
C TYR D 454 -38.34 33.46 22.86
N ARG D 455 -39.40 34.21 23.13
CA ARG D 455 -40.60 33.68 23.75
C ARG D 455 -41.68 33.59 22.69
N VAL D 456 -42.26 32.40 22.54
CA VAL D 456 -43.21 32.14 21.48
C VAL D 456 -44.34 31.29 22.03
N THR D 457 -45.58 31.67 21.68
CA THR D 457 -46.77 30.94 22.05
C THR D 457 -47.44 30.44 20.79
N VAL D 458 -47.79 29.15 20.78
CA VAL D 458 -48.37 28.51 19.61
C VAL D 458 -49.62 27.76 20.05
N ASP D 459 -50.58 27.65 19.13
CA ASP D 459 -51.85 26.99 19.42
C ASP D 459 -51.85 25.61 18.80
N LEU D 460 -52.43 24.65 19.53
CA LEU D 460 -52.43 23.25 19.11
C LEU D 460 -53.69 22.93 18.33
N LYS D 461 -53.62 23.14 17.02
CA LYS D 461 -54.73 22.78 16.15
C LYS D 461 -54.84 21.26 16.03
N THR D 462 -56.06 20.79 15.84
CA THR D 462 -56.33 19.36 15.79
C THR D 462 -57.21 19.05 14.59
N ASN D 463 -56.94 17.89 13.96
CA ASN D 463 -57.71 17.46 12.80
C ASN D 463 -58.39 16.10 12.98
N ASP D 464 -58.17 15.41 14.10
CA ASP D 464 -58.83 14.14 14.41
C ASP D 464 -58.63 13.13 13.28
N TYR D 465 -57.36 12.76 13.07
CA TYR D 465 -57.04 11.80 12.04
C TYR D 465 -57.64 10.43 12.36
N ASP D 466 -57.82 9.63 11.32
CA ASP D 466 -58.23 8.23 11.49
C ASP D 466 -56.97 7.38 11.45
N TRP D 467 -56.44 7.06 12.63
CA TRP D 467 -55.16 6.37 12.71
C TRP D 467 -55.25 4.90 12.29
N THR D 468 -56.43 4.41 11.91
CA THR D 468 -56.53 3.06 11.37
C THR D 468 -56.07 3.02 9.92
N GLU D 469 -56.51 3.99 9.12
CA GLU D 469 -56.13 4.00 7.71
C GLU D 469 -54.72 4.56 7.55
N PRO D 470 -53.95 4.05 6.60
CA PRO D 470 -52.59 4.56 6.39
C PRO D 470 -52.62 5.98 5.85
N LEU D 471 -51.72 6.82 6.37
CA LEU D 471 -51.69 8.24 6.05
C LEU D 471 -50.37 8.60 5.38
N SER D 472 -50.44 9.54 4.45
CA SER D 472 -49.26 10.12 3.80
C SER D 472 -49.23 11.61 4.09
N PRO D 473 -48.41 12.07 5.04
CA PRO D 473 -48.48 13.47 5.43
C PRO D 473 -47.96 14.40 4.34
N ALA D 474 -48.53 15.60 4.31
CA ALA D 474 -48.17 16.60 3.33
C ALA D 474 -47.06 17.50 3.89
N GLU D 475 -46.80 18.62 3.20
CA GLU D 475 -45.73 19.51 3.61
C GLU D 475 -45.96 20.10 4.99
N ASP D 476 -47.21 20.40 5.32
CA ASP D 476 -47.57 21.07 6.56
C ASP D 476 -48.62 20.28 7.34
N GLU D 477 -48.38 18.98 7.52
CA GLU D 477 -49.35 18.11 8.17
C GLU D 477 -49.65 18.57 9.59
N PHE D 478 -48.64 18.62 10.44
CA PHE D 478 -48.81 18.92 11.85
C PHE D 478 -48.29 20.29 12.25
N LYS D 479 -48.06 21.19 11.30
CA LYS D 479 -47.53 22.51 11.61
C LYS D 479 -48.60 23.34 12.30
N CYS D 480 -48.30 23.79 13.51
CA CYS D 480 -49.21 24.65 14.25
C CYS D 480 -48.91 26.11 13.92
N PRO D 481 -49.93 26.96 13.77
CA PRO D 481 -49.67 28.36 13.45
C PRO D 481 -49.27 29.15 14.69
N ILE D 482 -48.32 30.04 14.50
CA ILE D 482 -47.75 30.82 15.60
C ILE D 482 -48.72 31.90 16.03
N LYS D 483 -48.71 32.22 17.31
CA LYS D 483 -49.56 33.27 17.87
C LYS D 483 -48.78 34.52 18.27
N GLU D 484 -47.58 34.36 18.80
CA GLU D 484 -46.75 35.50 19.18
C GLU D 484 -45.29 35.08 19.12
N GLU D 485 -44.43 36.05 18.83
CA GLU D 485 -42.99 35.78 18.73
C GLU D 485 -42.26 37.08 19.06
N VAL D 486 -41.79 37.18 20.30
CA VAL D 486 -41.11 38.39 20.79
C VAL D 486 -39.66 38.04 21.10
N ALA D 487 -38.75 38.90 20.65
CA ALA D 487 -37.34 38.69 20.90
C ALA D 487 -36.96 39.22 22.27
N LEU D 488 -36.45 38.35 23.13
CA LEU D 488 -35.98 38.80 24.44
C LEU D 488 -34.65 39.54 24.32
N THR D 489 -33.77 39.06 23.46
CA THR D 489 -32.46 39.67 23.24
C THR D 489 -32.31 40.03 21.77
N SER D 490 -31.33 40.89 21.49
CA SER D 490 -31.06 41.33 20.13
C SER D 490 -29.65 41.92 20.07
N GLY D 491 -29.21 42.22 18.86
CA GLY D 491 -27.92 42.82 18.64
C GLY D 491 -26.97 41.89 17.92
N GLU D 492 -25.80 42.44 17.58
CA GLU D 492 -24.78 41.69 16.88
C GLU D 492 -23.93 40.88 17.85
N TRP D 493 -24.59 40.12 18.73
CA TRP D 493 -23.91 39.18 19.61
C TRP D 493 -24.77 37.92 19.65
N GLU D 494 -24.44 37.00 20.54
CA GLU D 494 -25.18 35.75 20.57
C GLU D 494 -25.23 35.19 21.98
N VAL D 495 -26.26 34.39 22.23
CA VAL D 495 -26.43 33.70 23.49
C VAL D 495 -25.76 32.33 23.37
N LEU D 496 -24.76 32.09 24.23
CA LEU D 496 -24.10 30.80 24.24
C LEU D 496 -25.10 29.68 24.42
N SER D 497 -25.07 28.71 23.52
CA SER D 497 -26.05 27.63 23.52
C SER D 497 -25.45 26.24 23.44
N ARG D 498 -24.25 26.07 22.90
CA ARG D 498 -23.64 24.77 22.69
C ARG D 498 -22.52 24.56 23.71
N HIS D 499 -21.91 23.38 23.64
CA HIS D 499 -20.79 23.03 24.51
C HIS D 499 -21.19 23.13 25.98
N GLY D 500 -22.27 22.45 26.35
CA GLY D 500 -22.69 22.39 27.72
C GLY D 500 -23.15 23.72 28.32
N SER D 501 -23.31 24.75 27.49
CA SER D 501 -23.86 26.01 27.98
C SER D 501 -25.37 25.97 27.89
N LYS D 502 -26.02 26.43 28.95
CA LYS D 502 -27.47 26.34 29.07
C LYS D 502 -28.01 27.64 29.64
N ILE D 503 -29.33 27.69 29.82
CA ILE D 503 -29.98 28.80 30.47
C ILE D 503 -30.63 28.31 31.76
N TRP D 504 -30.99 29.26 32.61
CA TRP D 504 -31.75 28.96 33.82
C TRP D 504 -32.95 29.91 33.84
N VAL D 505 -34.15 29.34 33.88
CA VAL D 505 -35.38 30.11 33.83
C VAL D 505 -36.04 30.05 35.20
N ASN D 506 -36.14 31.21 35.84
CA ASN D 506 -36.84 31.34 37.11
C ASN D 506 -38.28 31.76 36.81
N GLU D 507 -39.24 30.97 37.26
CA GLU D 507 -40.64 31.23 36.99
C GLU D 507 -41.34 32.00 38.10
N GLN D 508 -40.87 31.87 39.35
CA GLN D 508 -41.44 32.67 40.42
C GLN D 508 -41.19 34.16 40.21
N THR D 509 -40.00 34.52 39.73
CA THR D 509 -39.65 35.92 39.49
C THR D 509 -39.66 36.27 38.01
N LYS D 510 -39.99 35.33 37.13
CA LYS D 510 -40.12 35.58 35.71
C LYS D 510 -38.82 36.08 35.09
N LEU D 511 -37.72 35.37 35.40
CA LEU D 511 -36.40 35.75 34.92
C LEU D 511 -35.71 34.56 34.28
N VAL D 512 -34.90 34.86 33.26
CA VAL D 512 -34.10 33.85 32.58
C VAL D 512 -32.64 34.30 32.63
N TYR D 513 -31.77 33.40 33.08
CA TYR D 513 -30.34 33.65 33.19
C TYR D 513 -29.62 32.91 32.08
N PHE D 514 -28.77 33.61 31.34
CA PHE D 514 -28.08 33.02 30.20
C PHE D 514 -26.68 33.61 30.10
N GLN D 515 -25.84 32.96 29.29
CA GLN D 515 -24.48 33.40 29.04
C GLN D 515 -24.33 33.83 27.60
N GLY D 516 -23.66 34.96 27.39
CA GLY D 516 -23.49 35.48 26.06
C GLY D 516 -22.24 36.33 25.97
N THR D 517 -22.00 36.84 24.75
CA THR D 517 -20.85 37.68 24.49
C THR D 517 -21.29 39.09 24.13
N LYS D 518 -22.24 39.64 24.89
CA LYS D 518 -22.80 40.94 24.56
C LYS D 518 -21.75 42.05 24.64
N ASP D 519 -20.80 41.93 25.56
CA ASP D 519 -19.77 42.96 25.70
C ASP D 519 -18.75 42.88 24.56
N THR D 520 -18.06 41.74 24.45
CA THR D 520 -17.05 41.55 23.44
C THR D 520 -16.96 40.06 23.10
N PRO D 521 -16.69 39.73 21.84
CA PRO D 521 -16.64 38.31 21.45
C PRO D 521 -15.56 37.50 22.15
N LEU D 522 -14.73 38.17 22.96
CA LEU D 522 -13.60 37.50 23.61
C LEU D 522 -13.92 37.06 25.03
N GLU D 523 -15.14 37.26 25.52
CA GLU D 523 -15.44 36.98 26.91
C GLU D 523 -16.81 36.33 27.03
N HIS D 524 -16.97 35.48 28.03
CA HIS D 524 -18.25 34.86 28.36
C HIS D 524 -18.71 35.41 29.69
N HIS D 525 -19.87 36.06 29.68
CA HIS D 525 -20.42 36.67 30.88
C HIS D 525 -21.82 36.12 31.16
N LEU D 526 -22.29 36.37 32.37
CA LEU D 526 -23.60 35.91 32.82
C LEU D 526 -24.57 37.07 32.82
N TYR D 527 -25.60 36.97 31.98
CA TYR D 527 -26.59 38.02 31.83
C TYR D 527 -27.92 37.56 32.38
N VAL D 528 -28.88 38.48 32.44
CA VAL D 528 -30.21 38.18 32.94
C VAL D 528 -31.20 39.15 32.27
N VAL D 529 -32.40 38.63 32.00
CA VAL D 529 -33.47 39.43 31.39
C VAL D 529 -34.79 38.76 31.74
N SER D 530 -35.86 39.54 31.70
CA SER D 530 -37.19 39.06 32.03
C SER D 530 -37.87 38.55 30.78
N TYR D 531 -38.49 37.37 30.89
CA TYR D 531 -39.15 36.76 29.75
C TYR D 531 -40.63 37.12 29.65
N GLU D 532 -41.23 37.68 30.70
CA GLU D 532 -42.60 38.15 30.60
C GLU D 532 -42.65 39.51 29.89
N SER D 533 -41.61 40.31 30.05
CA SER D 533 -41.49 41.60 29.41
C SER D 533 -40.05 41.79 28.94
N ALA D 534 -39.88 42.04 27.65
CA ALA D 534 -38.55 42.20 27.05
C ALA D 534 -37.98 43.55 27.48
N GLY D 535 -37.42 43.57 28.68
CA GLY D 535 -36.88 44.80 29.24
C GLY D 535 -35.44 45.04 28.83
N GLU D 536 -34.56 45.21 29.81
CA GLU D 536 -33.14 45.45 29.56
C GLU D 536 -32.31 44.41 30.29
N ILE D 537 -31.15 44.12 29.71
CA ILE D 537 -30.30 43.03 30.17
C ILE D 537 -29.30 43.56 31.18
N VAL D 538 -28.89 42.70 32.12
CA VAL D 538 -28.00 43.07 33.21
C VAL D 538 -26.90 42.02 33.29
N ARG D 539 -25.65 42.45 33.18
CA ARG D 539 -24.52 41.54 33.34
C ARG D 539 -24.21 41.36 34.82
N LEU D 540 -23.89 40.12 35.19
CA LEU D 540 -23.69 39.76 36.59
C LEU D 540 -22.26 39.38 36.92
N THR D 541 -21.34 39.42 35.96
CA THR D 541 -19.97 39.02 36.19
C THR D 541 -19.02 40.19 35.98
N THR D 542 -17.89 40.14 36.67
CA THR D 542 -16.91 41.22 36.59
C THR D 542 -16.25 41.23 35.22
N PRO D 543 -16.19 42.38 34.56
CA PRO D 543 -15.61 42.42 33.20
C PRO D 543 -14.11 42.22 33.22
N GLY D 544 -13.52 42.11 32.04
CA GLY D 544 -12.10 41.85 31.94
C GLY D 544 -11.69 40.42 32.20
N PHE D 545 -12.63 39.48 32.08
CA PHE D 545 -12.35 38.06 32.28
C PHE D 545 -13.26 37.27 31.37
N SER D 546 -13.22 35.95 31.50
CA SER D 546 -14.17 35.07 30.82
C SER D 546 -14.59 34.00 31.81
N HIS D 547 -15.90 33.94 32.09
CA HIS D 547 -16.42 33.09 33.15
C HIS D 547 -17.16 31.90 32.56
N SER D 548 -17.31 30.88 33.40
CA SER D 548 -18.16 29.72 33.08
C SER D 548 -18.99 29.45 34.32
N CYS D 549 -20.15 30.10 34.39
CA CYS D 549 -20.97 30.13 35.59
C CYS D 549 -21.93 28.96 35.62
N SER D 550 -22.48 28.69 36.81
CA SER D 550 -23.45 27.63 37.01
C SER D 550 -24.38 28.05 38.15
N MET D 551 -25.64 28.33 37.81
CA MET D 551 -26.57 28.85 38.81
C MET D 551 -26.95 27.75 39.80
N SER D 552 -27.74 28.15 40.80
CA SER D 552 -28.29 27.22 41.78
C SER D 552 -29.76 26.96 41.48
N GLN D 553 -30.26 25.85 42.01
CA GLN D 553 -31.66 25.49 41.78
C GLN D 553 -32.62 26.43 42.51
N ASN D 554 -32.11 27.24 43.44
CA ASN D 554 -32.94 28.21 44.15
C ASN D 554 -32.77 29.62 43.61
N PHE D 555 -31.87 29.83 42.65
CA PHE D 555 -31.66 31.13 42.00
C PHE D 555 -31.23 32.19 43.00
N ASP D 556 -30.24 31.86 43.82
CA ASP D 556 -29.70 32.78 44.81
C ASP D 556 -28.19 32.89 44.78
N MET D 557 -27.48 31.89 44.26
CA MET D 557 -26.03 31.89 44.21
C MET D 557 -25.58 31.42 42.83
N PHE D 558 -24.30 31.59 42.56
CA PHE D 558 -23.70 31.10 41.32
C PHE D 558 -22.19 31.11 41.48
N VAL D 559 -21.56 30.02 41.07
CA VAL D 559 -20.09 29.94 41.05
C VAL D 559 -19.60 30.41 39.69
N SER D 560 -18.45 31.09 39.68
CA SER D 560 -17.86 31.59 38.45
C SER D 560 -16.43 31.10 38.36
N HIS D 561 -16.17 30.19 37.44
CA HIS D 561 -14.83 29.68 37.16
C HIS D 561 -14.29 30.50 35.99
N TYR D 562 -13.36 31.41 36.28
CA TYR D 562 -12.99 32.41 35.28
C TYR D 562 -11.50 32.67 35.32
N SER D 563 -10.98 33.14 34.18
CA SER D 563 -9.57 33.43 34.01
C SER D 563 -9.42 34.47 32.92
N SER D 564 -8.20 34.95 32.72
CA SER D 564 -7.91 35.90 31.66
C SER D 564 -6.60 35.49 31.00
N VAL D 565 -6.22 36.24 29.96
CA VAL D 565 -4.99 35.94 29.24
C VAL D 565 -3.80 35.94 30.19
N SER D 566 -3.74 36.91 31.09
CA SER D 566 -2.62 37.05 32.00
C SER D 566 -2.94 36.64 33.43
N THR D 567 -3.89 35.72 33.64
CA THR D 567 -4.22 35.28 34.98
C THR D 567 -4.76 33.86 34.96
N PRO D 568 -4.20 32.87 35.73
CA PRO D 568 -4.78 31.50 35.80
C PRO D 568 -6.24 31.36 36.24
N PRO D 569 -6.92 30.23 35.95
CA PRO D 569 -8.30 30.02 36.36
C PRO D 569 -8.49 30.03 37.89
N CYS D 570 -9.52 30.74 38.36
CA CYS D 570 -9.84 30.75 39.82
C CYS D 570 -11.34 30.57 39.98
N VAL D 571 -11.78 29.75 40.93
CA VAL D 571 -13.24 29.49 41.10
C VAL D 571 -13.73 30.34 42.26
N HIS D 572 -14.64 31.28 41.99
CA HIS D 572 -15.14 32.19 43.05
C HIS D 572 -16.66 32.02 43.14
N VAL D 573 -17.19 31.84 44.36
CA VAL D 573 -18.66 31.73 44.53
C VAL D 573 -19.23 33.11 44.91
N TYR D 574 -20.27 33.55 44.20
CA TYR D 574 -20.89 34.87 44.47
C TYR D 574 -22.34 34.65 44.90
N LYS D 575 -22.77 35.33 45.96
CA LYS D 575 -24.17 35.20 46.44
C LYS D 575 -24.94 36.46 46.05
N LEU D 576 -26.05 36.31 45.31
CA LEU D 576 -26.80 37.50 44.84
C LEU D 576 -27.56 38.11 46.01
N SER D 577 -27.35 39.41 46.28
CA SER D 577 -28.15 40.10 47.31
C SER D 577 -28.74 41.37 46.72
N GLY D 578 -30.07 41.48 46.67
CA GLY D 578 -30.69 42.64 46.01
C GLY D 578 -32.12 42.85 46.45
N PRO D 579 -32.78 43.95 46.05
CA PRO D 579 -34.14 44.24 46.49
C PRO D 579 -35.11 43.12 46.03
N ASP D 580 -35.99 42.67 46.93
CA ASP D 580 -37.00 41.65 46.56
C ASP D 580 -37.93 42.25 45.51
N ASP D 581 -38.25 43.53 45.64
CA ASP D 581 -39.19 44.21 44.70
C ASP D 581 -38.64 44.16 43.27
N ASP D 582 -37.33 44.35 43.09
CA ASP D 582 -36.76 44.21 41.71
C ASP D 582 -35.82 43.01 41.65
N PRO D 583 -36.29 41.84 41.17
CA PRO D 583 -35.41 40.67 41.00
C PRO D 583 -34.35 40.89 39.92
N LEU D 584 -34.71 41.57 38.83
CA LEU D 584 -33.75 41.84 37.71
C LEU D 584 -32.60 42.68 38.24
N HIS D 585 -32.87 43.63 39.14
CA HIS D 585 -31.81 44.56 39.61
C HIS D 585 -31.08 44.01 40.84
N LYS D 586 -31.36 42.76 41.24
CA LYS D 586 -30.58 42.16 42.35
C LYS D 586 -29.11 42.14 41.92
N GLN D 587 -28.19 42.51 42.82
CA GLN D 587 -26.76 42.63 42.41
C GLN D 587 -25.93 41.57 43.14
N PRO D 588 -25.08 40.80 42.41
CA PRO D 588 -24.26 39.78 43.05
C PRO D 588 -23.23 40.34 44.04
N ARG D 589 -23.05 39.65 45.16
CA ARG D 589 -22.02 40.08 46.16
C ARG D 589 -20.96 38.98 46.17
N PHE D 590 -19.67 39.36 46.07
CA PHE D 590 -18.64 38.31 46.18
C PHE D 590 -18.76 37.66 47.56
N TRP D 591 -18.77 36.33 47.61
CA TRP D 591 -19.00 35.67 48.92
C TRP D 591 -17.70 34.98 49.40
N ALA D 592 -17.13 34.10 48.58
CA ALA D 592 -15.93 33.35 49.01
C ALA D 592 -15.18 32.85 47.76
N SER D 593 -13.91 32.48 47.90
CA SER D 593 -13.17 31.91 46.75
C SER D 593 -12.87 30.43 47.00
N MET D 594 -13.47 29.53 46.21
CA MET D 594 -13.19 28.09 46.34
C MET D 594 -11.74 27.80 45.94
N MET D 595 -11.27 28.44 44.86
CA MET D 595 -9.88 28.19 44.37
C MET D 595 -9.26 29.53 43.95
N GLU D 596 -7.93 29.64 43.97
CA GLU D 596 -7.26 30.93 43.66
C GLU D 596 -6.24 30.74 42.54
N ALA D 597 -5.96 31.79 41.76
CA ALA D 597 -5.02 31.71 40.62
C ALA D 597 -3.57 31.53 41.09
N ALA D 598 -2.81 30.64 40.44
CA ALA D 598 -1.37 30.45 40.75
C ALA D 598 -0.57 31.70 40.40
N SER D 599 -0.91 32.39 39.30
CA SER D 599 -0.24 33.63 38.81
C SER D 599 0.93 33.33 37.87
N CYS D 600 1.33 32.05 37.74
CA CYS D 600 2.42 31.65 36.79
C CYS D 600 3.65 32.57 36.90
N PRO D 601 4.24 32.81 38.09
CA PRO D 601 5.34 33.80 38.23
C PRO D 601 6.73 33.71 37.57
N PRO D 602 7.42 32.56 37.43
CA PRO D 602 8.82 32.54 36.96
C PRO D 602 9.25 32.46 35.49
N ASP D 603 8.48 31.80 34.61
CA ASP D 603 8.97 31.61 33.25
C ASP D 603 7.94 31.93 32.18
N TYR D 604 6.68 32.15 32.55
CA TYR D 604 5.61 32.36 31.58
C TYR D 604 5.42 33.84 31.31
N VAL D 605 5.08 34.16 30.06
CA VAL D 605 4.76 35.53 29.64
C VAL D 605 3.52 35.48 28.76
N PRO D 606 2.41 36.05 29.18
CA PRO D 606 1.15 35.90 28.44
C PRO D 606 1.22 36.59 27.10
N PRO D 607 0.49 36.11 26.10
CA PRO D 607 0.49 36.75 24.79
C PRO D 607 -0.30 38.06 24.81
N GLU D 608 -0.45 38.68 23.64
CA GLU D 608 -1.12 39.97 23.55
C GLU D 608 -2.17 39.89 22.45
N ILE D 609 -3.41 40.20 22.80
CA ILE D 609 -4.51 40.12 21.85
C ILE D 609 -4.56 41.40 21.03
N PHE D 610 -4.75 41.26 19.72
CA PHE D 610 -4.94 42.39 18.83
C PHE D 610 -6.07 42.07 17.87
N HIS D 611 -6.47 43.07 17.08
CA HIS D 611 -7.47 42.86 16.05
C HIS D 611 -7.21 43.84 14.92
N PHE D 612 -7.72 43.52 13.76
CA PHE D 612 -7.47 44.31 12.56
C PHE D 612 -8.67 44.21 11.65
N HIS D 613 -8.51 44.68 10.41
CA HIS D 613 -9.53 44.59 9.39
C HIS D 613 -8.89 44.10 8.10
N THR D 614 -9.64 43.28 7.36
CA THR D 614 -9.15 42.71 6.12
C THR D 614 -9.46 43.67 4.96
N ARG D 615 -9.07 43.25 3.76
CA ARG D 615 -9.34 44.04 2.57
C ARG D 615 -10.82 44.19 2.30
N ALA D 616 -11.65 43.24 2.74
CA ALA D 616 -13.09 43.32 2.58
C ALA D 616 -13.77 43.90 3.81
N ASP D 617 -13.01 44.52 4.71
CA ASP D 617 -13.52 45.12 5.93
C ASP D 617 -14.31 44.11 6.76
N VAL D 618 -13.58 43.09 7.21
CA VAL D 618 -14.11 42.06 8.09
C VAL D 618 -13.18 41.98 9.29
N GLN D 619 -13.65 42.44 10.44
CA GLN D 619 -12.80 42.51 11.63
C GLN D 619 -12.42 41.11 12.08
N LEU D 620 -11.12 40.88 12.20
CA LEU D 620 -10.58 39.62 12.70
C LEU D 620 -9.77 39.85 13.96
N TYR D 621 -9.63 38.80 14.75
CA TYR D 621 -8.86 38.85 15.98
C TYR D 621 -7.57 38.07 15.81
N GLY D 622 -6.67 38.22 16.78
CA GLY D 622 -5.41 37.52 16.73
C GLY D 622 -4.66 37.72 18.03
N MET D 623 -3.56 37.00 18.16
CA MET D 623 -2.74 37.07 19.37
C MET D 623 -1.33 36.66 19.01
N ILE D 624 -0.36 37.19 19.76
CA ILE D 624 1.05 36.99 19.46
C ILE D 624 1.84 36.89 20.75
N TYR D 625 2.69 35.88 20.83
CA TYR D 625 3.65 35.73 21.92
C TYR D 625 4.94 36.42 21.48
N LYS D 626 5.31 37.49 22.16
CA LYS D 626 6.50 38.22 21.77
C LYS D 626 7.75 37.44 22.17
N PRO D 627 8.81 37.47 21.35
CA PRO D 627 10.01 36.69 21.66
C PRO D 627 10.71 37.22 22.90
N HIS D 628 11.08 36.31 23.79
CA HIS D 628 11.84 36.67 24.97
C HIS D 628 13.19 37.25 24.58
N THR D 629 13.62 38.29 25.30
CA THR D 629 14.89 38.96 25.07
C THR D 629 14.97 39.50 23.64
N LEU D 630 14.08 40.44 23.37
CA LEU D 630 13.95 41.06 22.05
C LEU D 630 14.78 42.33 21.99
N GLN D 631 15.51 42.50 20.88
CA GLN D 631 16.29 43.70 20.61
C GLN D 631 15.75 44.38 19.36
N PRO D 632 15.78 45.74 19.20
CA PRO D 632 15.21 46.36 18.00
C PRO D 632 16.05 46.08 16.77
N GLY D 633 15.42 45.99 15.59
CA GLY D 633 16.16 45.68 14.35
C GLY D 633 16.49 44.21 14.24
N ARG D 634 15.86 43.37 15.07
CA ARG D 634 16.10 41.91 15.02
C ARG D 634 14.89 41.24 14.36
N LYS D 635 15.13 40.47 13.31
CA LYS D 635 14.04 39.74 12.62
C LYS D 635 13.99 38.31 13.15
N HIS D 636 13.02 37.98 14.01
CA HIS D 636 13.02 36.66 14.59
C HIS D 636 12.25 35.69 13.70
N PRO D 637 12.54 34.39 13.79
CA PRO D 637 11.75 33.40 13.05
C PRO D 637 10.44 33.12 13.77
N THR D 638 9.37 33.09 13.01
CA THR D 638 8.03 32.99 13.57
C THR D 638 7.42 31.63 13.29
N VAL D 639 6.25 31.40 13.88
CA VAL D 639 5.49 30.16 13.71
C VAL D 639 4.02 30.54 13.70
N LEU D 640 3.30 30.12 12.65
CA LEU D 640 1.87 30.42 12.55
C LEU D 640 1.09 29.19 13.02
N PHE D 641 0.82 29.16 14.33
CA PHE D 641 -0.03 28.12 14.86
C PHE D 641 -1.48 28.39 14.47
N VAL D 642 -2.16 27.37 13.95
CA VAL D 642 -3.47 27.56 13.35
C VAL D 642 -4.36 26.36 13.62
N TYR D 643 -5.64 26.64 13.85
CA TYR D 643 -6.69 25.64 13.71
C TYR D 643 -7.63 25.98 12.57
N GLY D 644 -8.22 27.17 12.58
CA GLY D 644 -8.93 27.71 11.44
C GLY D 644 -10.21 27.00 11.05
N GLY D 645 -10.75 26.13 11.92
CA GLY D 645 -11.93 25.39 11.58
C GLY D 645 -13.16 25.89 12.29
N PRO D 646 -14.32 25.32 11.96
CA PRO D 646 -15.56 25.71 12.64
C PRO D 646 -15.68 25.08 14.01
N GLN D 647 -16.57 25.65 14.81
CA GLN D 647 -16.94 25.21 16.16
C GLN D 647 -15.83 25.43 17.18
N VAL D 648 -14.72 26.06 16.81
CA VAL D 648 -13.61 26.29 17.72
C VAL D 648 -13.06 27.68 17.48
N GLN D 649 -12.83 28.43 18.55
CA GLN D 649 -12.07 29.68 18.48
C GLN D 649 -10.91 29.61 19.46
N LEU D 650 -9.81 30.24 19.07
CA LEU D 650 -8.57 30.18 19.84
C LEU D 650 -8.18 31.52 20.45
N VAL D 651 -8.57 32.63 19.83
CA VAL D 651 -8.18 33.96 20.29
C VAL D 651 -9.33 34.47 21.15
N ASN D 652 -9.17 34.36 22.47
CA ASN D 652 -10.18 34.83 23.41
C ASN D 652 -9.51 35.08 24.75
N ASN D 653 -10.12 35.94 25.55
CA ASN D 653 -9.50 36.40 26.79
C ASN D 653 -9.57 35.35 27.89
N SER D 654 -8.84 34.26 27.72
CA SER D 654 -8.79 33.20 28.72
C SER D 654 -7.37 32.65 28.80
N PHE D 655 -7.05 32.07 29.95
CA PHE D 655 -5.69 31.65 30.23
C PHE D 655 -5.26 30.51 29.30
N LYS D 656 -4.28 30.77 28.46
CA LYS D 656 -3.76 29.79 27.52
C LYS D 656 -2.55 29.03 28.06
N GLY D 657 -1.97 29.49 29.16
CA GLY D 657 -0.73 28.94 29.66
C GLY D 657 -0.79 27.53 30.20
N ILE D 658 -1.91 26.83 30.02
CA ILE D 658 -2.02 25.46 30.52
C ILE D 658 -2.38 24.54 29.36
N LYS D 659 -3.03 25.10 28.33
CA LYS D 659 -3.36 24.32 27.15
C LYS D 659 -2.26 24.43 26.11
N TYR D 660 -1.73 25.62 25.90
CA TYR D 660 -0.61 25.86 24.99
C TYR D 660 0.46 26.61 25.76
N LEU D 661 1.30 25.88 26.49
CA LEU D 661 2.52 26.45 27.02
C LEU D 661 3.71 26.16 26.13
N ARG D 662 3.61 25.15 25.28
CA ARG D 662 4.63 24.95 24.25
C ARG D 662 4.72 26.16 23.33
N LEU D 663 3.63 26.90 23.17
CA LEU D 663 3.69 28.15 22.44
C LEU D 663 4.57 29.16 23.18
N ASN D 664 4.53 29.15 24.51
CA ASN D 664 5.43 30.00 25.28
C ASN D 664 6.85 29.44 25.29
N THR D 665 6.98 28.12 25.40
CA THR D 665 8.30 27.51 25.29
C THR D 665 8.94 27.83 23.95
N LEU D 666 8.13 27.86 22.89
CA LEU D 666 8.64 28.29 21.59
C LEU D 666 9.06 29.75 21.62
N ALA D 667 8.50 30.55 22.52
CA ALA D 667 8.83 31.97 22.59
C ALA D 667 10.09 32.20 23.43
N SER D 668 10.27 31.42 24.50
CA SER D 668 11.48 31.54 25.29
C SER D 668 12.73 31.25 24.48
N LEU D 669 12.62 30.44 23.44
CA LEU D 669 13.77 30.16 22.59
C LEU D 669 14.12 31.34 21.70
N GLY D 670 13.11 32.06 21.21
CA GLY D 670 13.36 33.17 20.33
C GLY D 670 12.47 33.19 19.12
N TYR D 671 11.46 32.32 19.12
CA TYR D 671 10.47 32.30 18.05
C TYR D 671 9.29 33.19 18.43
N ALA D 672 8.81 33.96 17.45
CA ALA D 672 7.51 34.59 17.57
C ALA D 672 6.42 33.59 17.20
N VAL D 673 5.27 33.73 17.82
CA VAL D 673 4.12 32.87 17.53
C VAL D 673 2.94 33.78 17.19
N VAL D 674 2.22 33.44 16.12
CA VAL D 674 1.10 34.24 15.65
C VAL D 674 -0.10 33.33 15.48
N VAL D 675 -1.14 33.57 16.27
CA VAL D 675 -2.41 32.85 16.17
C VAL D 675 -3.51 33.85 15.83
N ILE D 676 -4.18 33.64 14.71
CA ILE D 676 -5.29 34.51 14.33
C ILE D 676 -6.48 33.63 13.96
N ASP D 677 -7.68 34.09 14.31
CA ASP D 677 -8.93 33.37 14.06
C ASP D 677 -9.65 34.06 12.91
N GLY D 678 -9.44 33.55 11.70
CA GLY D 678 -10.07 34.10 10.52
C GLY D 678 -11.50 33.65 10.37
N ARG D 679 -12.07 33.97 9.22
CA ARG D 679 -13.44 33.60 8.92
C ARG D 679 -13.60 32.09 8.97
N GLY D 680 -14.57 31.62 9.74
CA GLY D 680 -14.80 30.20 9.90
C GLY D 680 -14.98 29.80 11.34
N SER D 681 -14.45 30.61 12.25
CA SER D 681 -14.52 30.30 13.68
C SER D 681 -15.95 30.51 14.18
N CYS D 682 -16.14 30.36 15.49
CA CYS D 682 -17.45 30.47 16.11
C CYS D 682 -17.52 31.75 16.94
N GLN D 683 -18.63 31.91 17.66
CA GLN D 683 -18.89 33.04 18.53
C GLN D 683 -18.93 34.36 17.77
N ARG D 684 -19.25 34.34 16.48
CA ARG D 684 -19.23 35.56 15.67
C ARG D 684 -20.41 35.63 14.71
N GLY D 685 -21.47 34.85 14.95
CA GLY D 685 -22.64 34.88 14.10
C GLY D 685 -22.72 33.67 13.19
N LEU D 686 -23.50 33.84 12.12
CA LEU D 686 -23.72 32.78 11.14
C LEU D 686 -23.18 33.15 9.76
N HIS D 687 -23.49 34.34 9.26
CA HIS D 687 -22.97 34.76 7.97
C HIS D 687 -21.45 34.91 8.00
N PHE D 688 -20.87 35.08 9.19
CA PHE D 688 -19.41 35.07 9.31
C PHE D 688 -18.87 33.65 9.28
N GLU D 689 -19.38 32.79 10.16
CA GLU D 689 -19.01 31.38 10.15
C GLU D 689 -19.40 30.70 8.85
N GLY D 690 -20.48 31.13 8.21
CA GLY D 690 -20.97 30.47 7.02
C GLY D 690 -20.23 30.82 5.76
N ALA D 691 -19.01 31.33 5.89
CA ALA D 691 -18.18 31.62 4.74
C ALA D 691 -17.48 30.37 4.20
N LEU D 692 -17.50 29.28 4.95
CA LEU D 692 -16.85 28.04 4.56
C LEU D 692 -17.67 27.20 3.60
N LYS D 693 -18.98 27.47 3.48
CA LYS D 693 -19.91 26.55 2.84
C LYS D 693 -19.43 26.19 1.43
N ASN D 694 -19.23 24.89 1.21
CA ASN D 694 -18.79 24.31 -0.05
C ASN D 694 -17.38 24.74 -0.44
N GLN D 695 -16.65 25.39 0.47
CA GLN D 695 -15.30 25.85 0.17
C GLN D 695 -14.37 25.62 1.35
N MET D 696 -14.54 24.50 2.06
CA MET D 696 -13.65 24.21 3.17
C MET D 696 -12.22 24.08 2.66
N GLY D 697 -11.36 25.01 3.06
CA GLY D 697 -9.98 25.01 2.60
C GLY D 697 -9.60 26.22 1.78
N GLN D 698 -10.51 26.69 0.93
CA GLN D 698 -10.20 27.73 -0.04
C GLN D 698 -10.27 29.14 0.53
N VAL D 699 -10.68 29.31 1.77
CA VAL D 699 -10.92 30.63 2.36
C VAL D 699 -10.05 30.87 3.59
N GLU D 700 -9.92 29.86 4.45
CA GLU D 700 -9.31 30.07 5.76
C GLU D 700 -7.86 30.52 5.67
N ILE D 701 -7.10 29.95 4.73
CA ILE D 701 -5.67 30.25 4.66
C ILE D 701 -5.46 31.64 4.09
N GLU D 702 -6.43 32.15 3.33
CA GLU D 702 -6.28 33.48 2.76
C GLU D 702 -6.29 34.55 3.83
N ASP D 703 -7.05 34.34 4.90
CA ASP D 703 -7.07 35.28 6.01
C ASP D 703 -5.86 35.13 6.92
N GLN D 704 -5.22 33.98 6.93
CA GLN D 704 -4.04 33.80 7.77
C GLN D 704 -2.89 34.68 7.29
N VAL D 705 -2.61 34.64 5.98
CA VAL D 705 -1.55 35.49 5.43
C VAL D 705 -1.98 36.95 5.44
N GLU D 706 -3.27 37.21 5.22
CA GLU D 706 -3.79 38.56 5.33
C GLU D 706 -3.53 39.14 6.71
N GLY D 707 -3.59 38.29 7.74
CA GLY D 707 -3.33 38.75 9.09
C GLY D 707 -1.87 38.68 9.47
N LEU D 708 -1.18 37.64 9.03
CA LEU D 708 0.25 37.51 9.33
C LEU D 708 1.03 38.72 8.81
N GLN D 709 0.67 39.21 7.62
CA GLN D 709 1.31 40.42 7.11
C GLN D 709 1.03 41.62 8.00
N TYR D 710 -0.17 41.71 8.57
CA TYR D 710 -0.51 42.83 9.43
C TYR D 710 0.42 42.90 10.63
N VAL D 711 0.70 41.76 11.26
CA VAL D 711 1.62 41.74 12.39
C VAL D 711 3.02 42.20 11.97
N ALA D 712 3.38 42.03 10.70
CA ALA D 712 4.69 42.44 10.25
C ALA D 712 4.84 43.95 10.22
N GLU D 713 3.72 44.68 10.12
CA GLU D 713 3.81 46.13 10.14
C GLU D 713 3.58 46.69 11.54
N LYS D 714 2.56 46.19 12.24
CA LYS D 714 2.31 46.66 13.60
C LYS D 714 3.51 46.43 14.50
N TYR D 715 4.20 45.31 14.33
CA TYR D 715 5.46 45.04 15.01
C TYR D 715 6.58 45.01 13.97
N GLY D 716 7.77 44.67 14.41
CA GLY D 716 8.90 44.66 13.49
C GLY D 716 9.73 43.40 13.53
N PHE D 717 9.46 42.51 14.48
CA PHE D 717 10.29 41.34 14.71
C PHE D 717 9.77 40.09 13.99
N ILE D 718 9.12 40.26 12.85
CA ILE D 718 8.57 39.15 12.09
C ILE D 718 9.38 39.00 10.82
N ASP D 719 10.17 37.93 10.72
CA ASP D 719 10.99 37.65 9.55
C ASP D 719 10.16 36.84 8.57
N LEU D 720 9.61 37.51 7.56
CA LEU D 720 8.74 36.86 6.59
C LEU D 720 9.46 35.82 5.73
N SER D 721 10.78 35.75 5.81
CA SER D 721 11.52 34.71 5.10
C SER D 721 11.49 33.39 5.84
N ARG D 722 11.43 33.41 7.17
CA ARG D 722 11.45 32.23 8.00
C ARG D 722 10.15 32.19 8.81
N VAL D 723 9.17 31.44 8.32
CA VAL D 723 7.90 31.27 9.03
C VAL D 723 7.32 29.89 8.74
N ALA D 724 7.07 29.12 9.78
CA ALA D 724 6.50 27.80 9.66
C ALA D 724 4.98 27.89 9.83
N ILE D 725 4.30 26.74 9.80
CA ILE D 725 2.86 26.70 10.01
C ILE D 725 2.54 25.35 10.62
N HIS D 726 1.70 25.34 11.64
CA HIS D 726 1.51 24.14 12.45
C HIS D 726 0.12 24.06 13.05
N GLY D 727 -0.53 22.90 12.90
CA GLY D 727 -1.87 22.72 13.42
C GLY D 727 -2.19 21.25 13.54
N TRP D 728 -3.31 20.96 14.20
CA TRP D 728 -3.68 19.59 14.52
C TRP D 728 -5.12 19.32 14.09
N SER D 729 -5.27 18.48 13.06
CA SER D 729 -6.51 17.83 12.63
C SER D 729 -7.48 18.78 11.94
N TYR D 730 -7.23 20.08 12.03
CA TYR D 730 -7.73 21.01 11.02
C TYR D 730 -6.70 22.06 10.67
N GLY D 731 -5.77 22.37 11.55
CA GLY D 731 -4.59 23.10 11.14
C GLY D 731 -3.62 22.27 10.33
N GLY D 732 -3.58 20.97 10.58
CA GLY D 732 -2.80 20.07 9.76
C GLY D 732 -3.34 20.03 8.36
N PHE D 733 -4.66 19.94 8.23
CA PHE D 733 -5.29 20.13 6.93
C PHE D 733 -4.93 21.48 6.35
N LEU D 734 -4.97 22.52 7.17
CA LEU D 734 -4.68 23.87 6.68
C LEU D 734 -3.19 24.10 6.48
N SER D 735 -2.34 23.49 7.31
CA SER D 735 -0.90 23.58 7.08
C SER D 735 -0.55 23.06 5.69
N LEU D 736 -1.05 21.88 5.34
CA LEU D 736 -0.85 21.36 4.00
C LEU D 736 -1.49 22.24 2.95
N MET D 737 -2.62 22.88 3.25
CA MET D 737 -3.22 23.77 2.28
C MET D 737 -2.47 25.09 2.17
N GLY D 738 -1.69 25.43 3.19
CA GLY D 738 -0.85 26.60 3.13
C GLY D 738 0.39 26.36 2.31
N LEU D 739 1.06 25.24 2.55
CA LEU D 739 2.26 24.89 1.80
C LEU D 739 1.98 24.64 0.32
N ILE D 740 0.72 24.39 -0.05
CA ILE D 740 0.33 24.19 -1.44
C ILE D 740 -0.07 25.51 -2.09
N HIS D 741 -0.84 26.33 -1.38
CA HIS D 741 -1.30 27.60 -1.94
C HIS D 741 -0.26 28.71 -1.76
N LYS D 742 0.45 28.71 -0.64
CA LYS D 742 1.40 29.78 -0.32
C LYS D 742 2.78 29.18 -0.02
N PRO D 743 3.41 28.55 -1.02
CA PRO D 743 4.76 28.04 -0.77
C PRO D 743 5.78 29.14 -0.61
N GLN D 744 5.63 30.25 -1.35
CA GLN D 744 6.50 31.39 -1.22
C GLN D 744 6.31 32.15 0.08
N VAL D 745 5.27 31.83 0.86
CA VAL D 745 5.00 32.52 2.10
C VAL D 745 5.51 31.69 3.27
N PHE D 746 5.26 30.39 3.24
CA PHE D 746 5.61 29.50 4.33
C PHE D 746 6.85 28.69 3.98
N LYS D 747 7.83 28.70 4.88
CA LYS D 747 9.06 27.94 4.68
C LYS D 747 8.80 26.44 4.81
N VAL D 748 8.31 26.01 5.97
CA VAL D 748 8.06 24.60 6.22
C VAL D 748 6.66 24.45 6.79
N ALA D 749 6.17 23.23 6.81
CA ALA D 749 4.86 22.91 7.34
C ALA D 749 4.96 21.72 8.29
N ILE D 750 4.12 21.74 9.32
CA ILE D 750 4.05 20.63 10.26
C ILE D 750 2.59 20.26 10.46
N ALA D 751 2.13 19.25 9.73
CA ALA D 751 0.73 18.85 9.74
C ALA D 751 0.53 17.73 10.75
N GLY D 752 -0.37 17.95 11.71
CA GLY D 752 -0.67 16.95 12.70
C GLY D 752 -2.03 16.32 12.51
N ALA D 753 -2.05 15.04 12.11
CA ALA D 753 -3.27 14.28 11.89
C ALA D 753 -4.22 14.96 10.92
N PRO D 754 -3.79 15.24 9.70
CA PRO D 754 -4.61 16.05 8.79
C PRO D 754 -5.70 15.23 8.12
N VAL D 755 -6.76 15.93 7.71
CA VAL D 755 -7.81 15.37 6.88
C VAL D 755 -7.42 15.61 5.44
N THR D 756 -7.06 14.54 4.73
CA THR D 756 -6.48 14.67 3.40
C THR D 756 -7.52 14.56 2.29
N VAL D 757 -8.54 13.72 2.46
CA VAL D 757 -9.57 13.54 1.45
C VAL D 757 -10.93 13.60 2.14
N TRP D 758 -11.84 14.37 1.56
CA TRP D 758 -13.13 14.62 2.17
C TRP D 758 -14.16 13.55 1.81
N MET D 759 -13.91 12.79 0.76
CA MET D 759 -14.83 11.72 0.37
C MET D 759 -14.84 10.56 1.35
N ALA D 760 -13.97 10.58 2.36
CA ALA D 760 -13.80 9.48 3.29
C ALA D 760 -14.03 9.92 4.73
N TYR D 761 -14.82 10.97 4.91
CA TYR D 761 -15.17 11.47 6.23
C TYR D 761 -16.67 11.28 6.45
N ASP D 762 -17.09 11.32 7.72
CA ASP D 762 -18.44 10.92 8.04
C ASP D 762 -19.46 11.96 7.56
N THR D 763 -20.74 11.60 7.66
CA THR D 763 -21.82 12.41 7.09
C THR D 763 -22.13 13.61 7.98
N GLY D 764 -22.23 13.39 9.29
CA GLY D 764 -22.68 14.45 10.18
C GLY D 764 -21.84 15.71 10.11
N TYR D 765 -20.55 15.57 9.88
CA TYR D 765 -19.67 16.73 9.85
C TYR D 765 -19.47 17.26 8.43
N THR D 766 -19.25 16.37 7.47
CA THR D 766 -18.91 16.81 6.12
C THR D 766 -20.13 17.35 5.40
N GLU D 767 -21.23 16.60 5.38
CA GLU D 767 -22.43 17.03 4.68
C GLU D 767 -22.97 18.35 5.21
N ARG D 768 -22.73 18.66 6.47
CA ARG D 768 -23.20 19.92 7.03
C ARG D 768 -22.50 21.10 6.36
N TYR D 769 -21.19 20.99 6.17
CA TYR D 769 -20.41 22.09 5.60
C TYR D 769 -20.07 21.92 4.14
N MET D 770 -20.27 20.73 3.56
CA MET D 770 -19.72 20.48 2.23
C MET D 770 -20.69 19.87 1.23
N ASP D 771 -21.99 19.74 1.55
CA ASP D 771 -22.96 19.47 0.50
C ASP D 771 -22.73 18.14 -0.22
N VAL D 772 -23.19 17.04 0.36
CA VAL D 772 -22.85 15.65 0.08
C VAL D 772 -22.42 15.42 -1.38
N PRO D 773 -21.31 14.66 -1.60
CA PRO D 773 -20.51 14.77 -2.83
C PRO D 773 -21.24 14.93 -4.16
N GLU D 774 -22.41 14.31 -4.33
CA GLU D 774 -23.05 14.32 -5.63
C GLU D 774 -23.35 15.73 -6.12
N ASN D 775 -23.55 16.67 -5.19
CA ASN D 775 -23.92 18.03 -5.55
C ASN D 775 -22.77 19.03 -5.42
N ASN D 776 -21.61 18.61 -4.94
CA ASN D 776 -20.46 19.49 -4.75
C ASN D 776 -19.19 18.82 -5.22
N GLN D 777 -19.23 18.17 -6.39
CA GLN D 777 -18.04 17.49 -6.89
C GLN D 777 -16.96 18.48 -7.29
N GLN D 778 -17.23 19.78 -7.19
CA GLN D 778 -16.20 20.78 -7.45
C GLN D 778 -15.43 21.11 -6.17
N GLY D 779 -16.15 21.34 -5.07
CA GLY D 779 -15.49 21.69 -3.82
C GLY D 779 -14.82 20.54 -3.12
N TYR D 780 -15.19 19.30 -3.46
CA TYR D 780 -14.57 18.14 -2.84
C TYR D 780 -13.16 17.91 -3.38
N GLU D 781 -13.03 17.83 -4.71
CA GLU D 781 -11.72 17.62 -5.30
C GLU D 781 -10.81 18.83 -5.08
N ALA D 782 -11.38 20.02 -4.98
CA ALA D 782 -10.61 21.23 -4.79
C ALA D 782 -10.29 21.51 -3.32
N GLY D 783 -10.76 20.66 -2.42
CA GLY D 783 -10.50 20.84 -1.01
C GLY D 783 -9.75 19.67 -0.42
N SER D 784 -9.72 18.56 -1.13
CA SER D 784 -8.95 17.41 -0.69
C SER D 784 -7.49 17.60 -1.04
N VAL D 785 -6.63 17.71 -0.01
CA VAL D 785 -5.23 17.99 -0.24
C VAL D 785 -4.47 16.80 -0.81
N ALA D 786 -4.90 15.57 -0.52
CA ALA D 786 -4.23 14.39 -1.07
C ALA D 786 -4.43 14.23 -2.56
N LEU D 787 -5.24 15.08 -3.19
CA LEU D 787 -5.43 15.05 -4.63
C LEU D 787 -4.65 16.14 -5.34
N HIS D 788 -3.88 16.93 -4.59
CA HIS D 788 -3.10 18.03 -5.15
C HIS D 788 -1.65 17.90 -4.75
N VAL D 789 -1.17 16.66 -4.66
CA VAL D 789 0.16 16.40 -4.15
C VAL D 789 1.25 16.93 -5.09
N GLU D 790 0.94 17.03 -6.39
CA GLU D 790 1.95 17.47 -7.34
C GLU D 790 2.35 18.94 -7.16
N LYS D 791 1.76 19.64 -6.21
CA LYS D 791 2.10 21.04 -5.94
C LYS D 791 2.89 21.23 -4.65
N LEU D 792 3.16 20.15 -3.93
CA LEU D 792 3.96 20.22 -2.72
C LEU D 792 5.41 20.53 -3.09
N PRO D 793 6.23 20.94 -2.12
CA PRO D 793 7.62 21.26 -2.42
C PRO D 793 8.41 20.02 -2.86
N ASN D 794 9.38 20.29 -3.74
CA ASN D 794 10.32 19.25 -4.17
C ASN D 794 11.52 19.18 -3.24
N GLU D 795 11.95 20.31 -2.70
CA GLU D 795 13.04 20.30 -1.75
C GLU D 795 12.65 19.52 -0.50
N PRO D 796 13.52 18.66 0.02
CA PRO D 796 13.24 18.03 1.30
C PRO D 796 13.30 19.03 2.44
N ASN D 797 13.02 18.54 3.64
CA ASN D 797 13.09 19.34 4.85
C ASN D 797 12.14 20.54 4.80
N ARG D 798 10.95 20.30 4.22
CA ARG D 798 9.94 21.34 4.15
C ARG D 798 8.56 20.84 4.54
N LEU D 799 8.44 19.60 5.02
CA LEU D 799 7.13 19.04 5.32
C LEU D 799 7.31 17.90 6.33
N LEU D 800 6.73 18.07 7.51
CA LEU D 800 6.66 17.01 8.50
C LEU D 800 5.20 16.58 8.65
N ILE D 801 4.99 15.32 8.99
CA ILE D 801 3.65 14.76 9.14
C ILE D 801 3.63 13.88 10.38
N LEU D 802 2.74 14.21 11.32
CA LEU D 802 2.55 13.41 12.51
C LEU D 802 1.13 12.86 12.53
N HIS D 803 0.96 11.73 13.20
CA HIS D 803 -0.35 11.09 13.24
C HIS D 803 -0.34 10.03 14.31
N GLY D 804 -1.46 9.89 15.01
CA GLY D 804 -1.66 8.79 15.93
C GLY D 804 -2.19 7.58 15.21
N PHE D 805 -1.65 6.42 15.56
CA PHE D 805 -1.99 5.20 14.83
C PHE D 805 -3.40 4.73 15.14
N LEU D 806 -3.78 4.73 16.41
CA LEU D 806 -5.11 4.32 16.83
C LEU D 806 -6.18 5.36 16.59
N ASP D 807 -5.92 6.37 15.78
CA ASP D 807 -6.85 7.49 15.65
C ASP D 807 -8.19 7.01 15.13
N GLU D 808 -9.26 7.34 15.86
CA GLU D 808 -10.60 6.92 15.54
C GLU D 808 -11.47 8.01 14.94
N ASN D 809 -11.09 9.28 15.07
CA ASN D 809 -11.87 10.37 14.50
C ASN D 809 -11.46 10.63 13.06
N VAL D 810 -10.19 10.96 12.86
CA VAL D 810 -9.60 11.03 11.52
C VAL D 810 -8.59 9.89 11.46
N HIS D 811 -8.96 8.81 10.78
CA HIS D 811 -8.18 7.58 10.85
C HIS D 811 -6.81 7.75 10.22
N PHE D 812 -5.91 6.83 10.57
CA PHE D 812 -4.56 6.84 10.01
C PHE D 812 -4.57 6.70 8.49
N PHE D 813 -5.68 6.26 7.90
CA PHE D 813 -5.75 6.11 6.45
C PHE D 813 -5.53 7.43 5.74
N HIS D 814 -5.88 8.55 6.37
CA HIS D 814 -5.77 9.84 5.71
C HIS D 814 -4.32 10.18 5.39
N THR D 815 -3.42 10.00 6.36
CA THR D 815 -2.01 10.18 6.08
C THR D 815 -1.41 8.99 5.35
N ASN D 816 -1.99 7.80 5.52
CA ASN D 816 -1.57 6.65 4.74
C ASN D 816 -1.83 6.87 3.26
N PHE D 817 -3.02 7.32 2.91
CA PHE D 817 -3.33 7.63 1.52
C PHE D 817 -2.50 8.78 1.00
N LEU D 818 -2.22 9.78 1.84
CA LEU D 818 -1.43 10.93 1.42
C LEU D 818 0.00 10.51 1.09
N VAL D 819 0.65 9.80 2.01
CA VAL D 819 1.97 9.23 1.74
C VAL D 819 1.93 8.42 0.45
N SER D 820 0.87 7.64 0.27
CA SER D 820 0.72 6.85 -0.95
C SER D 820 0.63 7.73 -2.19
N GLN D 821 0.25 8.99 -2.03
CA GLN D 821 0.23 9.91 -3.16
C GLN D 821 1.50 10.75 -3.24
N LEU D 822 2.27 10.81 -2.17
CA LEU D 822 3.56 11.51 -2.23
C LEU D 822 4.60 10.67 -2.97
N ILE D 823 4.44 9.35 -2.96
CA ILE D 823 5.41 8.49 -3.61
C ILE D 823 5.16 8.46 -5.12
N ARG D 824 3.89 8.45 -5.53
CA ARG D 824 3.58 8.48 -6.95
C ARG D 824 3.98 9.78 -7.61
N ALA D 825 4.16 10.85 -6.83
CA ALA D 825 4.59 12.13 -7.38
C ALA D 825 6.08 12.39 -7.19
N GLY D 826 6.79 11.56 -6.44
CA GLY D 826 8.21 11.70 -6.24
C GLY D 826 8.61 12.69 -5.18
N LYS D 827 7.65 13.38 -4.57
CA LYS D 827 7.98 14.39 -3.58
C LYS D 827 8.51 13.73 -2.30
N PRO D 828 9.38 14.42 -1.57
CA PRO D 828 9.87 13.87 -0.31
C PRO D 828 8.99 14.24 0.87
N TYR D 829 9.31 13.73 2.04
CA TYR D 829 8.57 14.05 3.26
C TYR D 829 9.34 13.46 4.43
N GLN D 830 8.85 13.73 5.63
CA GLN D 830 9.23 13.02 6.84
C GLN D 830 7.96 12.49 7.50
N LEU D 831 8.11 11.76 8.59
CA LEU D 831 6.95 11.15 9.21
C LEU D 831 7.25 10.80 10.65
N GLN D 832 6.26 11.00 11.51
CA GLN D 832 6.35 10.64 12.91
C GLN D 832 5.03 9.97 13.29
N ILE D 833 5.12 8.72 13.72
CA ILE D 833 3.94 7.93 14.06
C ILE D 833 3.91 7.73 15.57
N TYR D 834 2.72 7.85 16.15
CA TYR D 834 2.52 7.63 17.57
C TYR D 834 1.63 6.40 17.75
N PRO D 835 2.20 5.21 17.92
CA PRO D 835 1.40 3.99 17.86
C PRO D 835 0.34 3.88 18.94
N ASN D 836 0.47 4.60 20.05
CA ASN D 836 -0.42 4.43 21.19
C ASN D 836 -1.34 5.62 21.41
N GLU D 837 -1.39 6.58 20.49
CA GLU D 837 -2.14 7.80 20.67
C GLU D 837 -3.31 7.85 19.71
N ARG D 838 -4.50 8.13 20.25
CA ARG D 838 -5.67 8.44 19.44
C ARG D 838 -5.61 9.90 19.03
N HIS D 839 -6.75 10.45 18.59
CA HIS D 839 -6.80 11.80 18.03
C HIS D 839 -6.00 12.82 18.84
N SER D 840 -5.98 12.70 20.16
CA SER D 840 -5.22 13.61 21.01
C SER D 840 -4.09 12.86 21.70
N ILE D 841 -2.91 13.46 21.71
CA ILE D 841 -1.77 12.88 22.40
C ILE D 841 -2.02 12.96 23.90
N ARG D 842 -2.27 11.83 24.53
CA ARG D 842 -2.64 11.83 25.94
C ARG D 842 -1.43 11.70 26.86
N CYS D 843 -0.65 10.64 26.70
CA CYS D 843 0.45 10.36 27.62
C CYS D 843 1.50 11.47 27.56
N ARG D 844 2.40 11.46 28.54
CA ARG D 844 3.42 12.48 28.65
C ARG D 844 4.67 12.18 27.85
N GLU D 845 5.09 10.91 27.79
CA GLU D 845 6.22 10.55 26.95
C GLU D 845 5.96 10.92 25.50
N SER D 846 4.83 10.48 24.95
CA SER D 846 4.48 10.84 23.58
C SER D 846 4.31 12.34 23.40
N GLY D 847 3.99 13.06 24.47
CA GLY D 847 3.85 14.50 24.38
C GLY D 847 5.19 15.20 24.36
N GLU D 848 6.10 14.78 25.23
CA GLU D 848 7.44 15.35 25.23
C GLU D 848 8.15 15.05 23.93
N HIS D 849 8.16 13.78 23.51
CA HIS D 849 8.80 13.39 22.27
C HIS D 849 8.16 14.06 21.07
N TYR D 850 6.98 14.67 21.24
CA TYR D 850 6.40 15.44 20.16
C TYR D 850 6.95 16.87 20.15
N GLU D 851 7.09 17.48 21.33
CA GLU D 851 7.57 18.85 21.38
C GLU D 851 9.07 18.93 21.15
N VAL D 852 9.80 17.90 21.53
CA VAL D 852 11.25 17.89 21.29
C VAL D 852 11.53 17.86 19.79
N THR D 853 10.88 16.95 19.07
CA THR D 853 11.08 16.87 17.63
C THR D 853 10.48 18.06 16.91
N LEU D 854 9.60 18.82 17.57
CA LEU D 854 9.09 20.04 16.97
C LEU D 854 10.13 21.16 17.08
N LEU D 855 10.84 21.24 18.21
CA LEU D 855 11.91 22.20 18.33
C LEU D 855 13.06 21.89 17.39
N HIS D 856 13.41 20.60 17.25
CA HIS D 856 14.56 20.22 16.44
C HIS D 856 14.29 20.42 14.96
N PHE D 857 13.10 20.08 14.48
CA PHE D 857 12.77 20.34 13.09
C PHE D 857 12.79 21.83 12.78
N LEU D 858 12.50 22.66 13.79
CA LEU D 858 12.57 24.10 13.60
C LEU D 858 14.00 24.60 13.73
N GLN D 859 14.76 24.00 14.64
CA GLN D 859 16.16 24.39 14.84
C GLN D 859 16.97 24.21 13.58
N GLU D 860 16.76 23.11 12.85
CA GLU D 860 17.63 22.78 11.73
C GLU D 860 17.13 23.36 10.41
N HIS D 861 15.84 23.15 10.11
CA HIS D 861 15.32 23.40 8.78
C HIS D 861 14.58 24.72 8.67
N LEU D 862 14.72 25.62 9.64
CA LEU D 862 14.11 26.93 9.54
C LEU D 862 15.17 28.04 9.60
#